data_9FAT
#
_entry.id   9FAT
#
_cell.length_a   1.00
_cell.length_b   1.00
_cell.length_c   1.00
_cell.angle_alpha   90.00
_cell.angle_beta   90.00
_cell.angle_gamma   90.00
#
_symmetry.space_group_name_H-M   'P 1'
#
loop_
_entity.id
_entity.type
_entity.pdbx_description
1 polymer 'Gamma-aminobutyric acid receptor subunit alpha-1'
2 polymer 'Gamma-aminobutyric acid receptor subunit beta-3'
3 polymer 'Isoform 2 of Gamma-aminobutyric acid receptor subunit gamma-2'
4 polymer Megabody38
5 polymer Neuroligin-2
6 polymer 'LHFPL tetraspan subfamily member 4 protein'
7 branched alpha-D-mannopyranose-(1-2)-alpha-D-mannopyranose-(1-2)-alpha-D-mannopyranose-(1-3)-[alpha-D-mannopyranose-(1-2)-alpha-D-mannopyranose-(1-6)-[alpha-D-mannopyranose-(1-3)]alpha-D-mannopyranose-(1-6)]beta-D-mannopyranose-(1-4)-2-acetamido-2-deoxy-beta-D-glucopyranose-(1-4)-2-acetamido-2-deoxy-beta-D-glucopyranose
8 branched alpha-D-mannopyranose-(1-3)-[alpha-D-mannopyranose-(1-6)]beta-D-mannopyranose-(1-4)-2-acetamido-2-deoxy-beta-D-glucopyranose-(1-4)-2-acetamido-2-deoxy-beta-D-glucopyranose
9 branched beta-D-mannopyranose-(1-4)-2-acetamido-2-deoxy-beta-D-glucopyranose-(1-4)-2-acetamido-2-deoxy-beta-D-glucopyranose
10 branched 2-acetamido-2-deoxy-beta-D-glucopyranose-(1-4)-2-acetamido-2-deoxy-beta-D-glucopyranose
11 branched alpha-D-mannopyranose-(1-2)-alpha-D-mannopyranose-(1-3)-[alpha-D-mannopyranose-(1-6)-alpha-D-mannopyranose-(1-6)]beta-D-mannopyranose-(1-4)-2-acetamido-2-deoxy-beta-D-glucopyranose-(1-4)-2-acetamido-2-deoxy-beta-D-glucopyranose
12 branched alpha-D-mannopyranose-(1-3)-alpha-D-mannopyranose-(1-6)-[alpha-D-mannopyranose-(1-3)]beta-D-mannopyranose-(1-4)-2-acetamido-2-deoxy-beta-D-glucopyranose-(1-4)-2-acetamido-2-deoxy-beta-D-glucopyranose
13 non-polymer '[(2R)-2-octanoyloxy-3-[oxidanyl-[(1R,2R,3S,4R,5R,6S)-2,3,6-tris(oxidanyl)-4,5-diphosphonooxy-cyclohexyl]oxy-phosphoryl]oxy-propyl] octanoate'
14 non-polymer '(1R)-2-{[(S)-{[(2S)-2,3-dihydroxypropyl]oxy}(hydroxy)phosphoryl]oxy}-1-[(hexadecanoyloxy)methyl]ethyl (9Z)-octadec-9-enoate'
15 non-polymer DECANE
16 non-polymer 'CHLORIDE ION'
17 non-polymer HEXADECANE
18 non-polymer HEXANE
19 non-polymer 'PALMITIC ACID'
20 non-polymer CHOLESTEROL
21 non-polymer 1,2-DILAUROYL-SN-GLYCERO-3-PHOSPHATE
22 non-polymer 'Pregnenolone sulfate'
#
loop_
_entity_poly.entity_id
_entity_poly.type
_entity_poly.pdbx_seq_one_letter_code
_entity_poly.pdbx_strand_id
1 'polypeptide(L)'
;DNTTVFTRILDRLLDGYDNRLRPGLGERVTEVKTDIFVTSFGPVSDHDMEYTIDVFFRQSWKDERLKFKGPMTVLRLNNL
MASKIWTPDTFFHNGKKSVAHNMTMPNKLLRITEDGTLLYTMRLTVRAECPMHLEDFPMDAHACPLKFGSYAYTRAEVVY
EWTREPARSVVVAEDGSRLNQYDLLGQTVDSGIVQSSTGEYVVMTTHFHLKRKIGYFVIQTYLPCIMTVILSQVSFWLNR
ESVPARTVFGVTTVLTMTTLSISARNSLPKVAYATAMDWFIAVCYAFVFSALIEFATVNYFTKRGYAWDGKSVVPEKPKK
VKDPLIKKNNTYAPTATSYTPNLARGDPGLATIAKSATIEPKEVKPETKPPEPKKTFNSVSKIDRLSRIAFPLLFGIFNL
VYWATYLNREPQL
;
A,D
2 'polypeptide(L)'
;GNMSFVKETVDKLLKGYDIRLRPDFGGPPVCVGMNIDIASIDMVSEVNMDYTLTMYFQQYWRDKRLAYSGIPLNLTLDNR
VADQLWVPDTYFLNDKKSFVHGVTVKNRMIRLHPDGTVLYGLRITTTAACMMDLRRYPLDEQNCTLEIESYGYTTDDIEF
YWRGGDKAVTGVERIELPQFSIVEHRLVSRNVVFATGAYPRLSLSFRLKRNIGYFILQTYMPSILITILSWVSFWINYDA
SAARVALGITTVLTMTTINTHLRETLPKIPYVKAIDMYLMGCFVFVFLALLEYAFVNYIFFGRGPQRQKKLAEKTAKAKN
DRSKSESNRVDAHGNILLTSLEVHNEMNEVSGGIGDTRNSAISFDNSGIQYRKQSMPREGHGRFLGDRSLPHKKTHLRRR
SSQLKIKIPDLTDVNAIDRWSRIVFPFTFSLFNLVYWLYYV
;
B,E
3 'polypeptide(L)'
;GDVTVILNNLLEGYDNKLRPDIGVKPTLIHTDMYVNSIGPVNAINMEYTIDIFFAQTWYDRRLKFNSTIKVLRLNSNMVG
KIWIPDTFFRNSKKADAHWITTPNRMLRIWNDGRVLYTLRLTIDAECQLQLHNFPMDEHSCPLEFSSYGYPREEIVYQWK
RSSVEVGDTRSWRLYQFSFVGLRNTTEVVKTTSGDYVVMSVYFDLSRRMGYFTIQTYIPCTLIVVLSWVSFWINKDAVPA
RTSLGITTVLTMTTLSTIARKSLPKVSYVTAMDLFVSVCFIFVFSALVEYGTLHYFVSNRKPSKDKDKKKKNPAPTIDIR
PRSATIQMNNATHLQERDEEYGYECLDGKDCASFF(P1L)(P1L)FED(P1L)RTGAWRHGRIHIRIAKMDSYARIFFPT
AFCLFNLVYWVSYLYLG
;
C
4 'polypeptide(L)'
;QVQLQESGGGLVQTKTTTSVIDTTNDAQNLLTQAQTIVNTLKDYCPILIAKSSSSNGGTNNANTPSWQTAGGGKNSCATF
GAEFSAASDMINNAQKIVQETQQLSANQPKNITQPHNLNLNSPSSLTALAQKMLKNAQSQAEILKLANQVESDFNKLSSG
HLKDYIGKCDASAISSANMTMQNQKNNWGNGCAGVEETQSLLKTSAADFNNQTPQINQAQNLANTLIQELGNNPFRASGG
GSGGGGSGKLSDTYEQLSRLLTNDNGTNSKTSAQAINQAVNNLNERAKTLAGGTTNSPAYQATLLALRSVLGLWNSMGYA
VICGGYTKSPGENNQKDFHYTDENGNGTTINCGGSTNSNGTHSYNGTNTLKADKNVSLSIEQYEKIHEAYQILSKALKQA
GLAPLNSKGEKLEAHVTTSKYGSLRVSCAASGRTFTTYIMAWFRQAPGKEREFLAAMDQGRIQYYGDSVRGRFTISRDYA
KNSVDLQLDGLRPEDTAVYYCAAGAGFWGLRTASSYHYWGQGTQVTVSSHHHHHHEPEA
;
G
5 'polypeptide(L)' DSRDYSTELSVTVAVGASLLFLNILAFAALYYK H
6 'polypeptide(L)'
;HYMRNSRAIGVLWAIFTICFAIINVVVFIQPYWVGDSVSTPKPGYFGLFHYCVGSGLAGRELTCRGSFTDFSTIPSSAFK
AAAFFVLLSMVLILGCITCFSLFFFCNTATVYKICAWMQLLAALCLVLGCMIFPDGWDAETIRDMCGAKTGKYSLGDCSV
RWAYILAIIGILNALILSFLAFVLGNRQTD
;
L
#
loop_
_chem_comp.id
_chem_comp.type
_chem_comp.name
_chem_comp.formula
A8W non-polymer 'Pregnenolone sulfate' 'C21 H32 O5 S'
BMA D-saccharide, beta linking beta-D-mannopyranose 'C6 H12 O6'
CL non-polymer 'CHLORIDE ION' 'Cl -1'
CLR non-polymer CHOLESTEROL 'C27 H46 O'
D10 non-polymer DECANE 'C10 H22'
HEX non-polymer HEXANE 'C6 H14'
MAN D-saccharide, alpha linking alpha-D-mannopyranose 'C6 H12 O6'
NAG D-saccharide, beta linking 2-acetamido-2-deoxy-beta-D-glucopyranose 'C8 H15 N O6'
PGW non-polymer '(1R)-2-{[(S)-{[(2S)-2,3-dihydroxypropyl]oxy}(hydroxy)phosphoryl]oxy}-1-[(hexadecanoyloxy)methyl]ethyl (9Z)-octadec-9-enoate' 'C40 H77 O10 P'
PIO non-polymer '[(2R)-2-octanoyloxy-3-[oxidanyl-[(1R,2R,3S,4R,5R,6S)-2,3,6-tris(oxidanyl)-4,5-diphosphonooxy-cyclohexyl]oxy-phosphoryl]oxy-propyl] octanoate' 'C25 H49 O19 P3'
PLM non-polymer 'PALMITIC ACID' 'C16 H32 O2'
PX2 non-polymer 1,2-DILAUROYL-SN-GLYCERO-3-PHOSPHATE 'C27 H52 O8 P -1'
R16 non-polymer HEXADECANE 'C16 H34'
#
# COMPACT_ATOMS: atom_id res chain seq x y z
N ASP A 1 -26.20 -17.06 -50.89
CA ASP A 1 -25.64 -15.93 -50.16
C ASP A 1 -24.46 -15.33 -50.94
N ASN A 2 -24.38 -14.00 -50.92
CA ASN A 2 -23.33 -13.30 -51.68
C ASN A 2 -21.94 -13.62 -51.14
N THR A 3 -21.78 -13.64 -49.82
CA THR A 3 -20.47 -13.74 -49.20
C THR A 3 -20.03 -15.18 -48.94
N THR A 4 -20.88 -16.17 -49.22
CA THR A 4 -20.53 -17.56 -48.93
C THR A 4 -19.26 -17.98 -49.69
N VAL A 5 -19.03 -17.41 -50.86
CA VAL A 5 -17.84 -17.73 -51.64
C VAL A 5 -16.59 -17.46 -50.82
N PHE A 6 -16.58 -16.36 -50.06
CA PHE A 6 -15.42 -16.04 -49.23
C PHE A 6 -15.15 -17.17 -48.25
N THR A 7 -16.21 -17.71 -47.62
CA THR A 7 -16.02 -18.83 -46.71
C THR A 7 -15.36 -20.00 -47.42
N ARG A 8 -15.80 -20.28 -48.65
CA ARG A 8 -15.19 -21.36 -49.41
C ARG A 8 -13.72 -21.10 -49.62
N ILE A 9 -13.35 -19.85 -49.93
CA ILE A 9 -11.94 -19.51 -50.08
C ILE A 9 -11.20 -19.81 -48.79
N LEU A 10 -11.78 -19.41 -47.65
CA LEU A 10 -11.15 -19.74 -46.38
C LEU A 10 -11.08 -21.25 -46.20
N ASP A 11 -12.15 -21.96 -46.55
CA ASP A 11 -12.13 -23.41 -46.45
C ASP A 11 -11.11 -24.03 -47.40
N ARG A 12 -10.71 -23.31 -48.46
CA ARG A 12 -9.67 -23.78 -49.34
C ARG A 12 -8.28 -23.38 -48.88
N LEU A 13 -8.17 -22.39 -48.00
CA LEU A 13 -6.84 -21.94 -47.57
C LEU A 13 -6.16 -22.97 -46.68
N LEU A 14 -6.88 -23.46 -45.68
CA LEU A 14 -6.31 -24.35 -44.67
C LEU A 14 -6.29 -25.81 -45.10
N ASP A 15 -6.80 -26.14 -46.28
CA ASP A 15 -6.82 -27.52 -46.74
C ASP A 15 -5.39 -27.99 -46.98
N GLY A 16 -4.88 -28.86 -46.11
CA GLY A 16 -3.52 -29.34 -46.20
C GLY A 16 -2.47 -28.44 -45.59
N TYR A 17 -2.87 -27.34 -44.95
CA TYR A 17 -1.93 -26.42 -44.36
C TYR A 17 -1.45 -26.95 -43.03
N ASP A 18 -0.16 -27.31 -42.95
CA ASP A 18 0.45 -27.84 -41.73
C ASP A 18 1.07 -26.66 -40.98
N ASN A 19 0.42 -26.23 -39.89
CA ASN A 19 0.88 -25.06 -39.17
C ASN A 19 2.20 -25.29 -38.44
N ARG A 20 2.59 -26.54 -38.20
CA ARG A 20 3.79 -26.81 -37.43
C ARG A 20 5.07 -26.42 -38.16
N LEU A 21 5.02 -26.31 -39.48
CA LEU A 21 6.20 -26.01 -40.29
C LEU A 21 6.16 -24.55 -40.75
N ARG A 22 7.32 -23.89 -40.66
CA ARG A 22 7.40 -22.48 -41.01
C ARG A 22 7.34 -22.29 -42.52
N PRO A 23 7.08 -21.07 -43.00
CA PRO A 23 7.06 -20.84 -44.45
C PRO A 23 8.45 -20.85 -45.07
N GLY A 24 8.94 -22.05 -45.37
CA GLY A 24 10.23 -22.23 -46.02
C GLY A 24 11.15 -23.17 -45.27
N LEU A 25 10.57 -24.12 -44.54
CA LEU A 25 11.35 -25.08 -43.77
C LEU A 25 12.24 -25.90 -44.69
N GLY A 26 13.55 -25.71 -44.58
CA GLY A 26 14.51 -26.47 -45.36
C GLY A 26 14.67 -26.01 -46.79
N GLU A 27 14.08 -24.87 -47.17
CA GLU A 27 14.21 -24.33 -48.53
C GLU A 27 14.71 -22.90 -48.55
N ARG A 28 14.25 -22.05 -47.63
CA ARG A 28 14.61 -20.64 -47.61
C ARG A 28 14.76 -20.19 -46.16
N VAL A 29 14.83 -18.88 -45.96
CA VAL A 29 14.84 -18.26 -44.65
C VAL A 29 13.62 -17.35 -44.58
N THR A 30 12.81 -17.53 -43.53
CA THR A 30 11.56 -16.80 -43.40
C THR A 30 11.85 -15.38 -42.95
N GLU A 31 11.97 -14.46 -43.89
CA GLU A 31 12.19 -13.06 -43.55
C GLU A 31 10.94 -12.48 -42.91
N VAL A 32 11.12 -11.79 -41.78
CA VAL A 32 10.03 -11.15 -41.06
C VAL A 32 10.34 -9.66 -40.97
N LYS A 33 9.45 -8.84 -41.50
CA LYS A 33 9.56 -7.39 -41.45
C LYS A 33 8.69 -6.89 -40.31
N THR A 34 9.31 -6.27 -39.31
CA THR A 34 8.64 -5.92 -38.07
C THR A 34 8.82 -4.44 -37.77
N ASP A 35 7.83 -3.89 -37.05
CA ASP A 35 7.95 -2.50 -36.59
C ASP A 35 6.97 -2.28 -35.45
N ILE A 36 7.25 -1.22 -34.69
CA ILE A 36 6.59 -0.92 -33.43
C ILE A 36 6.03 0.49 -33.51
N PHE A 37 4.85 0.69 -32.94
CA PHE A 37 4.27 2.01 -32.71
C PHE A 37 4.04 2.15 -31.22
N VAL A 38 4.92 2.86 -30.54
CA VAL A 38 4.83 3.00 -29.09
C VAL A 38 3.63 3.87 -28.76
N THR A 39 2.54 3.24 -28.30
CA THR A 39 1.35 4.01 -27.99
C THR A 39 1.50 4.77 -26.69
N SER A 40 2.26 4.24 -25.73
CA SER A 40 2.46 4.99 -24.49
C SER A 40 3.67 4.45 -23.74
N PHE A 41 4.64 5.30 -23.46
CA PHE A 41 5.79 4.91 -22.66
C PHE A 41 5.40 4.97 -21.19
N GLY A 42 5.27 3.80 -20.57
CA GLY A 42 4.78 3.71 -19.22
C GLY A 42 5.78 4.24 -18.22
N PRO A 43 5.38 4.30 -16.95
CA PRO A 43 6.26 4.87 -15.92
C PRO A 43 7.48 3.99 -15.70
N VAL A 44 8.59 4.64 -15.35
CA VAL A 44 9.85 3.97 -15.09
C VAL A 44 9.98 3.77 -13.59
N SER A 45 9.99 2.51 -13.15
CA SER A 45 10.10 2.19 -11.73
C SER A 45 11.57 1.98 -11.42
N ASP A 46 12.23 3.05 -10.98
CA ASP A 46 13.64 2.98 -10.64
C ASP A 46 13.92 2.02 -9.49
N HIS A 47 12.93 1.77 -8.63
CA HIS A 47 13.12 0.81 -7.55
C HIS A 47 13.41 -0.58 -8.09
N ASP A 48 12.67 -1.00 -9.12
CA ASP A 48 12.81 -2.33 -9.70
C ASP A 48 13.78 -2.35 -10.88
N MET A 49 14.41 -1.23 -11.22
CA MET A 49 15.28 -1.14 -12.40
C MET A 49 14.51 -1.60 -13.64
N GLU A 50 13.29 -1.09 -13.76
CA GLU A 50 12.29 -1.62 -14.68
C GLU A 50 11.52 -0.45 -15.27
N TYR A 51 11.02 -0.64 -16.50
CA TYR A 51 10.17 0.35 -17.15
C TYR A 51 9.06 -0.38 -17.87
N THR A 52 8.06 0.38 -18.33
CA THR A 52 6.88 -0.17 -18.97
C THR A 52 6.60 0.57 -20.26
N ILE A 53 6.10 -0.15 -21.27
CA ILE A 53 5.83 0.43 -22.58
C ILE A 53 4.66 -0.32 -23.21
N ASP A 54 3.71 0.43 -23.77
CA ASP A 54 2.55 -0.13 -24.45
C ASP A 54 2.68 0.17 -25.93
N VAL A 55 2.64 -0.89 -26.74
CA VAL A 55 3.07 -0.85 -28.14
C VAL A 55 2.05 -1.58 -29.01
N PHE A 56 1.95 -1.13 -30.27
CA PHE A 56 1.29 -1.89 -31.33
C PHE A 56 2.35 -2.62 -32.16
N PHE A 57 2.95 -3.62 -31.53
CA PHE A 57 3.94 -4.45 -32.20
C PHE A 57 3.30 -5.17 -33.37
N ARG A 58 3.77 -4.88 -34.60
CA ARG A 58 3.19 -5.48 -35.79
C ARG A 58 4.28 -6.01 -36.72
N GLN A 59 4.04 -7.21 -37.24
CA GLN A 59 4.99 -7.97 -38.05
C GLN A 59 4.35 -8.33 -39.38
N SER A 60 5.18 -8.79 -40.31
CA SER A 60 4.72 -9.22 -41.61
C SER A 60 5.71 -10.24 -42.19
N TRP A 61 5.19 -11.17 -42.97
CA TRP A 61 6.02 -12.18 -43.62
C TRP A 61 5.23 -12.79 -44.77
N LYS A 62 5.96 -13.42 -45.69
CA LYS A 62 5.36 -14.04 -46.86
C LYS A 62 5.23 -15.54 -46.66
N ASP A 63 4.02 -16.05 -46.83
CA ASP A 63 3.74 -17.48 -46.76
C ASP A 63 3.03 -17.86 -48.06
N GLU A 64 3.77 -18.48 -48.97
CA GLU A 64 3.22 -18.80 -50.29
C GLU A 64 2.07 -19.79 -50.22
N ARG A 65 1.97 -20.58 -49.15
CA ARG A 65 0.91 -21.58 -49.06
C ARG A 65 -0.46 -20.92 -49.03
N LEU A 66 -0.56 -19.70 -48.48
CA LEU A 66 -1.83 -19.01 -48.33
C LEU A 66 -2.17 -18.12 -49.53
N LYS A 67 -1.47 -18.28 -50.65
CA LYS A 67 -1.82 -17.54 -51.85
C LYS A 67 -3.19 -17.99 -52.34
N PHE A 68 -3.98 -17.04 -52.85
CA PHE A 68 -5.35 -17.32 -53.26
C PHE A 68 -5.76 -16.35 -54.35
N LYS A 69 -6.99 -16.49 -54.83
CA LYS A 69 -7.61 -15.55 -55.74
C LYS A 69 -9.07 -15.39 -55.34
N GLY A 70 -9.57 -14.17 -55.38
CA GLY A 70 -10.93 -13.89 -54.98
C GLY A 70 -11.37 -12.48 -55.31
N PRO A 71 -12.59 -12.11 -54.89
CA PRO A 71 -13.07 -10.75 -55.15
C PRO A 71 -12.19 -9.67 -54.53
N MET A 72 -12.00 -9.71 -53.22
CA MET A 72 -11.17 -8.72 -52.55
C MET A 72 -9.70 -9.13 -52.59
N THR A 73 -8.83 -8.12 -52.64
CA THR A 73 -7.39 -8.35 -52.66
C THR A 73 -6.80 -8.60 -51.28
N VAL A 74 -7.55 -8.32 -50.20
CA VAL A 74 -7.08 -8.55 -48.85
C VAL A 74 -8.22 -9.11 -48.01
N LEU A 75 -7.91 -10.12 -47.21
CA LEU A 75 -8.86 -10.74 -46.29
C LEU A 75 -8.48 -10.35 -44.88
N ARG A 76 -9.39 -9.70 -44.17
CA ARG A 76 -9.20 -9.29 -42.78
C ARG A 76 -9.90 -10.32 -41.89
N LEU A 77 -9.11 -11.18 -41.26
CA LEU A 77 -9.63 -12.32 -40.53
C LEU A 77 -9.67 -12.05 -39.03
N ASN A 78 -10.40 -12.90 -38.32
CA ASN A 78 -10.52 -12.77 -36.88
C ASN A 78 -9.25 -13.29 -36.20
N ASN A 79 -9.16 -13.06 -34.89
CA ASN A 79 -8.01 -13.52 -34.12
C ASN A 79 -7.89 -15.04 -34.10
N LEU A 80 -8.99 -15.76 -34.27
CA LEU A 80 -8.94 -17.22 -34.24
C LEU A 80 -8.10 -17.77 -35.38
N MET A 81 -8.26 -17.19 -36.58
CA MET A 81 -7.50 -17.68 -37.74
C MET A 81 -6.00 -17.51 -37.53
N ALA A 82 -5.58 -16.51 -36.76
CA ALA A 82 -4.16 -16.40 -36.43
C ALA A 82 -3.68 -17.62 -35.66
N SER A 83 -4.46 -18.06 -34.67
CA SER A 83 -4.11 -19.28 -33.97
C SER A 83 -4.20 -20.49 -34.88
N LYS A 84 -5.01 -20.44 -35.93
CA LYS A 84 -5.16 -21.59 -36.82
C LYS A 84 -3.96 -21.83 -37.72
N ILE A 85 -3.08 -20.83 -37.92
CA ILE A 85 -1.95 -20.95 -38.85
C ILE A 85 -0.66 -20.61 -38.13
N TRP A 86 0.45 -20.88 -38.81
CA TRP A 86 1.77 -20.57 -38.25
C TRP A 86 1.95 -19.07 -38.11
N THR A 87 2.64 -18.66 -37.04
CA THR A 87 3.02 -17.28 -36.82
C THR A 87 4.36 -17.28 -36.10
N PRO A 88 5.12 -16.18 -36.20
CA PRO A 88 6.41 -16.14 -35.50
C PRO A 88 6.24 -16.19 -33.99
N ASP A 89 7.28 -16.68 -33.31
CA ASP A 89 7.30 -16.81 -31.86
C ASP A 89 8.16 -15.72 -31.23
N THR A 90 8.07 -14.50 -31.74
CA THR A 90 8.87 -13.39 -31.22
C THR A 90 8.60 -13.17 -29.74
N PHE A 91 9.67 -12.90 -28.99
CA PHE A 91 9.56 -12.59 -27.57
C PHE A 91 10.49 -11.43 -27.32
N PHE A 92 10.47 -10.91 -26.10
CA PHE A 92 11.33 -9.82 -25.68
C PHE A 92 12.39 -10.35 -24.73
N HIS A 93 13.66 -10.16 -25.09
CA HIS A 93 14.75 -10.77 -24.34
C HIS A 93 14.81 -10.25 -22.91
N ASN A 94 14.70 -8.93 -22.75
CA ASN A 94 14.77 -8.31 -21.44
C ASN A 94 13.41 -8.16 -20.77
N GLY A 95 12.33 -8.65 -21.39
CA GLY A 95 11.03 -8.55 -20.77
C GLY A 95 10.94 -9.36 -19.51
N LYS A 96 10.03 -8.92 -18.62
CA LYS A 96 9.85 -9.55 -17.31
C LYS A 96 8.50 -10.24 -17.19
N LYS A 97 7.40 -9.50 -17.39
CA LYS A 97 6.07 -10.12 -17.35
C LYS A 97 5.13 -9.18 -18.10
N SER A 98 4.85 -9.51 -19.36
CA SER A 98 3.96 -8.73 -20.20
C SER A 98 2.63 -9.44 -20.35
N VAL A 99 1.64 -8.71 -20.86
CA VAL A 99 0.32 -9.25 -21.10
C VAL A 99 -0.16 -8.76 -22.47
N ALA A 100 -0.62 -9.69 -23.29
CA ALA A 100 -1.30 -9.33 -24.53
C ALA A 100 -2.75 -9.01 -24.21
N HIS A 101 -3.15 -7.76 -24.42
CA HIS A 101 -4.50 -7.34 -24.05
C HIS A 101 -5.54 -8.09 -24.86
N ASN A 102 -6.58 -8.54 -24.16
CA ASN A 102 -7.70 -9.29 -24.81
C ASN A 102 -9.02 -8.73 -24.30
N MET A 103 -9.18 -7.41 -24.25
CA MET A 103 -10.41 -6.73 -23.87
C MET A 103 -10.93 -5.96 -25.08
N THR A 104 -12.14 -6.24 -25.58
CA THR A 104 -13.07 -7.27 -25.13
C THR A 104 -12.65 -8.67 -25.60
N MET A 105 -11.97 -8.74 -26.74
CA MET A 105 -11.40 -9.97 -27.28
C MET A 105 -9.92 -9.75 -27.54
N PRO A 106 -9.13 -10.80 -27.88
CA PRO A 106 -7.72 -10.60 -28.23
C PRO A 106 -7.48 -9.49 -29.25
N ASN A 107 -6.70 -8.49 -28.86
CA ASN A 107 -6.38 -7.36 -29.72
C ASN A 107 -5.35 -7.80 -30.76
N LYS A 108 -5.83 -8.59 -31.72
CA LYS A 108 -5.02 -9.12 -32.79
C LYS A 108 -5.83 -9.02 -34.08
N LEU A 109 -5.11 -8.93 -35.21
CA LEU A 109 -5.75 -8.95 -36.50
C LEU A 109 -4.80 -9.63 -37.48
N LEU A 110 -5.37 -10.12 -38.58
CA LEU A 110 -4.61 -10.80 -39.62
C LEU A 110 -5.13 -10.32 -40.97
N ARG A 111 -4.22 -9.92 -41.84
CA ARG A 111 -4.56 -9.43 -43.18
C ARG A 111 -3.79 -10.25 -44.19
N ILE A 112 -4.47 -11.16 -44.88
CA ILE A 112 -3.85 -11.98 -45.91
C ILE A 112 -4.07 -11.30 -47.25
N THR A 113 -2.97 -10.99 -47.94
CA THR A 113 -3.01 -10.42 -49.27
C THR A 113 -2.94 -11.52 -50.31
N GLU A 114 -3.37 -11.20 -51.53
CA GLU A 114 -3.44 -12.20 -52.59
C GLU A 114 -2.08 -12.81 -52.89
N ASP A 115 -1.00 -12.04 -52.77
CA ASP A 115 0.33 -12.58 -53.04
C ASP A 115 0.84 -13.48 -51.93
N GLY A 116 0.13 -13.58 -50.81
CA GLY A 116 0.53 -14.40 -49.69
C GLY A 116 1.14 -13.65 -48.52
N THR A 117 1.37 -12.35 -48.67
CA THR A 117 1.92 -11.56 -47.58
C THR A 117 0.91 -11.47 -46.44
N LEU A 118 1.39 -11.57 -45.22
CA LEU A 118 0.59 -11.49 -44.01
C LEU A 118 0.90 -10.20 -43.25
N LEU A 119 0.04 -9.89 -42.28
CA LEU A 119 0.24 -8.73 -41.43
C LEU A 119 -0.45 -9.04 -40.11
N TYR A 120 0.34 -9.27 -39.06
CA TYR A 120 -0.13 -9.77 -37.77
C TYR A 120 0.17 -8.73 -36.71
N THR A 121 -0.76 -7.79 -36.53
CA THR A 121 -0.61 -6.73 -35.55
C THR A 121 -1.11 -7.20 -34.19
N MET A 122 -0.47 -6.69 -33.14
CA MET A 122 -0.81 -7.01 -31.75
C MET A 122 -0.92 -5.71 -30.96
N ARG A 123 -1.25 -5.85 -29.68
CA ARG A 123 -1.29 -4.72 -28.75
C ARG A 123 -0.75 -5.22 -27.42
N LEU A 124 0.53 -4.94 -27.16
CA LEU A 124 1.25 -5.50 -26.03
C LEU A 124 1.54 -4.41 -25.00
N THR A 125 1.68 -4.84 -23.75
CA THR A 125 2.13 -3.99 -22.65
C THR A 125 3.31 -4.72 -22.01
N VAL A 126 4.52 -4.35 -22.43
CA VAL A 126 5.74 -5.01 -22.00
C VAL A 126 6.38 -4.19 -20.90
N ARG A 127 6.65 -4.83 -19.77
CA ARG A 127 7.44 -4.24 -18.70
C ARG A 127 8.77 -4.97 -18.64
N ALA A 128 9.85 -4.24 -18.92
CA ALA A 128 11.16 -4.83 -19.19
C ALA A 128 12.23 -4.18 -18.31
N GLU A 129 13.30 -4.95 -18.13
CA GLU A 129 14.42 -4.50 -17.32
C GLU A 129 15.15 -3.35 -17.99
N CYS A 130 15.53 -2.35 -17.19
CA CYS A 130 16.30 -1.20 -17.65
C CYS A 130 17.47 -1.03 -16.68
N PRO A 131 18.60 -1.71 -16.92
CA PRO A 131 19.73 -1.55 -16.01
C PRO A 131 20.23 -0.11 -15.96
N MET A 132 20.64 0.32 -14.77
CA MET A 132 20.97 1.71 -14.49
C MET A 132 22.29 1.78 -13.73
N HIS A 133 23.01 2.87 -13.95
CA HIS A 133 24.20 3.23 -13.17
C HIS A 133 23.88 4.53 -12.46
N LEU A 134 23.53 4.43 -11.18
CA LEU A 134 23.10 5.59 -10.40
C LEU A 134 24.26 6.25 -9.68
N GLU A 135 25.34 6.53 -10.40
CA GLU A 135 26.46 7.27 -9.83
C GLU A 135 26.16 8.76 -9.78
N ASP A 136 25.46 9.28 -10.78
CA ASP A 136 25.15 10.70 -10.90
C ASP A 136 23.73 11.01 -10.45
N PHE A 137 23.14 10.15 -9.63
CA PHE A 137 21.76 10.37 -9.19
C PHE A 137 21.69 11.65 -8.36
N PRO A 138 20.60 12.46 -8.50
CA PRO A 138 19.44 12.38 -9.39
C PRO A 138 19.64 13.02 -10.75
N MET A 139 20.90 13.20 -11.15
CA MET A 139 21.28 13.92 -12.35
C MET A 139 21.92 12.99 -13.36
N ASP A 140 21.33 11.80 -13.50
CA ASP A 140 21.82 10.74 -14.37
C ASP A 140 20.95 10.64 -15.61
N ALA A 141 21.36 9.78 -16.53
CA ALA A 141 20.60 9.48 -17.74
C ALA A 141 20.80 8.01 -18.08
N HIS A 142 19.75 7.40 -18.64
CA HIS A 142 19.71 5.98 -18.91
C HIS A 142 19.36 5.73 -20.37
N ALA A 143 19.60 4.49 -20.79
CA ALA A 143 19.21 3.98 -22.10
C ALA A 143 18.53 2.64 -21.86
N CYS A 144 17.22 2.66 -21.70
CA CYS A 144 16.48 1.43 -21.44
C CYS A 144 16.34 0.65 -22.74
N PRO A 145 16.82 -0.60 -22.82
CA PRO A 145 16.65 -1.34 -24.06
C PRO A 145 15.28 -1.98 -24.19
N LEU A 146 14.94 -2.32 -25.43
CA LEU A 146 13.81 -3.19 -25.74
C LEU A 146 14.32 -4.10 -26.85
N LYS A 147 14.65 -5.34 -26.50
CA LYS A 147 15.30 -6.29 -27.39
C LYS A 147 14.33 -7.44 -27.62
N PHE A 148 14.04 -7.74 -28.89
CA PHE A 148 13.11 -8.81 -29.21
C PHE A 148 13.64 -9.66 -30.36
N GLY A 149 13.21 -10.91 -30.38
CA GLY A 149 13.65 -11.84 -31.41
C GLY A 149 12.94 -13.16 -31.27
N SER A 150 13.20 -14.03 -32.23
CA SER A 150 12.59 -15.35 -32.22
C SER A 150 13.14 -16.18 -31.07
N TYR A 151 12.34 -17.15 -30.60
CA TYR A 151 12.73 -18.00 -29.50
C TYR A 151 13.28 -19.34 -29.98
N ALA A 152 12.67 -19.91 -31.00
CA ALA A 152 13.00 -21.25 -31.46
C ALA A 152 13.91 -21.26 -32.68
N TYR A 153 13.74 -20.29 -33.58
CA TYR A 153 14.37 -20.35 -34.89
C TYR A 153 15.67 -19.57 -34.89
N THR A 154 16.73 -20.20 -35.41
CA THR A 154 18.06 -19.60 -35.44
C THR A 154 18.17 -18.63 -36.61
N ARG A 155 19.40 -18.18 -36.91
CA ARG A 155 19.60 -17.26 -38.01
C ARG A 155 19.23 -17.91 -39.34
N ALA A 156 19.63 -19.16 -39.54
CA ALA A 156 19.39 -19.83 -40.82
C ALA A 156 17.92 -20.07 -41.10
N GLU A 157 17.05 -19.97 -40.10
CA GLU A 157 15.64 -20.31 -40.23
C GLU A 157 14.74 -19.08 -40.25
N VAL A 158 14.96 -18.11 -39.36
CA VAL A 158 14.18 -16.88 -39.31
C VAL A 158 15.12 -15.71 -39.08
N VAL A 159 14.95 -14.65 -39.86
CA VAL A 159 15.72 -13.41 -39.72
C VAL A 159 14.74 -12.25 -39.70
N TYR A 160 14.94 -11.33 -38.77
CA TYR A 160 14.09 -10.16 -38.63
C TYR A 160 14.70 -8.96 -39.35
N GLU A 161 13.83 -8.11 -39.89
CA GLU A 161 14.24 -6.88 -40.53
C GLU A 161 13.25 -5.78 -40.16
N TRP A 162 13.72 -4.55 -40.25
CA TRP A 162 12.86 -3.38 -40.03
C TRP A 162 12.14 -3.05 -41.33
N THR A 163 10.85 -2.73 -41.21
CA THR A 163 10.03 -2.47 -42.39
C THR A 163 10.56 -1.28 -43.18
N ARG A 164 10.53 -0.10 -42.57
CA ARG A 164 11.12 1.09 -43.15
C ARG A 164 12.59 1.14 -42.73
N GLU A 165 13.25 2.27 -42.93
CA GLU A 165 14.61 2.42 -42.46
C GLU A 165 14.61 2.36 -40.93
N PRO A 166 15.76 1.99 -40.32
CA PRO A 166 15.74 1.73 -38.86
C PRO A 166 15.29 2.92 -38.03
N ALA A 167 15.66 4.13 -38.42
CA ALA A 167 15.29 5.30 -37.62
C ALA A 167 13.79 5.51 -37.60
N ARG A 168 13.13 5.36 -38.74
CA ARG A 168 11.72 5.67 -38.88
C ARG A 168 10.80 4.46 -38.73
N SER A 169 11.35 3.28 -38.41
CA SER A 169 10.50 2.12 -38.19
C SER A 169 9.78 2.19 -36.86
N VAL A 170 10.49 2.60 -35.80
CA VAL A 170 9.90 2.74 -34.48
C VAL A 170 9.37 4.17 -34.35
N VAL A 171 8.07 4.29 -34.06
CA VAL A 171 7.40 5.58 -33.96
C VAL A 171 6.75 5.65 -32.60
N VAL A 172 6.87 6.81 -31.95
CA VAL A 172 6.30 7.05 -30.63
C VAL A 172 5.21 8.11 -30.77
N ALA A 173 4.03 7.82 -30.24
CA ALA A 173 2.94 8.78 -30.27
C ALA A 173 3.30 10.00 -29.44
N GLU A 174 2.95 11.18 -29.96
CA GLU A 174 3.30 12.42 -29.27
C GLU A 174 2.55 12.55 -27.96
N ASP A 175 1.23 12.37 -27.99
CA ASP A 175 0.43 12.53 -26.79
C ASP A 175 0.72 11.46 -25.74
N GLY A 176 1.24 10.31 -26.15
CA GLY A 176 1.47 9.22 -25.23
C GLY A 176 2.83 9.26 -24.56
N SER A 177 2.86 9.78 -23.33
CA SER A 177 4.10 9.78 -22.55
C SER A 177 3.69 9.84 -21.07
N ARG A 178 3.72 8.68 -20.42
CA ARG A 178 3.30 8.57 -19.02
C ARG A 178 4.45 8.77 -18.04
N LEU A 179 5.64 9.11 -18.52
CA LEU A 179 6.77 9.33 -17.62
C LEU A 179 6.49 10.50 -16.70
N ASN A 180 6.77 10.31 -15.40
CA ASN A 180 6.55 11.35 -14.41
C ASN A 180 7.82 12.16 -14.16
N GLN A 181 8.88 11.52 -13.69
CA GLN A 181 10.12 12.18 -13.34
C GLN A 181 11.17 12.15 -14.43
N TYR A 182 10.93 11.42 -15.51
CA TYR A 182 11.89 11.25 -16.59
C TYR A 182 11.47 12.09 -17.79
N ASP A 183 12.36 12.18 -18.77
CA ASP A 183 12.09 12.88 -20.02
C ASP A 183 12.63 11.99 -21.12
N LEU A 184 11.79 11.66 -22.09
CA LEU A 184 12.18 10.81 -23.20
C LEU A 184 12.82 11.68 -24.27
N LEU A 185 14.14 11.61 -24.40
CA LEU A 185 14.83 12.41 -25.41
C LEU A 185 14.66 11.82 -26.80
N GLY A 186 14.67 10.50 -26.91
CA GLY A 186 14.53 9.86 -28.20
C GLY A 186 14.82 8.38 -28.10
N GLN A 187 14.97 7.77 -29.27
CA GLN A 187 15.24 6.34 -29.37
C GLN A 187 16.25 6.08 -30.47
N THR A 188 17.03 5.02 -30.30
CA THR A 188 17.95 4.53 -31.31
C THR A 188 17.61 3.09 -31.63
N VAL A 189 17.46 2.81 -32.93
CA VAL A 189 17.01 1.51 -33.41
C VAL A 189 18.18 0.79 -34.04
N ASP A 190 18.34 -0.49 -33.73
CA ASP A 190 19.48 -1.25 -34.23
C ASP A 190 19.11 -2.73 -34.27
N SER A 191 20.01 -3.52 -34.84
CA SER A 191 19.85 -4.97 -34.90
C SER A 191 21.19 -5.63 -34.65
N GLY A 192 21.14 -6.89 -34.26
CA GLY A 192 22.37 -7.61 -33.98
C GLY A 192 22.12 -9.09 -33.80
N ILE A 193 23.14 -9.76 -33.28
CA ILE A 193 23.16 -11.21 -33.15
C ILE A 193 23.39 -11.57 -31.69
N VAL A 194 22.77 -12.65 -31.23
CA VAL A 194 23.06 -13.25 -29.94
C VAL A 194 23.39 -14.72 -30.16
N GLN A 195 24.47 -15.19 -29.54
CA GLN A 195 24.93 -16.57 -29.69
C GLN A 195 24.66 -17.26 -28.36
N SER A 196 23.54 -17.98 -28.30
CA SER A 196 23.13 -18.67 -27.09
C SER A 196 23.63 -20.11 -27.11
N SER A 197 23.25 -20.88 -26.08
CA SER A 197 23.66 -22.27 -26.01
C SER A 197 23.06 -23.09 -27.14
N THR A 198 21.80 -22.82 -27.48
CA THR A 198 21.14 -23.59 -28.53
C THR A 198 21.69 -23.23 -29.91
N GLY A 199 21.86 -21.94 -30.18
CA GLY A 199 22.36 -21.53 -31.48
C GLY A 199 22.58 -20.04 -31.62
N GLU A 200 22.39 -19.53 -32.84
CA GLU A 200 22.57 -18.12 -33.17
C GLU A 200 21.22 -17.54 -33.54
N TYR A 201 20.90 -16.38 -32.97
CA TYR A 201 19.59 -15.75 -33.16
C TYR A 201 19.79 -14.28 -33.48
N VAL A 202 18.81 -13.72 -34.21
CA VAL A 202 18.80 -12.31 -34.53
C VAL A 202 17.98 -11.58 -33.47
N VAL A 203 18.57 -10.53 -32.89
CA VAL A 203 17.93 -9.74 -31.85
C VAL A 203 17.83 -8.32 -32.37
N MET A 204 16.61 -7.80 -32.44
CA MET A 204 16.33 -6.46 -32.94
C MET A 204 16.04 -5.59 -31.72
N THR A 205 16.78 -4.49 -31.58
CA THR A 205 16.84 -3.73 -30.35
C THR A 205 16.45 -2.27 -30.60
N THR A 206 15.86 -1.67 -29.57
CA THR A 206 15.51 -0.25 -29.57
C THR A 206 15.86 0.30 -28.19
N HIS A 207 16.83 1.20 -28.12
CA HIS A 207 17.24 1.82 -26.87
C HIS A 207 16.54 3.16 -26.73
N PHE A 208 15.71 3.31 -25.71
CA PHE A 208 15.05 4.57 -25.41
C PHE A 208 15.91 5.34 -24.42
N HIS A 209 16.30 6.55 -24.79
CA HIS A 209 17.20 7.38 -23.98
C HIS A 209 16.37 8.29 -23.09
N LEU A 210 16.57 8.17 -21.77
CA LEU A 210 15.83 8.92 -20.77
C LEU A 210 16.78 9.77 -19.96
N LYS A 211 16.29 10.92 -19.51
CA LYS A 211 17.00 11.82 -18.62
C LYS A 211 16.10 12.16 -17.45
N ARG A 212 16.64 12.13 -16.24
CA ARG A 212 15.83 12.41 -15.06
C ARG A 212 15.62 13.91 -14.90
N LYS A 213 14.50 14.25 -14.29
CA LYS A 213 14.16 15.64 -13.95
C LYS A 213 14.54 15.89 -12.51
N ILE A 214 15.33 16.93 -12.27
CA ILE A 214 15.86 17.19 -10.94
C ILE A 214 14.84 17.84 -10.02
N GLY A 215 13.68 18.23 -10.54
CA GLY A 215 12.78 19.09 -9.79
C GLY A 215 12.28 18.49 -8.50
N TYR A 216 12.04 17.18 -8.47
CA TYR A 216 11.53 16.56 -7.26
C TYR A 216 12.53 16.65 -6.11
N PHE A 217 13.78 16.30 -6.39
CA PHE A 217 14.79 16.23 -5.34
C PHE A 217 15.34 17.59 -4.95
N VAL A 218 15.11 18.63 -5.74
CA VAL A 218 15.50 19.97 -5.32
C VAL A 218 14.77 20.35 -4.05
N ILE A 219 13.46 20.08 -3.98
CA ILE A 219 12.69 20.39 -2.78
C ILE A 219 12.70 19.23 -1.80
N GLN A 220 12.81 17.99 -2.27
CA GLN A 220 12.76 16.86 -1.35
C GLN A 220 13.99 16.83 -0.43
N THR A 221 15.19 16.94 -1.00
CA THR A 221 16.43 16.72 -0.27
C THR A 221 17.35 17.94 -0.28
N TYR A 222 17.59 18.55 -1.43
CA TYR A 222 18.60 19.61 -1.51
C TYR A 222 18.18 20.84 -0.71
N LEU A 223 16.96 21.33 -0.94
CA LEU A 223 16.55 22.55 -0.23
C LEU A 223 16.47 22.34 1.28
N PRO A 224 15.86 21.27 1.80
CA PRO A 224 15.90 21.06 3.25
C PRO A 224 17.31 20.97 3.81
N CYS A 225 18.23 20.33 3.09
CA CYS A 225 19.61 20.26 3.58
C CYS A 225 20.25 21.64 3.62
N ILE A 226 20.04 22.45 2.58
CA ILE A 226 20.65 23.77 2.56
C ILE A 226 20.04 24.67 3.63
N MET A 227 18.72 24.61 3.82
CA MET A 227 18.10 25.38 4.89
C MET A 227 18.59 24.93 6.26
N THR A 228 18.79 23.62 6.44
CA THR A 228 19.31 23.14 7.72
C THR A 228 20.74 23.63 7.94
N VAL A 229 21.54 23.66 6.88
CA VAL A 229 22.90 24.17 7.01
C VAL A 229 22.87 25.63 7.42
N ILE A 230 22.09 26.46 6.71
CA ILE A 230 22.03 27.88 7.04
C ILE A 230 21.45 28.09 8.44
N LEU A 231 20.51 27.23 8.84
CA LEU A 231 19.98 27.29 10.19
C LEU A 231 21.08 27.07 11.22
N SER A 232 21.96 26.10 10.97
CA SER A 232 23.10 25.91 11.87
C SER A 232 24.03 27.12 11.83
N GLN A 233 24.23 27.70 10.65
CA GLN A 233 25.14 28.84 10.52
C GLN A 233 24.62 30.05 11.30
N VAL A 234 23.30 30.17 11.43
CA VAL A 234 22.71 31.29 12.16
C VAL A 234 23.16 31.32 13.61
N SER A 235 23.56 30.18 14.17
CA SER A 235 24.00 30.12 15.56
C SER A 235 25.23 30.98 15.84
N PHE A 236 25.97 31.36 14.81
CA PHE A 236 27.18 32.15 15.04
C PHE A 236 26.85 33.54 15.55
N TRP A 237 25.71 34.10 15.16
CA TRP A 237 25.39 35.48 15.49
C TRP A 237 24.99 35.67 16.94
N LEU A 238 24.42 34.64 17.58
CA LEU A 238 24.02 34.78 18.97
C LEU A 238 25.22 34.95 19.87
N ASN A 239 24.99 35.58 21.02
CA ASN A 239 26.07 35.85 21.96
C ASN A 239 26.62 34.55 22.51
N ARG A 240 27.90 34.58 22.90
CA ARG A 240 28.58 33.37 23.35
C ARG A 240 28.00 32.84 24.65
N GLU A 241 27.47 33.72 25.50
CA GLU A 241 27.03 33.28 26.84
C GLU A 241 25.76 32.46 26.79
N SER A 242 24.98 32.53 25.72
CA SER A 242 23.74 31.77 25.60
C SER A 242 24.08 30.34 25.19
N VAL A 243 24.71 29.61 26.14
CA VAL A 243 25.13 28.24 25.86
C VAL A 243 23.96 27.33 25.52
N PRO A 244 22.85 27.33 26.27
CA PRO A 244 21.73 26.45 25.89
C PRO A 244 21.19 26.72 24.50
N ALA A 245 21.12 27.99 24.08
CA ALA A 245 20.58 28.31 22.76
C ALA A 245 21.43 27.72 21.66
N ARG A 246 22.74 27.96 21.71
CA ARG A 246 23.60 27.48 20.64
C ARG A 246 23.75 25.97 20.67
N THR A 247 23.74 25.36 21.87
CA THR A 247 23.73 23.91 21.94
C THR A 247 22.46 23.35 21.31
N VAL A 248 21.33 24.01 21.55
CA VAL A 248 20.06 23.59 20.94
C VAL A 248 20.16 23.66 19.43
N PHE A 249 20.71 24.77 18.90
CA PHE A 249 20.96 24.86 17.46
C PHE A 249 21.76 23.69 16.94
N GLY A 250 22.91 23.43 17.57
CA GLY A 250 23.79 22.39 17.07
C GLY A 250 23.13 21.01 17.06
N VAL A 251 22.60 20.61 18.21
CA VAL A 251 22.03 19.26 18.32
C VAL A 251 20.82 19.12 17.41
N THR A 252 19.97 20.14 17.36
CA THR A 252 18.74 20.01 16.59
C THR A 252 19.04 20.00 15.10
N THR A 253 19.99 20.82 14.65
CA THR A 253 20.33 20.81 13.22
C THR A 253 21.00 19.52 12.81
N VAL A 254 21.90 18.98 13.64
CA VAL A 254 22.53 17.72 13.24
C VAL A 254 21.51 16.57 13.28
N LEU A 255 20.55 16.63 14.20
CA LEU A 255 19.45 15.66 14.18
C LEU A 255 18.67 15.75 12.87
N THR A 256 18.36 16.98 12.42
CA THR A 256 17.63 17.13 11.17
C THR A 256 18.43 16.59 9.99
N MET A 257 19.73 16.87 9.97
CA MET A 257 20.56 16.37 8.88
C MET A 257 20.62 14.84 8.89
N THR A 258 20.68 14.24 10.08
CA THR A 258 20.65 12.78 10.16
C THR A 258 19.34 12.23 9.63
N THR A 259 18.22 12.87 9.96
CA THR A 259 16.93 12.43 9.45
C THR A 259 16.88 12.51 7.94
N LEU A 260 17.36 13.62 7.37
CA LEU A 260 17.37 13.76 5.91
C LEU A 260 18.28 12.73 5.26
N SER A 261 19.43 12.46 5.87
CA SER A 261 20.34 11.45 5.33
C SER A 261 19.69 10.08 5.32
N ILE A 262 18.97 9.74 6.39
CA ILE A 262 18.28 8.45 6.42
C ILE A 262 17.21 8.38 5.36
N SER A 263 16.41 9.45 5.20
CA SER A 263 15.28 9.40 4.30
C SER A 263 15.64 9.68 2.85
N ALA A 264 16.89 10.02 2.54
CA ALA A 264 17.26 10.35 1.16
C ALA A 264 17.08 9.16 0.23
N ARG A 265 17.41 7.95 0.70
CA ARG A 265 17.37 6.74 -0.13
CA ARG A 265 17.37 6.74 -0.13
C ARG A 265 16.07 5.96 0.07
N ASN A 266 14.96 6.66 0.33
CA ASN A 266 13.69 5.98 0.57
C ASN A 266 13.11 5.30 -0.67
N SER A 267 13.66 5.54 -1.86
CA SER A 267 13.14 4.99 -3.10
C SER A 267 14.19 4.29 -3.96
N LEU A 268 15.48 4.54 -3.77
CA LEU A 268 16.49 3.98 -4.64
C LEU A 268 16.68 2.49 -4.36
N PRO A 269 17.23 1.74 -5.32
CA PRO A 269 17.73 0.40 -4.98
C PRO A 269 18.93 0.51 -4.06
N LYS A 270 19.10 -0.51 -3.22
CA LYS A 270 20.14 -0.51 -2.19
C LYS A 270 21.49 -0.79 -2.84
N VAL A 271 21.97 0.20 -3.60
CA VAL A 271 23.24 0.08 -4.31
C VAL A 271 24.40 0.32 -3.34
N ALA A 272 25.50 -0.39 -3.57
CA ALA A 272 26.64 -0.30 -2.68
C ALA A 272 27.36 1.04 -2.81
N TYR A 273 27.58 1.50 -4.04
CA TYR A 273 28.33 2.73 -4.25
C TYR A 273 27.52 3.93 -3.75
N ALA A 274 28.21 5.06 -3.65
CA ALA A 274 27.64 6.30 -3.14
C ALA A 274 27.27 7.22 -4.30
N THR A 275 26.07 7.77 -4.25
CA THR A 275 25.57 8.64 -5.30
C THR A 275 26.03 10.07 -5.06
N ALA A 276 25.74 10.95 -6.02
CA ALA A 276 26.08 12.37 -5.86
C ALA A 276 25.32 12.99 -4.70
N MET A 277 24.03 12.65 -4.57
CA MET A 277 23.24 13.18 -3.47
C MET A 277 23.81 12.76 -2.13
N ASP A 278 24.39 11.55 -2.06
CA ASP A 278 25.02 11.13 -0.82
C ASP A 278 26.22 12.01 -0.49
N TRP A 279 27.00 12.39 -1.50
CA TRP A 279 28.13 13.29 -1.25
C TRP A 279 27.64 14.67 -0.79
N PHE A 280 26.57 15.17 -1.41
CA PHE A 280 26.01 16.45 -0.99
C PHE A 280 25.54 16.39 0.46
N ILE A 281 24.83 15.32 0.82
CA ILE A 281 24.35 15.17 2.19
C ILE A 281 25.51 15.04 3.15
N ALA A 282 26.56 14.32 2.75
CA ALA A 282 27.72 14.17 3.61
C ALA A 282 28.40 15.51 3.87
N VAL A 283 28.53 16.34 2.84
CA VAL A 283 29.19 17.63 3.04
C VAL A 283 28.32 18.55 3.88
N CYS A 284 27.00 18.51 3.68
CA CYS A 284 26.11 19.30 4.54
C CYS A 284 26.21 18.84 5.99
N TYR A 285 26.28 17.53 6.20
CA TYR A 285 26.44 17.00 7.55
C TYR A 285 27.75 17.49 8.15
N ALA A 286 28.82 17.50 7.35
CA ALA A 286 30.11 17.98 7.83
C ALA A 286 30.04 19.45 8.22
N PHE A 287 29.33 20.26 7.43
CA PHE A 287 29.23 21.68 7.76
C PHE A 287 28.50 21.91 9.08
N VAL A 288 27.36 21.22 9.26
CA VAL A 288 26.63 21.42 10.52
C VAL A 288 27.44 20.90 11.70
N PHE A 289 28.12 19.77 11.51
CA PHE A 289 28.91 19.22 12.61
C PHE A 289 30.08 20.14 12.94
N SER A 290 30.67 20.76 11.93
CA SER A 290 31.74 21.72 12.17
C SER A 290 31.22 22.95 12.91
N ALA A 291 30.00 23.38 12.59
CA ALA A 291 29.42 24.49 13.33
C ALA A 291 29.25 24.14 14.81
N LEU A 292 28.76 22.94 15.10
CA LEU A 292 28.62 22.57 16.50
C LEU A 292 29.98 22.42 17.17
N ILE A 293 30.97 21.88 16.45
CA ILE A 293 32.30 21.70 17.01
C ILE A 293 32.92 23.05 17.36
N GLU A 294 32.80 24.03 16.46
CA GLU A 294 33.40 25.33 16.76
C GLU A 294 32.62 26.05 17.84
N PHE A 295 31.32 25.80 17.97
CA PHE A 295 30.62 26.34 19.14
C PHE A 295 31.18 25.74 20.43
N ALA A 296 31.42 24.43 20.44
CA ALA A 296 32.02 23.82 21.63
C ALA A 296 33.39 24.43 21.91
N THR A 297 34.17 24.68 20.86
CA THR A 297 35.49 25.29 21.03
C THR A 297 35.38 26.67 21.67
N VAL A 298 34.52 27.53 21.12
CA VAL A 298 34.43 28.89 21.67
C VAL A 298 33.86 28.86 23.08
N ASN A 299 32.92 27.95 23.35
CA ASN A 299 32.44 27.81 24.72
C ASN A 299 33.55 27.38 25.67
N TYR A 300 34.51 26.59 25.18
CA TYR A 300 35.63 26.20 26.03
C TYR A 300 36.46 27.40 26.46
N PHE A 301 36.49 28.46 25.65
CA PHE A 301 37.27 29.65 25.93
C PHE A 301 36.48 30.75 26.65
N THR A 302 35.18 30.57 26.86
CA THR A 302 34.40 31.57 27.57
C THR A 302 34.77 31.58 29.04
N LYS A 303 35.01 32.77 29.59
CA LYS A 303 35.46 32.91 30.97
C LYS A 303 34.30 33.14 31.93
N ARG A 304 33.54 34.22 31.71
CA ARG A 304 32.55 34.68 32.67
C ARG A 304 31.18 34.13 32.32
N GLY A 305 30.53 33.49 33.29
CA GLY A 305 29.23 32.91 33.04
C GLY A 305 28.16 33.95 32.75
N TYR A 306 28.13 35.03 33.54
CA TYR A 306 27.12 36.06 33.34
C TYR A 306 27.30 36.75 31.99
N ALA A 307 26.18 37.17 31.42
CA ALA A 307 26.17 37.85 30.14
C ALA A 307 26.33 39.36 30.35
N TRP A 308 26.17 40.14 29.29
CA TRP A 308 26.32 41.59 29.35
C TRP A 308 24.96 42.21 29.68
N ASP A 309 24.86 42.81 30.85
CA ASP A 309 23.64 43.52 31.22
C ASP A 309 23.53 44.82 30.43
N GLY A 310 22.31 45.37 30.41
CA GLY A 310 21.99 46.51 29.58
C GLY A 310 22.36 47.86 30.15
N LYS A 311 23.13 47.91 31.24
CA LYS A 311 23.49 49.16 31.89
C LYS A 311 24.99 49.40 31.99
N SER A 312 25.82 48.38 31.73
CA SER A 312 27.25 48.47 31.97
C SER A 312 27.99 49.08 30.78
N VAL A 313 29.27 49.38 31.00
CA VAL A 313 30.19 49.83 29.98
C VAL A 313 31.37 48.88 29.96
N VAL A 314 31.74 48.42 28.77
CA VAL A 314 32.77 47.40 28.62
C VAL A 314 34.11 48.09 28.38
N PRO A 315 35.09 47.96 29.28
CA PRO A 315 36.42 48.48 28.96
C PRO A 315 37.10 47.62 27.91
N GLU A 316 38.04 48.24 27.19
CA GLU A 316 38.79 47.56 26.15
C GLU A 316 40.09 47.01 26.69
N LYS A 317 40.53 45.90 26.11
CA LYS A 317 41.81 45.29 26.49
C LYS A 317 42.98 46.04 25.85
N LYS A 375 33.50 45.09 37.05
CA LYS A 375 32.79 43.98 36.42
C LYS A 375 33.01 43.97 34.91
N THR A 376 34.04 43.27 34.46
CA THR A 376 34.28 43.12 33.04
C THR A 376 33.36 42.04 32.46
N PHE A 377 33.28 42.03 31.13
CA PHE A 377 32.38 41.13 30.41
C PHE A 377 33.14 40.51 29.25
N ASN A 378 32.62 39.37 28.78
CA ASN A 378 33.30 38.63 27.73
C ASN A 378 33.22 39.40 26.42
N SER A 379 34.35 39.57 25.75
CA SER A 379 34.36 40.20 24.45
C SER A 379 33.75 39.27 23.40
N VAL A 380 33.25 39.89 22.32
CA VAL A 380 32.70 39.10 21.22
C VAL A 380 33.81 38.27 20.62
N SER A 381 33.51 37.00 20.36
CA SER A 381 34.54 36.04 19.99
C SER A 381 35.15 36.38 18.64
N LYS A 382 36.47 36.27 18.55
CA LYS A 382 37.13 36.36 17.25
C LYS A 382 36.77 35.17 16.39
N ILE A 383 36.58 34.00 17.01
CA ILE A 383 36.19 32.81 16.26
C ILE A 383 34.85 33.04 15.57
N ASP A 384 33.89 33.60 16.30
CA ASP A 384 32.59 33.91 15.70
C ASP A 384 32.72 34.95 14.60
N ARG A 385 33.56 35.97 14.82
CA ARG A 385 33.73 37.01 13.82
C ARG A 385 34.27 36.44 12.52
N LEU A 386 35.27 35.56 12.60
CA LEU A 386 35.78 34.93 11.39
C LEU A 386 34.77 33.98 10.79
N SER A 387 34.08 33.20 11.62
CA SER A 387 33.19 32.16 11.11
C SER A 387 32.00 32.75 10.38
N ARG A 388 31.47 33.89 10.85
CA ARG A 388 30.29 34.49 10.24
C ARG A 388 30.48 34.77 8.75
N ILE A 389 31.71 35.05 8.33
CA ILE A 389 32.02 35.37 6.94
C ILE A 389 32.68 34.18 6.26
N ALA A 390 33.33 33.30 7.02
CA ALA A 390 34.03 32.17 6.42
C ALA A 390 33.07 31.04 6.08
N PHE A 391 32.30 30.58 7.07
CA PHE A 391 31.46 29.41 6.87
C PHE A 391 30.45 29.57 5.75
N PRO A 392 29.66 30.65 5.69
CA PRO A 392 28.80 30.84 4.51
C PRO A 392 29.56 30.91 3.20
N LEU A 393 30.75 31.54 3.21
CA LEU A 393 31.52 31.62 1.97
C LEU A 393 32.01 30.24 1.54
N LEU A 394 32.49 29.43 2.47
CA LEU A 394 32.90 28.08 2.13
C LEU A 394 31.73 27.26 1.60
N PHE A 395 30.55 27.41 2.23
CA PHE A 395 29.40 26.69 1.71
C PHE A 395 29.03 27.14 0.31
N GLY A 396 29.10 28.45 0.05
CA GLY A 396 28.79 28.95 -1.28
C GLY A 396 29.76 28.42 -2.33
N ILE A 397 31.06 28.43 -2.02
CA ILE A 397 32.04 27.91 -2.95
C ILE A 397 31.81 26.43 -3.20
N PHE A 398 31.55 25.65 -2.15
CA PHE A 398 31.26 24.24 -2.34
C PHE A 398 30.04 24.03 -3.23
N ASN A 399 28.97 24.77 -2.96
CA ASN A 399 27.75 24.55 -3.72
C ASN A 399 27.95 24.90 -5.19
N LEU A 400 28.65 26.01 -5.47
CA LEU A 400 28.92 26.39 -6.85
C LEU A 400 29.77 25.33 -7.53
N VAL A 401 30.82 24.84 -6.85
CA VAL A 401 31.68 23.84 -7.46
C VAL A 401 30.91 22.55 -7.73
N TYR A 402 30.09 22.11 -6.77
CA TYR A 402 29.36 20.87 -6.91
C TYR A 402 28.38 20.94 -8.07
N TRP A 403 27.58 22.01 -8.13
CA TRP A 403 26.59 22.12 -9.19
C TRP A 403 27.26 22.26 -10.55
N ALA A 404 28.33 23.07 -10.64
CA ALA A 404 29.03 23.19 -11.91
C ALA A 404 29.62 21.86 -12.35
N THR A 405 30.17 21.10 -11.41
CA THR A 405 30.75 19.80 -11.75
C THR A 405 29.68 18.84 -12.26
N TYR A 406 28.52 18.80 -11.60
CA TYR A 406 27.57 17.71 -11.82
C TYR A 406 26.50 18.02 -12.87
N LEU A 407 26.22 19.29 -13.17
CA LEU A 407 25.20 19.56 -14.18
C LEU A 407 25.63 19.06 -15.56
N ASN A 408 26.88 19.30 -15.93
CA ASN A 408 27.39 19.01 -17.27
C ASN A 408 28.34 17.82 -17.19
N ARG A 409 27.77 16.61 -17.26
CA ARG A 409 28.57 15.38 -17.27
C ARG A 409 28.15 14.41 -18.36
N GLU A 410 26.87 14.38 -18.70
CA GLU A 410 26.37 13.34 -19.59
C GLU A 410 26.62 13.69 -21.05
N PRO A 411 26.54 12.70 -21.97
CA PRO A 411 26.76 13.01 -23.38
C PRO A 411 25.69 13.92 -23.99
N GLN A 412 25.88 14.23 -25.28
CA GLN A 412 24.91 14.98 -26.06
C GLN A 412 24.61 14.20 -27.33
N LEU A 413 23.86 14.80 -28.27
CA LEU A 413 23.56 14.13 -29.54
C LEU A 413 24.87 13.83 -30.29
N ASN B 2 -43.51 -22.95 -26.72
CA ASN B 2 -43.04 -24.30 -26.98
C ASN B 2 -41.51 -24.33 -27.04
N MET B 3 -40.91 -25.24 -26.28
CA MET B 3 -39.46 -25.33 -26.22
C MET B 3 -38.89 -25.99 -27.47
N SER B 4 -39.61 -26.94 -28.07
CA SER B 4 -39.08 -27.64 -29.24
C SER B 4 -38.93 -26.68 -30.42
N PHE B 5 -39.93 -25.82 -30.64
CA PHE B 5 -39.85 -24.89 -31.76
C PHE B 5 -38.71 -23.90 -31.55
N VAL B 6 -38.54 -23.41 -30.33
CA VAL B 6 -37.42 -22.50 -30.03
C VAL B 6 -36.10 -23.21 -30.24
N LYS B 7 -36.01 -24.47 -29.81
CA LYS B 7 -34.75 -25.21 -29.95
C LYS B 7 -34.39 -25.39 -31.41
N GLU B 8 -35.33 -25.85 -32.24
CA GLU B 8 -35.01 -26.06 -33.64
C GLU B 8 -34.76 -24.74 -34.37
N THR B 9 -35.46 -23.66 -33.99
CA THR B 9 -35.17 -22.36 -34.59
C THR B 9 -33.75 -21.92 -34.26
N VAL B 10 -33.33 -22.06 -33.00
CA VAL B 10 -31.98 -21.67 -32.62
C VAL B 10 -30.95 -22.55 -33.32
N ASP B 11 -31.24 -23.84 -33.46
CA ASP B 11 -30.33 -24.74 -34.16
C ASP B 11 -30.18 -24.34 -35.61
N LYS B 12 -31.29 -23.96 -36.26
CA LYS B 12 -31.20 -23.45 -37.62
C LYS B 12 -30.38 -22.17 -37.67
N LEU B 13 -30.57 -21.27 -36.69
CA LEU B 13 -29.84 -20.01 -36.69
C LEU B 13 -28.34 -20.24 -36.59
N LEU B 14 -27.91 -21.08 -35.65
CA LEU B 14 -26.47 -21.31 -35.48
C LEU B 14 -25.87 -22.19 -36.57
N LYS B 15 -26.69 -22.94 -37.29
CA LYS B 15 -26.19 -23.74 -38.41
C LYS B 15 -25.97 -22.86 -39.62
N GLY B 16 -24.90 -23.16 -40.37
CA GLY B 16 -24.58 -22.36 -41.53
C GLY B 16 -24.24 -20.92 -41.19
N TYR B 17 -23.43 -20.71 -40.15
CA TYR B 17 -23.07 -19.37 -39.68
C TYR B 17 -21.56 -19.32 -39.51
N ASP B 18 -20.89 -18.53 -40.35
CA ASP B 18 -19.45 -18.36 -40.28
C ASP B 18 -19.13 -17.19 -39.35
N ILE B 19 -18.52 -17.50 -38.20
CA ILE B 19 -18.21 -16.44 -37.24
C ILE B 19 -17.14 -15.51 -37.80
N ARG B 20 -16.25 -16.00 -38.65
CA ARG B 20 -15.12 -15.19 -39.09
C ARG B 20 -15.56 -13.99 -39.91
N LEU B 21 -16.71 -14.06 -40.57
CA LEU B 21 -17.20 -12.99 -41.42
C LEU B 21 -18.15 -12.09 -40.63
N ARG B 22 -17.94 -10.78 -40.74
CA ARG B 22 -18.80 -9.81 -40.10
C ARG B 22 -20.18 -9.87 -40.76
N PRO B 23 -21.19 -9.21 -40.17
CA PRO B 23 -22.58 -9.40 -40.66
C PRO B 23 -22.77 -9.07 -42.13
N ASP B 24 -21.96 -8.18 -42.70
CA ASP B 24 -21.97 -7.92 -44.14
C ASP B 24 -20.51 -7.82 -44.56
N PHE B 25 -19.92 -8.95 -44.94
CA PHE B 25 -18.50 -8.94 -45.29
C PHE B 25 -18.26 -8.15 -46.57
N GLY B 26 -19.23 -8.14 -47.47
CA GLY B 26 -19.26 -7.21 -48.58
C GLY B 26 -20.54 -6.41 -48.55
N GLY B 27 -20.44 -5.12 -48.26
CA GLY B 27 -21.60 -4.29 -48.07
C GLY B 27 -21.30 -3.09 -47.20
N PRO B 28 -22.33 -2.38 -46.74
CA PRO B 28 -22.11 -1.18 -45.94
C PRO B 28 -21.59 -1.54 -44.55
N PRO B 29 -21.05 -0.57 -43.82
CA PRO B 29 -20.55 -0.87 -42.48
C PRO B 29 -21.68 -1.19 -41.52
N VAL B 30 -21.31 -1.86 -40.43
CA VAL B 30 -22.25 -2.25 -39.38
C VAL B 30 -22.29 -1.14 -38.35
N CYS B 31 -23.48 -0.60 -38.10
CA CYS B 31 -23.67 0.48 -37.13
C CYS B 31 -23.83 -0.15 -35.75
N VAL B 32 -22.75 -0.17 -34.99
CA VAL B 32 -22.71 -0.79 -33.67
C VAL B 32 -22.92 0.31 -32.64
N GLY B 33 -24.13 0.38 -32.08
CA GLY B 33 -24.38 1.30 -30.99
C GLY B 33 -23.86 0.77 -29.67
N MET B 34 -23.64 1.70 -28.74
CA MET B 34 -23.09 1.37 -27.43
C MET B 34 -23.88 2.10 -26.35
N ASN B 35 -23.83 1.54 -25.16
CA ASN B 35 -24.27 2.27 -23.98
C ASN B 35 -23.66 1.63 -22.74
N ILE B 36 -23.49 2.45 -21.71
CA ILE B 36 -22.72 2.11 -20.51
C ILE B 36 -23.55 2.46 -19.29
N ASP B 37 -23.41 1.66 -18.24
CA ASP B 37 -23.94 1.96 -16.92
C ASP B 37 -22.76 1.91 -15.94
N ILE B 38 -22.29 3.09 -15.53
CA ILE B 38 -21.11 3.16 -14.67
C ILE B 38 -21.51 2.65 -13.28
N ALA B 39 -21.06 1.45 -12.92
CA ALA B 39 -21.41 0.91 -11.62
C ALA B 39 -20.73 1.68 -10.50
N SER B 40 -19.44 1.97 -10.66
CA SER B 40 -18.68 2.69 -9.64
C SER B 40 -17.30 3.00 -10.20
N ILE B 41 -16.65 3.97 -9.58
CA ILE B 41 -15.24 4.26 -9.80
C ILE B 41 -14.53 3.96 -8.49
N ASP B 42 -13.68 2.94 -8.50
CA ASP B 42 -13.25 2.33 -7.24
C ASP B 42 -12.08 3.06 -6.61
N MET B 43 -11.08 3.46 -7.41
CA MET B 43 -9.85 4.02 -6.85
C MET B 43 -9.21 4.91 -7.90
N VAL B 44 -9.34 6.23 -7.72
CA VAL B 44 -8.69 7.22 -8.59
C VAL B 44 -7.33 7.48 -7.95
N SER B 45 -6.31 6.76 -8.43
CA SER B 45 -4.97 6.84 -7.86
C SER B 45 -4.12 7.83 -8.65
N GLU B 46 -3.49 8.76 -7.93
CA GLU B 46 -2.57 9.71 -8.55
C GLU B 46 -1.13 9.22 -8.53
N VAL B 47 -0.77 8.35 -7.59
CA VAL B 47 0.58 7.79 -7.55
C VAL B 47 0.86 6.97 -8.80
N ASN B 48 -0.17 6.31 -9.35
CA ASN B 48 -0.04 5.49 -10.54
C ASN B 48 -0.66 6.11 -11.79
N MET B 49 -1.33 7.27 -11.68
CA MET B 49 -1.90 7.96 -12.82
C MET B 49 -2.91 7.07 -13.56
N ASP B 50 -3.88 6.55 -12.83
CA ASP B 50 -4.92 5.73 -13.43
C ASP B 50 -6.14 5.75 -12.52
N TYR B 51 -7.21 5.12 -13.00
CA TYR B 51 -8.43 5.00 -12.22
C TYR B 51 -9.15 3.72 -12.60
N THR B 52 -9.68 3.04 -11.60
CA THR B 52 -10.45 1.81 -11.81
C THR B 52 -11.90 2.16 -12.09
N LEU B 53 -12.52 1.38 -12.96
CA LEU B 53 -13.88 1.66 -13.43
C LEU B 53 -14.59 0.35 -13.67
N THR B 54 -15.73 0.17 -13.00
CA THR B 54 -16.61 -0.97 -13.22
C THR B 54 -17.83 -0.50 -13.99
N MET B 55 -18.25 -1.29 -14.97
CA MET B 55 -19.19 -0.81 -15.96
C MET B 55 -19.94 -1.99 -16.55
N TYR B 56 -21.06 -1.67 -17.22
CA TYR B 56 -21.94 -2.65 -17.84
C TYR B 56 -21.94 -2.41 -19.34
N PHE B 57 -20.75 -2.33 -19.92
CA PHE B 57 -20.56 -2.10 -21.35
C PHE B 57 -21.48 -2.99 -22.18
N GLN B 58 -22.40 -2.34 -22.91
CA GLN B 58 -23.43 -3.02 -23.68
C GLN B 58 -23.37 -2.53 -25.12
N GLN B 59 -23.47 -3.47 -26.06
CA GLN B 59 -23.41 -3.18 -27.48
C GLN B 59 -24.68 -3.67 -28.16
N TYR B 60 -25.08 -2.93 -29.19
CA TYR B 60 -26.26 -3.23 -29.99
C TYR B 60 -25.83 -3.22 -31.45
N TRP B 61 -26.28 -4.21 -32.22
CA TRP B 61 -26.08 -4.12 -33.66
C TRP B 61 -27.09 -5.02 -34.36
N ARG B 62 -26.99 -5.09 -35.68
CA ARG B 62 -27.94 -5.81 -36.51
C ARG B 62 -27.20 -6.94 -37.23
N ASP B 63 -27.86 -8.10 -37.31
CA ASP B 63 -27.30 -9.27 -37.99
C ASP B 63 -28.45 -10.02 -38.64
N LYS B 64 -28.53 -9.92 -39.97
CA LYS B 64 -29.62 -10.58 -40.69
C LYS B 64 -29.54 -12.09 -40.58
N ARG B 65 -28.33 -12.64 -40.44
CA ARG B 65 -28.18 -14.09 -40.34
C ARG B 65 -28.86 -14.64 -39.10
N LEU B 66 -29.00 -13.83 -38.05
CA LEU B 66 -29.60 -14.26 -36.79
C LEU B 66 -31.10 -13.99 -36.72
N ALA B 67 -31.69 -13.39 -37.75
CA ALA B 67 -33.11 -13.09 -37.72
C ALA B 67 -33.94 -14.37 -37.70
N TYR B 68 -35.03 -14.36 -36.95
CA TYR B 68 -35.94 -15.50 -36.83
C TYR B 68 -37.38 -14.99 -36.86
N SER B 69 -38.27 -15.88 -37.28
CA SER B 69 -39.69 -15.55 -37.41
C SER B 69 -40.53 -16.68 -36.81
N GLY B 70 -41.74 -16.33 -36.40
CA GLY B 70 -42.65 -17.27 -35.78
C GLY B 70 -42.53 -17.38 -34.27
N ILE B 71 -41.57 -16.70 -33.66
CA ILE B 71 -41.35 -16.72 -32.22
C ILE B 71 -41.29 -15.28 -31.74
N PRO B 72 -42.42 -14.59 -31.51
CA PRO B 72 -42.37 -13.17 -31.15
C PRO B 72 -41.96 -12.93 -29.70
N LEU B 73 -40.74 -13.37 -29.37
CA LEU B 73 -40.17 -13.19 -28.05
C LEU B 73 -38.69 -12.88 -28.21
N ASN B 74 -38.16 -12.03 -27.34
CA ASN B 74 -36.72 -11.77 -27.34
C ASN B 74 -36.00 -12.92 -26.65
N LEU B 75 -35.20 -13.66 -27.42
CA LEU B 75 -34.53 -14.86 -26.91
C LEU B 75 -33.28 -14.43 -26.16
N THR B 76 -33.33 -14.53 -24.84
CA THR B 76 -32.16 -14.25 -23.99
C THR B 76 -31.41 -15.57 -23.82
N LEU B 77 -30.37 -15.77 -24.62
CA LEU B 77 -29.69 -17.04 -24.63
C LEU B 77 -28.60 -17.09 -23.55
N ASP B 78 -28.16 -18.31 -23.24
CA ASP B 78 -27.10 -18.48 -22.27
C ASP B 78 -25.81 -17.87 -22.82
N ASN B 79 -24.96 -17.39 -21.90
CA ASN B 79 -23.82 -16.58 -22.29
C ASN B 79 -22.82 -17.34 -23.16
N ARG B 80 -22.75 -18.67 -23.01
CA ARG B 80 -21.76 -19.44 -23.75
CA ARG B 80 -21.76 -19.44 -23.75
C ARG B 80 -21.94 -19.33 -25.25
N VAL B 81 -23.18 -19.07 -25.71
CA VAL B 81 -23.43 -18.94 -27.13
C VAL B 81 -22.68 -17.77 -27.75
N ALA B 82 -22.22 -16.82 -26.92
CA ALA B 82 -21.41 -15.73 -27.42
C ALA B 82 -20.13 -16.24 -28.08
N ASP B 83 -19.63 -17.39 -27.64
CA ASP B 83 -18.46 -17.97 -28.29
C ASP B 83 -18.77 -18.40 -29.73
N GLN B 84 -20.02 -18.71 -30.02
CA GLN B 84 -20.43 -19.23 -31.32
C GLN B 84 -20.94 -18.15 -32.27
N LEU B 85 -20.93 -16.88 -31.87
CA LEU B 85 -21.45 -15.78 -32.68
C LEU B 85 -20.38 -14.72 -32.87
N TRP B 86 -20.53 -13.96 -33.95
CA TRP B 86 -19.66 -12.81 -34.18
C TRP B 86 -20.04 -11.67 -33.25
N VAL B 87 -19.02 -10.98 -32.73
CA VAL B 87 -19.21 -9.77 -31.96
C VAL B 87 -18.14 -8.76 -32.34
N PRO B 88 -18.37 -7.47 -32.10
CA PRO B 88 -17.38 -6.47 -32.50
C PRO B 88 -16.10 -6.62 -31.70
N ASP B 89 -15.02 -6.06 -32.26
CA ASP B 89 -13.67 -6.18 -31.71
C ASP B 89 -13.28 -4.93 -30.92
N THR B 90 -14.23 -4.39 -30.17
CA THR B 90 -13.99 -3.15 -29.42
C THR B 90 -12.91 -3.35 -28.38
N TYR B 91 -12.14 -2.29 -28.14
CA TYR B 91 -11.13 -2.30 -27.11
C TYR B 91 -10.92 -0.89 -26.59
N PHE B 92 -10.43 -0.80 -25.36
CA PHE B 92 -10.20 0.47 -24.68
C PHE B 92 -8.73 0.85 -24.87
N LEU B 93 -8.50 1.95 -25.59
CA LEU B 93 -7.15 2.26 -26.05
C LEU B 93 -6.24 2.69 -24.90
N ASN B 94 -6.79 3.35 -23.88
CA ASN B 94 -6.00 3.82 -22.74
C ASN B 94 -6.05 2.85 -21.57
N ASP B 95 -6.16 1.56 -21.85
CA ASP B 95 -6.27 0.53 -20.83
C ASP B 95 -4.90 0.11 -20.31
N LYS B 96 -4.88 -0.35 -19.07
CA LYS B 96 -3.70 -0.97 -18.46
C LYS B 96 -3.96 -2.40 -18.06
N LYS B 97 -5.09 -2.67 -17.40
CA LYS B 97 -5.44 -4.03 -17.00
C LYS B 97 -6.94 -4.08 -16.80
N SER B 98 -7.61 -4.98 -17.52
CA SER B 98 -9.05 -5.09 -17.48
C SER B 98 -9.47 -6.54 -17.54
N PHE B 99 -10.68 -6.81 -17.07
CA PHE B 99 -11.19 -8.19 -17.08
C PHE B 99 -12.71 -8.17 -17.00
N VAL B 100 -13.29 -9.33 -17.27
CA VAL B 100 -14.72 -9.57 -17.18
C VAL B 100 -14.99 -10.32 -15.89
N HIS B 101 -15.89 -9.79 -15.07
CA HIS B 101 -16.24 -10.46 -13.83
C HIS B 101 -16.88 -11.81 -14.13
N GLY B 102 -16.47 -12.84 -13.39
CA GLY B 102 -16.76 -14.21 -13.73
C GLY B 102 -17.38 -15.06 -12.64
N VAL B 103 -18.25 -14.48 -11.83
CA VAL B 103 -18.96 -15.20 -10.77
C VAL B 103 -20.44 -14.84 -10.85
N THR B 104 -21.34 -15.82 -10.72
CA THR B 104 -21.09 -17.26 -10.58
C THR B 104 -20.64 -17.85 -11.90
N VAL B 105 -21.22 -17.35 -12.99
CA VAL B 105 -20.78 -17.68 -14.34
C VAL B 105 -20.20 -16.41 -14.95
N LYS B 106 -19.71 -16.50 -16.18
CA LYS B 106 -19.17 -15.33 -16.85
C LYS B 106 -20.27 -14.29 -17.05
N ASN B 107 -20.07 -13.10 -16.48
CA ASN B 107 -21.09 -12.07 -16.59
C ASN B 107 -21.14 -11.57 -18.03
N ARG B 108 -22.03 -12.16 -18.81
CA ARG B 108 -22.13 -11.86 -20.23
C ARG B 108 -23.55 -12.12 -20.67
N MET B 109 -24.03 -11.29 -21.60
CA MET B 109 -25.42 -11.27 -22.02
C MET B 109 -25.48 -11.38 -23.52
N ILE B 110 -26.32 -12.28 -24.02
CA ILE B 110 -26.65 -12.40 -25.44
C ILE B 110 -28.16 -12.40 -25.54
N ARG B 111 -28.72 -11.41 -26.24
CA ARG B 111 -30.17 -11.31 -26.44
C ARG B 111 -30.43 -11.10 -27.93
N LEU B 112 -31.09 -12.07 -28.54
CA LEU B 112 -31.46 -12.01 -29.95
C LEU B 112 -32.90 -11.50 -30.06
N HIS B 113 -33.10 -10.53 -30.93
CA HIS B 113 -34.41 -9.94 -31.17
C HIS B 113 -35.02 -10.53 -32.43
N PRO B 114 -36.33 -10.34 -32.64
CA PRO B 114 -36.96 -10.97 -33.82
C PRO B 114 -36.37 -10.55 -35.15
N ASP B 115 -35.94 -9.29 -35.30
CA ASP B 115 -35.42 -8.79 -36.56
C ASP B 115 -33.91 -9.01 -36.69
N GLY B 116 -33.34 -9.94 -35.94
CA GLY B 116 -31.92 -10.17 -36.00
C GLY B 116 -31.08 -9.09 -35.36
N THR B 117 -31.64 -8.32 -34.43
CA THR B 117 -30.90 -7.29 -33.71
C THR B 117 -30.32 -7.90 -32.45
N VAL B 118 -29.00 -7.89 -32.34
CA VAL B 118 -28.26 -8.56 -31.28
C VAL B 118 -27.89 -7.53 -30.21
N LEU B 119 -28.12 -7.89 -28.95
CA LEU B 119 -27.62 -7.16 -27.79
C LEU B 119 -26.56 -8.03 -27.12
N TYR B 120 -25.38 -7.45 -26.92
CA TYR B 120 -24.23 -8.14 -26.33
C TYR B 120 -23.77 -7.34 -25.13
N GLY B 121 -23.95 -7.87 -23.93
CA GLY B 121 -23.67 -7.16 -22.69
C GLY B 121 -22.48 -7.77 -21.97
N LEU B 122 -21.63 -6.91 -21.40
CA LEU B 122 -20.47 -7.34 -20.64
C LEU B 122 -20.35 -6.49 -19.38
N ARG B 123 -19.98 -7.12 -18.27
CA ARG B 123 -19.71 -6.44 -17.02
C ARG B 123 -18.19 -6.38 -16.83
N ILE B 124 -17.61 -5.22 -17.09
CA ILE B 124 -16.15 -5.08 -17.23
C ILE B 124 -15.63 -4.29 -16.05
N THR B 125 -14.42 -4.63 -15.61
CA THR B 125 -13.65 -3.82 -14.67
C THR B 125 -12.32 -3.51 -15.32
N THR B 126 -12.00 -2.23 -15.45
CA THR B 126 -10.83 -1.79 -16.19
C THR B 126 -10.10 -0.70 -15.42
N THR B 127 -8.78 -0.78 -15.39
CA THR B 127 -7.92 0.26 -14.80
C THR B 127 -7.40 1.11 -15.96
N ALA B 128 -8.09 2.21 -16.21
CA ALA B 128 -7.78 3.07 -17.35
C ALA B 128 -6.79 4.15 -16.95
N ALA B 129 -5.86 4.45 -17.86
CA ALA B 129 -4.86 5.46 -17.59
C ALA B 129 -5.46 6.85 -17.68
N CYS B 130 -5.06 7.72 -16.76
CA CYS B 130 -5.50 9.12 -16.74
C CYS B 130 -4.36 9.96 -16.21
N MET B 131 -3.56 10.51 -17.11
CA MET B 131 -2.46 11.38 -16.69
C MET B 131 -3.01 12.67 -16.11
N MET B 132 -2.38 13.13 -15.03
CA MET B 132 -2.88 14.25 -14.23
C MET B 132 -1.83 15.35 -14.19
N ASP B 133 -2.32 16.59 -14.19
CA ASP B 133 -1.47 17.78 -14.09
C ASP B 133 -1.66 18.35 -12.68
N LEU B 134 -0.71 18.09 -11.80
CA LEU B 134 -0.83 18.42 -10.38
C LEU B 134 -0.24 19.78 -10.04
N ARG B 135 -0.20 20.71 -11.00
CA ARG B 135 0.33 22.03 -10.70
C ARG B 135 -0.61 22.84 -9.80
N ARG B 136 -1.88 22.44 -9.69
CA ARG B 136 -2.84 23.09 -8.81
C ARG B 136 -3.31 22.16 -7.69
N TYR B 137 -2.57 21.08 -7.44
CA TYR B 137 -2.95 20.13 -6.41
C TYR B 137 -2.89 20.80 -5.04
N PRO B 138 -3.88 20.59 -4.16
CA PRO B 138 -5.10 19.78 -4.23
C PRO B 138 -6.32 20.50 -4.80
N LEU B 139 -6.13 21.70 -5.37
CA LEU B 139 -7.23 22.44 -5.97
C LEU B 139 -7.42 22.11 -7.44
N ASP B 140 -6.77 21.06 -7.94
CA ASP B 140 -6.81 20.71 -9.36
C ASP B 140 -8.21 20.26 -9.77
N GLU B 141 -8.39 20.12 -11.09
CA GLU B 141 -9.63 19.63 -11.69
C GLU B 141 -9.23 18.77 -12.90
N GLN B 142 -9.24 17.46 -12.70
CA GLN B 142 -8.66 16.54 -13.67
C GLN B 142 -9.63 16.11 -14.75
N ASN B 143 -9.05 15.68 -15.88
CA ASN B 143 -9.86 15.21 -17.04
C ASN B 143 -9.47 13.74 -17.31
N CYS B 144 -10.37 12.80 -17.01
CA CYS B 144 -10.12 11.37 -17.17
C CYS B 144 -11.09 10.80 -18.20
N THR B 145 -10.53 10.09 -19.17
CA THR B 145 -11.28 9.65 -20.36
C THR B 145 -11.07 8.16 -20.59
N LEU B 146 -12.09 7.54 -21.17
CA LEU B 146 -12.02 6.18 -21.70
C LEU B 146 -12.26 6.25 -23.20
N GLU B 147 -11.37 5.64 -23.97
CA GLU B 147 -11.35 5.73 -25.42
C GLU B 147 -11.67 4.35 -25.99
N ILE B 148 -12.89 4.20 -26.52
CA ILE B 148 -13.33 2.96 -27.13
C ILE B 148 -13.04 3.01 -28.61
N GLU B 149 -12.50 1.92 -29.16
CA GLU B 149 -12.06 1.91 -30.55
C GLU B 149 -12.20 0.51 -31.13
N SER B 150 -12.43 0.45 -32.44
CA SER B 150 -12.38 -0.81 -33.17
C SER B 150 -10.94 -1.16 -33.50
N TYR B 151 -10.59 -2.43 -33.32
CA TYR B 151 -9.19 -2.82 -33.52
C TYR B 151 -8.88 -3.05 -34.98
N GLY B 152 -9.54 -4.02 -35.61
CA GLY B 152 -9.19 -4.41 -36.97
C GLY B 152 -10.07 -3.79 -38.04
N TYR B 153 -11.31 -3.49 -37.69
CA TYR B 153 -12.30 -3.04 -38.67
C TYR B 153 -12.16 -1.53 -38.86
N THR B 154 -11.89 -1.12 -40.10
CA THR B 154 -11.79 0.29 -40.43
C THR B 154 -13.18 0.92 -40.44
N THR B 155 -13.22 2.23 -40.67
CA THR B 155 -14.49 2.94 -40.69
C THR B 155 -15.41 2.48 -41.82
N ASP B 156 -14.85 1.87 -42.87
CA ASP B 156 -15.67 1.35 -43.95
C ASP B 156 -16.40 0.07 -43.57
N ASP B 157 -15.92 -0.66 -42.55
CA ASP B 157 -16.51 -1.92 -42.13
C ASP B 157 -17.40 -1.79 -40.90
N ILE B 158 -17.22 -0.75 -40.08
CA ILE B 158 -17.94 -0.62 -38.83
C ILE B 158 -18.05 0.86 -38.49
N GLU B 159 -19.12 1.20 -37.76
CA GLU B 159 -19.38 2.57 -37.34
C GLU B 159 -19.95 2.55 -35.94
N PHE B 160 -19.35 3.33 -35.04
CA PHE B 160 -19.78 3.42 -33.66
C PHE B 160 -20.56 4.71 -33.41
N TYR B 161 -21.58 4.59 -32.57
CA TYR B 161 -22.35 5.76 -32.15
C TYR B 161 -22.92 5.47 -30.76
N TRP B 162 -23.20 6.54 -30.02
CA TRP B 162 -23.75 6.41 -28.69
C TRP B 162 -25.25 6.17 -28.79
N ARG B 163 -25.71 5.04 -28.26
CA ARG B 163 -27.12 4.66 -28.36
C ARG B 163 -27.89 5.43 -27.28
N GLY B 164 -28.36 6.61 -27.65
CA GLY B 164 -29.07 7.50 -26.74
C GLY B 164 -28.69 8.96 -26.89
N GLY B 165 -27.62 9.24 -27.65
CA GLY B 165 -27.20 10.60 -27.88
C GLY B 165 -26.37 11.15 -26.73
N ASP B 166 -27.05 11.46 -25.62
CA ASP B 166 -26.40 11.94 -24.40
C ASP B 166 -26.72 11.09 -23.18
N LYS B 167 -27.74 10.23 -23.25
CA LYS B 167 -28.12 9.36 -22.15
C LYS B 167 -27.54 7.96 -22.30
N ALA B 168 -26.57 7.77 -23.21
CA ALA B 168 -25.96 6.45 -23.37
C ALA B 168 -25.25 6.02 -22.09
N VAL B 169 -24.52 6.93 -21.47
CA VAL B 169 -23.87 6.69 -20.19
C VAL B 169 -24.83 7.09 -19.08
N THR B 170 -25.04 6.19 -18.12
CA THR B 170 -25.98 6.41 -17.03
C THR B 170 -25.30 6.05 -15.72
N GLY B 171 -25.88 6.56 -14.64
CA GLY B 171 -25.38 6.29 -13.30
C GLY B 171 -24.23 7.17 -12.86
N VAL B 172 -23.87 8.19 -13.65
CA VAL B 172 -22.76 9.06 -13.26
C VAL B 172 -23.10 9.85 -12.00
N GLU B 173 -24.33 10.38 -11.93
CA GLU B 173 -24.71 11.20 -10.78
C GLU B 173 -24.69 10.40 -9.48
N ARG B 174 -24.95 9.09 -9.54
CA ARG B 174 -24.94 8.27 -8.35
C ARG B 174 -23.55 7.90 -7.88
N ILE B 175 -22.50 8.21 -8.65
CA ILE B 175 -21.15 7.89 -8.23
C ILE B 175 -20.74 8.82 -7.11
N GLU B 176 -20.14 8.26 -6.07
CA GLU B 176 -19.55 9.02 -4.97
C GLU B 176 -18.14 8.50 -4.74
N LEU B 177 -17.22 9.43 -4.48
CA LEU B 177 -15.82 9.12 -4.24
C LEU B 177 -15.38 9.76 -2.94
N PRO B 178 -14.49 9.13 -2.18
CA PRO B 178 -14.02 9.78 -0.94
C PRO B 178 -13.33 11.11 -1.18
N GLN B 179 -12.59 11.25 -2.28
CA GLN B 179 -11.75 12.42 -2.53
C GLN B 179 -12.35 13.37 -3.55
N PHE B 180 -12.69 12.87 -4.73
CA PHE B 180 -13.13 13.70 -5.83
C PHE B 180 -14.65 13.89 -5.80
N SER B 181 -15.15 14.63 -6.79
CA SER B 181 -16.59 14.82 -6.95
C SER B 181 -16.84 15.14 -8.41
N ILE B 182 -17.61 14.28 -9.09
CA ILE B 182 -17.83 14.43 -10.52
C ILE B 182 -18.66 15.69 -10.77
N VAL B 183 -18.16 16.55 -11.65
CA VAL B 183 -18.85 17.77 -12.01
C VAL B 183 -19.47 17.70 -13.41
N GLU B 184 -18.89 16.93 -14.33
CA GLU B 184 -19.41 16.84 -15.68
C GLU B 184 -18.89 15.59 -16.35
N HIS B 185 -19.70 15.05 -17.27
CA HIS B 185 -19.31 13.94 -18.13
C HIS B 185 -19.76 14.24 -19.54
N ARG B 186 -18.95 13.82 -20.51
CA ARG B 186 -19.15 14.17 -21.91
C ARG B 186 -18.88 12.97 -22.80
N LEU B 187 -19.70 12.83 -23.84
CA LEU B 187 -19.58 11.77 -24.83
C LEU B 187 -19.20 12.39 -26.17
N VAL B 188 -18.22 11.79 -26.84
CA VAL B 188 -17.73 12.28 -28.12
C VAL B 188 -17.56 11.10 -29.07
N SER B 189 -17.86 11.32 -30.35
CA SER B 189 -17.66 10.33 -31.40
C SER B 189 -16.90 10.96 -32.55
N ARG B 190 -15.93 10.22 -33.09
CA ARG B 190 -15.07 10.75 -34.14
C ARG B 190 -14.40 9.58 -34.86
N ASN B 191 -13.45 9.90 -35.74
CA ASN B 191 -12.65 8.91 -36.45
C ASN B 191 -11.18 9.29 -36.32
N VAL B 192 -10.36 8.32 -35.92
CA VAL B 192 -8.93 8.50 -35.78
C VAL B 192 -8.24 7.80 -36.94
N VAL B 193 -6.99 8.19 -37.20
CA VAL B 193 -6.16 7.61 -38.24
C VAL B 193 -4.90 7.05 -37.59
N PHE B 194 -4.61 5.78 -37.87
CA PHE B 194 -3.43 5.08 -37.38
C PHE B 194 -2.55 4.72 -38.56
N ALA B 195 -1.46 4.00 -38.29
CA ALA B 195 -0.54 3.59 -39.34
C ALA B 195 -1.15 2.58 -40.30
N THR B 196 -2.30 2.00 -39.99
CA THR B 196 -2.96 0.99 -40.83
C THR B 196 -4.43 1.34 -41.03
N GLY B 197 -4.70 2.59 -41.39
CA GLY B 197 -6.02 3.02 -41.83
C GLY B 197 -6.73 3.87 -40.79
N ALA B 198 -7.98 4.20 -41.12
CA ALA B 198 -8.83 5.05 -40.29
C ALA B 198 -9.85 4.19 -39.56
N TYR B 199 -9.90 4.34 -38.24
CA TYR B 199 -10.79 3.60 -37.36
C TYR B 199 -11.79 4.54 -36.70
N PRO B 200 -12.94 4.05 -36.24
CA PRO B 200 -13.85 4.89 -35.46
C PRO B 200 -13.36 5.03 -34.02
N ARG B 201 -13.98 5.95 -33.29
CA ARG B 201 -13.56 6.22 -31.93
C ARG B 201 -14.72 6.83 -31.17
N LEU B 202 -14.93 6.35 -29.94
CA LEU B 202 -15.81 6.96 -28.98
C LEU B 202 -15.00 7.34 -27.74
N SER B 203 -15.43 8.38 -27.05
CA SER B 203 -14.70 8.92 -25.92
C SER B 203 -15.69 9.31 -24.83
N LEU B 204 -15.50 8.74 -23.64
CA LEU B 204 -16.31 9.04 -22.45
C LEU B 204 -15.39 9.72 -21.46
N SER B 205 -15.61 11.01 -21.20
CA SER B 205 -14.68 11.83 -20.43
C SER B 205 -15.40 12.44 -19.23
N PHE B 206 -14.89 12.16 -18.04
CA PHE B 206 -15.35 12.78 -16.80
C PHE B 206 -14.37 13.87 -16.40
N ARG B 207 -14.91 14.90 -15.72
CA ARG B 207 -14.10 15.92 -15.07
C ARG B 207 -14.27 15.77 -13.57
N LEU B 208 -13.16 15.56 -12.87
CA LEU B 208 -13.17 15.29 -11.43
C LEU B 208 -12.56 16.47 -10.69
N LYS B 209 -13.33 17.06 -9.78
CA LYS B 209 -12.87 18.18 -8.97
C LYS B 209 -12.50 17.64 -7.59
N ARG B 210 -11.27 17.91 -7.15
CA ARG B 210 -10.77 17.35 -5.90
C ARG B 210 -11.31 18.15 -4.72
N ASN B 211 -11.77 17.43 -3.69
CA ASN B 211 -12.24 18.08 -2.48
C ASN B 211 -11.07 18.65 -1.69
N ILE B 212 -11.38 19.64 -0.86
CA ILE B 212 -10.37 20.40 -0.13
C ILE B 212 -10.40 20.14 1.37
N GLY B 213 -11.47 19.54 1.90
CA GLY B 213 -11.61 19.41 3.35
C GLY B 213 -10.49 18.61 3.98
N TYR B 214 -10.09 17.50 3.34
CA TYR B 214 -9.03 16.67 3.89
C TYR B 214 -7.73 17.44 4.03
N PHE B 215 -7.39 18.23 3.01
CA PHE B 215 -6.13 18.97 3.05
C PHE B 215 -6.22 20.17 3.99
N ILE B 216 -7.42 20.70 4.21
CA ILE B 216 -7.59 21.71 5.25
C ILE B 216 -7.34 21.10 6.62
N LEU B 217 -7.84 19.88 6.84
CA LEU B 217 -7.62 19.23 8.13
C LEU B 217 -6.16 18.89 8.34
N GLN B 218 -5.50 18.33 7.33
CA GLN B 218 -4.21 17.68 7.52
C GLN B 218 -3.01 18.57 7.24
N THR B 219 -3.11 19.52 6.31
CA THR B 219 -1.97 20.32 5.89
C THR B 219 -2.12 21.80 6.24
N TYR B 220 -3.18 22.46 5.80
CA TYR B 220 -3.25 23.91 5.92
C TYR B 220 -3.39 24.34 7.37
N MET B 221 -4.31 23.71 8.10
CA MET B 221 -4.53 24.10 9.49
C MET B 221 -3.31 23.86 10.37
N PRO B 222 -2.67 22.67 10.36
CA PRO B 222 -1.42 22.54 11.14
C PRO B 222 -0.35 23.52 10.75
N SER B 223 -0.18 23.82 9.46
CA SER B 223 0.83 24.77 9.05
C SER B 223 0.54 26.16 9.60
N ILE B 224 -0.71 26.60 9.47
CA ILE B 224 -1.10 27.89 10.00
C ILE B 224 -0.86 27.94 11.50
N LEU B 225 -1.28 26.89 12.21
CA LEU B 225 -1.18 26.90 13.66
C LEU B 225 0.26 26.89 14.12
N ILE B 226 1.13 26.17 13.41
CA ILE B 226 2.55 26.20 13.74
C ILE B 226 3.12 27.60 13.50
N THR B 227 2.64 28.29 12.46
CA THR B 227 3.11 29.65 12.24
C THR B 227 2.68 30.58 13.37
N ILE B 228 1.42 30.47 13.82
CA ILE B 228 0.99 31.30 14.95
C ILE B 228 1.77 30.93 16.19
N LEU B 229 2.10 29.65 16.37
CA LEU B 229 2.94 29.27 17.49
C LEU B 229 4.29 29.95 17.40
N SER B 230 4.88 29.99 16.21
CA SER B 230 6.18 30.62 16.04
C SER B 230 6.11 32.12 16.33
N TRP B 231 4.97 32.76 16.05
CA TRP B 231 4.86 34.18 16.36
C TRP B 231 4.96 34.48 17.85
N VAL B 232 4.73 33.50 18.72
CA VAL B 232 4.71 33.75 20.16
C VAL B 232 6.07 34.25 20.64
N SER B 233 7.15 33.91 19.95
CA SER B 233 8.47 34.32 20.40
C SER B 233 8.65 35.83 20.37
N PHE B 234 7.83 36.56 19.63
CA PHE B 234 7.93 38.02 19.62
C PHE B 234 7.61 38.60 20.99
N TRP B 235 6.70 37.98 21.72
CA TRP B 235 6.20 38.53 22.97
C TRP B 235 6.97 38.04 24.19
N ILE B 236 7.95 37.14 24.02
CA ILE B 236 8.53 36.46 25.18
C ILE B 236 9.46 37.41 25.91
N ASN B 237 10.59 37.76 25.30
CA ASN B 237 11.57 38.65 25.91
C ASN B 237 12.72 38.80 24.93
N TYR B 238 13.67 39.67 25.28
CA TYR B 238 14.88 39.83 24.50
C TYR B 238 16.04 38.99 25.04
N ASP B 239 16.01 38.65 26.33
CA ASP B 239 17.11 37.92 26.97
C ASP B 239 16.83 36.45 27.19
N ALA B 240 15.57 36.02 27.11
CA ALA B 240 15.22 34.60 27.29
C ALA B 240 15.63 33.86 26.03
N SER B 241 16.93 33.60 25.92
CA SER B 241 17.48 33.12 24.66
C SER B 241 17.04 31.69 24.38
N ALA B 242 17.14 30.81 25.38
CA ALA B 242 16.82 29.39 25.16
C ALA B 242 15.36 29.22 24.75
N ALA B 243 14.46 29.95 25.41
CA ALA B 243 13.04 29.82 25.12
C ALA B 243 12.72 30.20 23.69
N ARG B 244 13.15 31.38 23.25
CA ARG B 244 12.84 31.81 21.89
C ARG B 244 13.57 30.99 20.85
N VAL B 245 14.79 30.54 21.16
CA VAL B 245 15.54 29.72 20.20
C VAL B 245 14.82 28.40 19.98
N ALA B 246 14.40 27.74 21.06
CA ALA B 246 13.63 26.51 20.91
C ALA B 246 12.33 26.76 20.18
N LEU B 247 11.60 27.80 20.59
CA LEU B 247 10.31 28.10 20.01
C LEU B 247 10.41 28.41 18.52
N GLY B 248 11.57 28.88 18.07
CA GLY B 248 11.77 29.13 16.66
C GLY B 248 12.17 27.89 15.88
N ILE B 249 13.27 27.24 16.28
CA ILE B 249 13.80 26.16 15.46
C ILE B 249 12.85 24.96 15.47
N THR B 250 12.17 24.73 16.59
CA THR B 250 11.22 23.63 16.65
C THR B 250 10.10 23.81 15.64
N THR B 251 9.55 25.02 15.55
CA THR B 251 8.51 25.28 14.56
C THR B 251 9.06 25.16 13.14
N VAL B 252 10.27 25.65 12.91
CA VAL B 252 10.88 25.57 11.58
C VAL B 252 10.98 24.12 11.13
N LEU B 253 11.52 23.27 11.99
CA LEU B 253 11.69 21.87 11.61
C LEU B 253 10.36 21.14 11.55
N THR B 254 9.37 21.55 12.35
CA THR B 254 8.05 20.96 12.20
C THR B 254 7.49 21.25 10.83
N MET B 255 7.65 22.48 10.35
CA MET B 255 7.19 22.81 9.01
C MET B 255 7.90 21.97 7.96
N THR B 256 9.22 21.81 8.10
CA THR B 256 9.97 21.01 7.12
C THR B 256 9.50 19.56 7.13
N THR B 257 9.33 18.98 8.32
CA THR B 257 8.89 17.59 8.41
C THR B 257 7.49 17.42 7.85
N ILE B 258 6.60 18.38 8.11
CA ILE B 258 5.26 18.32 7.55
C ILE B 258 5.33 18.32 6.03
N ASN B 259 6.16 19.19 5.46
CA ASN B 259 6.27 19.27 4.01
C ASN B 259 6.74 17.94 3.42
N THR B 260 7.85 17.41 3.94
CA THR B 260 8.40 16.20 3.34
C THR B 260 7.50 14.99 3.56
N HIS B 261 6.90 14.87 4.75
CA HIS B 261 6.04 13.73 5.03
C HIS B 261 4.75 13.79 4.23
N LEU B 262 4.24 14.99 3.96
CA LEU B 262 3.08 15.08 3.09
C LEU B 262 3.43 14.71 1.66
N ARG B 263 4.54 15.25 1.15
CA ARG B 263 4.83 15.10 -0.28
C ARG B 263 5.45 13.76 -0.64
N GLU B 264 5.93 12.99 0.33
CA GLU B 264 6.42 11.65 -0.02
C GLU B 264 5.30 10.69 -0.44
N THR B 265 4.04 11.05 -0.24
CA THR B 265 2.91 10.20 -0.60
C THR B 265 2.38 10.45 -2.01
N LEU B 266 3.05 11.30 -2.78
CA LEU B 266 2.66 11.67 -4.14
C LEU B 266 3.71 11.19 -5.13
N PRO B 267 3.40 11.21 -6.43
CA PRO B 267 4.41 10.82 -7.41
C PRO B 267 5.53 11.84 -7.48
N LYS B 268 6.68 11.39 -8.00
CA LYS B 268 7.90 12.20 -8.03
C LYS B 268 7.85 13.21 -9.16
N ILE B 269 6.90 14.13 -9.05
CA ILE B 269 6.66 15.15 -10.09
C ILE B 269 7.84 16.10 -10.16
N PRO B 270 8.10 16.75 -11.30
CA PRO B 270 9.22 17.69 -11.40
C PRO B 270 8.87 19.15 -11.12
N TYR B 271 7.62 19.49 -10.83
CA TYR B 271 7.18 20.87 -10.66
C TYR B 271 6.62 21.07 -9.26
N VAL B 272 6.43 22.34 -8.90
CA VAL B 272 5.97 22.71 -7.57
C VAL B 272 4.46 22.85 -7.59
N LYS B 273 3.81 22.33 -6.55
CA LYS B 273 2.36 22.33 -6.42
C LYS B 273 1.90 23.51 -5.56
N ALA B 274 0.59 23.71 -5.52
CA ALA B 274 0.03 24.74 -4.68
C ALA B 274 0.30 24.46 -3.20
N ILE B 275 0.17 23.20 -2.79
CA ILE B 275 0.47 22.83 -1.41
C ILE B 275 1.94 23.11 -1.11
N ASP B 276 2.81 22.87 -2.08
CA ASP B 276 4.22 23.17 -1.90
C ASP B 276 4.44 24.67 -1.75
N MET B 277 3.73 25.48 -2.52
CA MET B 277 3.86 26.93 -2.38
C MET B 277 3.43 27.37 -0.99
N TYR B 278 2.32 26.83 -0.48
CA TYR B 278 1.87 27.20 0.85
C TYR B 278 2.88 26.78 1.91
N LEU B 279 3.43 25.56 1.79
CA LEU B 279 4.37 25.08 2.79
C LEU B 279 5.66 25.89 2.76
N MET B 280 6.15 26.23 1.57
CA MET B 280 7.33 27.10 1.49
C MET B 280 7.05 28.49 2.06
N GLY B 281 5.85 29.02 1.85
CA GLY B 281 5.50 30.30 2.45
C GLY B 281 5.52 30.24 3.97
N CYS B 282 4.92 29.20 4.55
CA CYS B 282 4.95 29.06 6.00
C CYS B 282 6.37 28.88 6.51
N PHE B 283 7.19 28.12 5.77
CA PHE B 283 8.58 27.96 6.14
C PHE B 283 9.31 29.30 6.14
N VAL B 284 9.05 30.12 5.11
CA VAL B 284 9.69 31.43 5.05
C VAL B 284 9.28 32.27 6.24
N PHE B 285 8.00 32.22 6.63
CA PHE B 285 7.55 33.03 7.75
C PHE B 285 8.23 32.62 9.06
N VAL B 286 8.26 31.31 9.34
CA VAL B 286 8.87 30.87 10.60
C VAL B 286 10.37 31.12 10.58
N PHE B 287 11.02 30.94 9.43
CA PHE B 287 12.44 31.20 9.33
C PHE B 287 12.74 32.68 9.55
N LEU B 288 11.88 33.56 9.04
CA LEU B 288 12.07 34.99 9.27
C LEU B 288 11.84 35.35 10.73
N ALA B 289 10.92 34.66 11.41
CA ALA B 289 10.78 34.91 12.85
C ALA B 289 12.05 34.52 13.60
N LEU B 290 12.64 33.37 13.26
CA LEU B 290 13.89 33.00 13.89
C LEU B 290 14.98 34.02 13.56
N LEU B 291 15.03 34.47 12.31
CA LEU B 291 16.07 35.40 11.91
C LEU B 291 15.91 36.75 12.60
N GLU B 292 14.69 37.23 12.82
CA GLU B 292 14.58 38.52 13.49
C GLU B 292 14.91 38.38 14.96
N TYR B 293 14.65 37.21 15.56
CA TYR B 293 15.17 37.01 16.91
C TYR B 293 16.69 37.09 16.92
N ALA B 294 17.35 36.41 15.97
CA ALA B 294 18.81 36.49 15.90
C ALA B 294 19.27 37.92 15.66
N PHE B 295 18.49 38.67 14.89
CA PHE B 295 18.84 40.06 14.59
C PHE B 295 18.79 40.92 15.85
N VAL B 296 17.73 40.79 16.66
CA VAL B 296 17.65 41.59 17.88
C VAL B 296 18.71 41.15 18.88
N ASN B 297 19.01 39.85 18.93
CA ASN B 297 20.07 39.39 19.82
C ASN B 297 21.42 39.98 19.42
N TYR B 298 21.70 40.01 18.11
CA TYR B 298 22.94 40.62 17.65
C TYR B 298 22.96 42.12 17.93
N ILE B 299 21.82 42.79 17.74
CA ILE B 299 21.75 44.23 17.97
C ILE B 299 22.03 44.55 19.43
N PHE B 300 21.43 43.79 20.35
CA PHE B 300 21.62 44.08 21.77
C PHE B 300 23.00 43.63 22.24
N PHE B 301 23.28 42.33 22.16
CA PHE B 301 24.52 41.82 22.73
C PHE B 301 25.73 42.13 21.85
N GLY B 302 25.56 42.17 20.54
CA GLY B 302 26.67 42.40 19.64
C GLY B 302 27.04 43.86 19.51
N ARG B 303 26.06 44.68 19.13
CA ARG B 303 26.28 46.11 18.91
C ARG B 303 26.12 46.95 20.18
N GLY B 304 25.69 46.34 21.28
CA GLY B 304 25.45 47.07 22.51
C GLY B 304 26.66 47.82 23.03
N PRO B 305 27.70 47.09 23.45
CA PRO B 305 28.90 47.78 23.97
C PRO B 305 29.56 48.70 22.97
N GLN B 306 29.58 48.33 21.68
CA GLN B 306 30.23 49.18 20.68
C GLN B 306 29.52 50.52 20.56
N ARG B 307 28.20 50.49 20.37
CA ARG B 307 27.44 51.73 20.23
C ARG B 307 27.45 52.53 21.53
N GLN B 308 27.39 51.84 22.68
CA GLN B 308 27.42 52.54 23.95
C GLN B 308 28.74 53.29 24.15
N LYS B 309 29.86 52.65 23.79
CA LYS B 309 31.14 53.33 23.83
C LYS B 309 31.19 54.46 22.81
N LYS B 310 30.53 54.31 21.66
CA LYS B 310 30.53 55.36 20.66
C LYS B 310 29.82 56.63 21.13
N LEU B 311 29.00 56.55 22.17
CA LEU B 311 28.34 57.73 22.71
C LEU B 311 29.36 58.71 23.28
N LYS B 407 6.18 51.19 9.35
CA LYS B 407 7.49 51.63 8.90
C LYS B 407 8.58 50.74 9.48
N ILE B 408 9.81 50.91 8.99
CA ILE B 408 10.92 50.07 9.40
C ILE B 408 11.24 50.35 10.87
N PRO B 409 11.81 49.39 11.61
CA PRO B 409 12.13 49.65 13.02
C PRO B 409 13.49 50.29 13.20
N ASP B 410 13.56 51.25 14.11
CA ASP B 410 14.82 51.92 14.41
C ASP B 410 15.77 50.96 15.11
N LEU B 411 17.06 51.13 14.83
CA LEU B 411 18.11 50.31 15.42
C LEU B 411 18.57 50.84 16.78
N THR B 412 17.97 51.92 17.28
CA THR B 412 18.38 52.45 18.57
C THR B 412 17.99 51.50 19.71
N ASP B 413 16.80 50.91 19.64
CA ASP B 413 16.29 50.03 20.68
C ASP B 413 15.66 48.81 20.03
N VAL B 414 15.65 47.70 20.77
CA VAL B 414 15.12 46.43 20.26
C VAL B 414 13.64 46.24 20.56
N ASN B 415 13.11 46.88 21.60
CA ASN B 415 11.69 46.76 21.89
C ASN B 415 10.86 47.29 20.73
N ALA B 416 11.34 48.32 20.05
CA ALA B 416 10.68 48.80 18.85
C ALA B 416 10.65 47.71 17.78
N ILE B 417 11.76 47.00 17.61
CA ILE B 417 11.81 45.91 16.63
C ILE B 417 10.79 44.85 16.99
N ASP B 418 10.72 44.47 18.26
CA ASP B 418 9.77 43.44 18.67
C ASP B 418 8.33 43.89 18.44
N ARG B 419 8.01 45.13 18.79
CA ARG B 419 6.65 45.62 18.57
C ARG B 419 6.30 45.65 17.10
N TRP B 420 7.22 46.13 16.26
CA TRP B 420 6.94 46.17 14.83
C TRP B 420 6.79 44.77 14.25
N SER B 421 7.58 43.81 14.75
CA SER B 421 7.40 42.43 14.31
C SER B 421 6.03 41.91 14.72
N ARG B 422 5.60 42.24 15.94
CA ARG B 422 4.29 41.79 16.40
C ARG B 422 3.19 42.32 15.48
N ILE B 423 3.28 43.59 15.09
CA ILE B 423 2.26 44.15 14.21
C ILE B 423 2.37 43.57 12.80
N VAL B 424 3.60 43.36 12.32
CA VAL B 424 3.81 43.10 10.90
C VAL B 424 3.53 41.63 10.56
N PHE B 425 4.04 40.70 11.35
CA PHE B 425 4.01 39.29 10.94
C PHE B 425 2.61 38.75 10.76
N PRO B 426 1.66 38.92 11.69
CA PRO B 426 0.30 38.45 11.43
C PRO B 426 -0.37 39.13 10.24
N PHE B 427 -0.15 40.44 10.08
CA PHE B 427 -0.73 41.14 8.95
C PHE B 427 -0.17 40.60 7.63
N THR B 428 1.15 40.40 7.57
CA THR B 428 1.76 39.87 6.36
C THR B 428 1.26 38.45 6.07
N PHE B 429 1.12 37.63 7.11
CA PHE B 429 0.65 36.26 6.90
C PHE B 429 -0.79 36.25 6.40
N SER B 430 -1.65 37.10 6.96
CA SER B 430 -3.03 37.16 6.49
C SER B 430 -3.09 37.64 5.05
N LEU B 431 -2.26 38.63 4.70
CA LEU B 431 -2.21 39.09 3.32
C LEU B 431 -1.74 37.99 2.38
N PHE B 432 -0.74 37.22 2.81
CA PHE B 432 -0.25 36.12 2.00
C PHE B 432 -1.34 35.07 1.79
N ASN B 433 -2.07 34.74 2.85
CA ASN B 433 -3.18 33.80 2.71
C ASN B 433 -4.23 34.33 1.73
N LEU B 434 -4.57 35.61 1.84
CA LEU B 434 -5.57 36.17 0.94
C LEU B 434 -5.11 36.07 -0.51
N VAL B 435 -3.85 36.45 -0.77
CA VAL B 435 -3.33 36.41 -2.14
C VAL B 435 -3.32 34.97 -2.65
N TYR B 436 -2.84 34.03 -1.83
CA TYR B 436 -2.72 32.64 -2.26
C TYR B 436 -4.10 32.04 -2.57
N TRP B 437 -5.05 32.20 -1.64
CA TRP B 437 -6.37 31.62 -1.86
C TRP B 437 -7.07 32.27 -3.03
N LEU B 438 -6.93 33.60 -3.20
CA LEU B 438 -7.55 34.25 -4.34
C LEU B 438 -6.97 33.77 -5.65
N TYR B 439 -5.65 33.57 -5.71
CA TYR B 439 -5.03 33.12 -6.95
C TYR B 439 -5.40 31.69 -7.28
N TYR B 440 -5.30 30.79 -6.30
CA TYR B 440 -5.43 29.37 -6.59
C TYR B 440 -6.87 28.86 -6.60
N VAL B 441 -7.81 29.65 -6.10
CA VAL B 441 -9.22 29.26 -6.16
C VAL B 441 -9.81 29.73 -7.48
N GLY C 1 -24.33 -48.07 -13.73
CA GLY C 1 -25.31 -48.98 -14.29
C GLY C 1 -26.58 -48.29 -14.73
N ASP C 2 -27.62 -48.38 -13.90
CA ASP C 2 -28.88 -47.70 -14.21
C ASP C 2 -28.68 -46.18 -14.22
N VAL C 3 -27.84 -45.68 -13.32
CA VAL C 3 -27.61 -44.23 -13.24
C VAL C 3 -26.94 -43.73 -14.51
N THR C 4 -26.04 -44.54 -15.08
CA THR C 4 -25.37 -44.14 -16.31
C THR C 4 -26.36 -43.93 -17.44
N VAL C 5 -27.24 -44.90 -17.66
CA VAL C 5 -28.23 -44.77 -18.73
C VAL C 5 -29.22 -43.65 -18.40
N ILE C 6 -29.53 -43.44 -17.12
CA ILE C 6 -30.43 -42.36 -16.75
C ILE C 6 -29.83 -41.01 -17.13
N LEU C 7 -28.55 -40.80 -16.80
CA LEU C 7 -27.90 -39.55 -17.17
C LEU C 7 -27.79 -39.41 -18.68
N ASN C 8 -27.49 -40.51 -19.38
CA ASN C 8 -27.40 -40.44 -20.84
C ASN C 8 -28.73 -40.06 -21.45
N ASN C 9 -29.83 -40.61 -20.95
CA ASN C 9 -31.15 -40.21 -21.42
C ASN C 9 -31.43 -38.75 -21.10
N LEU C 10 -31.00 -38.29 -19.92
CA LEU C 10 -31.22 -36.90 -19.56
C LEU C 10 -30.49 -35.95 -20.52
N LEU C 11 -29.24 -36.28 -20.86
CA LEU C 11 -28.42 -35.33 -21.60
C LEU C 11 -28.82 -35.23 -23.06
N GLU C 12 -29.16 -36.36 -23.70
CA GLU C 12 -29.49 -36.34 -25.11
C GLU C 12 -30.74 -35.49 -25.34
N GLY C 13 -30.69 -34.63 -26.36
CA GLY C 13 -31.79 -33.72 -26.63
C GLY C 13 -31.90 -32.58 -25.66
N TYR C 14 -30.88 -32.35 -24.83
CA TYR C 14 -30.88 -31.26 -23.85
C TYR C 14 -30.08 -30.09 -24.43
N ASP C 15 -30.72 -28.93 -24.50
CA ASP C 15 -30.09 -27.71 -24.98
C ASP C 15 -29.84 -26.80 -23.78
N ASN C 16 -28.60 -26.75 -23.32
CA ASN C 16 -28.25 -25.94 -22.16
C ASN C 16 -28.34 -24.44 -22.42
N LYS C 17 -28.48 -24.01 -23.68
CA LYS C 17 -28.59 -22.60 -23.96
C LYS C 17 -29.89 -22.00 -23.46
N LEU C 18 -30.97 -22.78 -23.49
CA LEU C 18 -32.31 -22.30 -23.20
C LEU C 18 -32.69 -22.60 -21.76
N ARG C 19 -33.25 -21.62 -21.07
CA ARG C 19 -33.71 -21.82 -19.71
C ARG C 19 -34.95 -22.71 -19.71
N PRO C 20 -35.26 -23.37 -18.59
CA PRO C 20 -36.53 -24.10 -18.51
C PRO C 20 -37.71 -23.15 -18.56
N ASP C 21 -38.78 -23.58 -19.21
CA ASP C 21 -39.99 -22.77 -19.37
C ASP C 21 -39.64 -21.45 -20.08
N ILE C 22 -39.15 -21.60 -21.31
CA ILE C 22 -38.69 -20.44 -22.07
C ILE C 22 -39.84 -19.51 -22.42
N GLY C 23 -41.03 -20.06 -22.67
CA GLY C 23 -42.18 -19.28 -23.09
C GLY C 23 -43.45 -19.67 -22.38
N VAL C 24 -43.34 -20.09 -21.12
CA VAL C 24 -44.48 -20.50 -20.31
C VAL C 24 -44.62 -19.57 -19.12
N LYS C 25 -43.58 -19.48 -18.30
CA LYS C 25 -43.62 -18.66 -17.10
C LYS C 25 -42.19 -18.35 -16.68
N PRO C 26 -41.99 -17.38 -15.80
CA PRO C 26 -40.64 -17.14 -15.28
C PRO C 26 -40.14 -18.32 -14.48
N THR C 27 -38.81 -18.49 -14.47
CA THR C 27 -38.18 -19.57 -13.73
C THR C 27 -37.97 -19.12 -12.29
N LEU C 28 -38.64 -19.80 -11.35
CA LEU C 28 -38.50 -19.47 -9.94
C LEU C 28 -37.23 -20.11 -9.38
N ILE C 29 -36.41 -19.30 -8.70
CA ILE C 29 -35.14 -19.74 -8.12
C ILE C 29 -35.21 -19.50 -6.62
N HIS C 30 -34.98 -20.55 -5.84
CA HIS C 30 -34.91 -20.47 -4.39
C HIS C 30 -33.44 -20.42 -3.98
N THR C 31 -33.04 -19.33 -3.33
CA THR C 31 -31.64 -19.09 -3.00
C THR C 31 -31.45 -19.09 -1.49
N ASP C 32 -30.27 -19.52 -1.06
CA ASP C 32 -29.89 -19.43 0.34
C ASP C 32 -28.37 -19.36 0.45
N MET C 33 -27.93 -18.91 1.62
CA MET C 33 -26.54 -18.61 1.90
C MET C 33 -26.15 -19.24 3.22
N TYR C 34 -24.87 -19.51 3.38
CA TYR C 34 -24.32 -19.90 4.69
C TYR C 34 -22.98 -19.18 4.80
N VAL C 35 -22.95 -18.11 5.59
CA VAL C 35 -21.78 -17.26 5.66
C VAL C 35 -20.67 -17.95 6.45
N ASN C 36 -19.65 -18.43 5.74
CA ASN C 36 -18.50 -19.03 6.42
C ASN C 36 -17.80 -18.01 7.30
N SER C 37 -17.46 -16.85 6.74
CA SER C 37 -16.68 -15.86 7.46
C SER C 37 -16.75 -14.54 6.73
N ILE C 38 -17.11 -13.48 7.44
CA ILE C 38 -17.02 -12.12 6.92
C ILE C 38 -15.61 -11.63 7.23
N GLY C 39 -14.81 -11.46 6.19
CA GLY C 39 -13.42 -11.13 6.34
C GLY C 39 -13.21 -9.71 6.84
N PRO C 40 -11.97 -9.22 6.80
CA PRO C 40 -11.71 -7.86 7.28
C PRO C 40 -12.44 -6.82 6.45
N VAL C 41 -12.95 -5.79 7.14
CA VAL C 41 -13.65 -4.70 6.50
C VAL C 41 -12.59 -3.65 6.13
N ASN C 42 -12.13 -3.69 4.89
CA ASN C 42 -11.10 -2.76 4.44
C ASN C 42 -11.71 -1.38 4.32
N ALA C 43 -11.59 -0.57 5.38
CA ALA C 43 -12.24 0.73 5.39
C ALA C 43 -11.60 1.69 4.38
N ILE C 44 -10.31 1.54 4.11
CA ILE C 44 -9.64 2.45 3.18
C ILE C 44 -10.22 2.29 1.78
N ASN C 45 -10.29 1.05 1.30
CA ASN C 45 -10.94 0.76 0.03
C ASN C 45 -12.46 0.68 0.14
N MET C 46 -12.99 0.69 1.37
CA MET C 46 -14.43 0.71 1.60
C MET C 46 -15.10 -0.52 1.01
N GLU C 47 -14.67 -1.68 1.50
CA GLU C 47 -15.16 -2.97 1.02
C GLU C 47 -15.03 -3.98 2.15
N TYR C 48 -15.50 -5.21 1.89
CA TYR C 48 -15.35 -6.29 2.83
C TYR C 48 -15.38 -7.61 2.08
N THR C 49 -14.63 -8.59 2.59
CA THR C 49 -14.41 -9.87 1.92
C THR C 49 -15.21 -10.94 2.65
N ILE C 50 -16.38 -11.28 2.10
CA ILE C 50 -17.23 -12.31 2.67
C ILE C 50 -16.93 -13.62 1.99
N ASP C 51 -17.23 -14.72 2.68
CA ASP C 51 -17.10 -16.07 2.16
C ASP C 51 -18.40 -16.80 2.39
N ILE C 52 -18.97 -17.40 1.34
CA ILE C 52 -20.29 -17.99 1.40
C ILE C 52 -20.31 -19.35 0.70
N PHE C 53 -21.32 -20.14 1.06
CA PHE C 53 -21.70 -21.35 0.33
C PHE C 53 -23.05 -21.05 -0.32
N PHE C 54 -22.99 -20.45 -1.50
CA PHE C 54 -24.20 -20.00 -2.18
C PHE C 54 -24.90 -21.20 -2.80
N ALA C 55 -26.18 -21.39 -2.47
CA ALA C 55 -26.96 -22.52 -2.96
C ALA C 55 -28.22 -22.02 -3.63
N GLN C 56 -28.47 -22.50 -4.84
CA GLN C 56 -29.66 -22.19 -5.62
C GLN C 56 -30.42 -23.47 -5.91
N THR C 57 -31.73 -23.34 -6.08
CA THR C 57 -32.61 -24.45 -6.37
C THR C 57 -33.64 -23.99 -7.39
N TRP C 58 -33.95 -24.86 -8.36
CA TRP C 58 -34.96 -24.52 -9.34
C TRP C 58 -35.56 -25.80 -9.89
N TYR C 59 -36.51 -25.65 -10.82
CA TYR C 59 -37.21 -26.76 -11.44
C TYR C 59 -36.97 -26.71 -12.93
N ASP C 60 -36.39 -27.79 -13.47
CA ASP C 60 -36.20 -27.96 -14.91
C ASP C 60 -37.06 -29.14 -15.33
N ARG C 61 -38.11 -28.87 -16.11
CA ARG C 61 -39.04 -29.93 -16.49
C ARG C 61 -38.36 -30.97 -17.37
N ARG C 62 -37.33 -30.58 -18.11
CA ARG C 62 -36.64 -31.53 -19.00
C ARG C 62 -35.90 -32.61 -18.23
N LEU C 63 -35.59 -32.38 -16.94
CA LEU C 63 -34.84 -33.32 -16.12
C LEU C 63 -35.75 -34.18 -15.23
N LYS C 64 -36.93 -34.53 -15.73
CA LYS C 64 -37.83 -35.43 -15.02
C LYS C 64 -37.50 -36.86 -15.43
N PHE C 65 -37.23 -37.71 -14.44
CA PHE C 65 -36.98 -39.13 -14.67
C PHE C 65 -37.66 -39.93 -13.57
N ASN C 66 -38.27 -41.05 -13.97
CA ASN C 66 -38.97 -41.94 -13.05
C ASN C 66 -38.17 -43.22 -12.90
N SER C 67 -37.71 -43.48 -11.68
CA SER C 67 -36.90 -44.65 -11.40
C SER C 67 -36.83 -44.83 -9.89
N THR C 68 -36.27 -45.97 -9.47
CA THR C 68 -36.14 -46.25 -8.05
C THR C 68 -35.17 -45.28 -7.38
N ILE C 69 -34.20 -44.75 -8.12
CA ILE C 69 -33.25 -43.79 -7.56
C ILE C 69 -34.01 -42.52 -7.23
N LYS C 70 -34.17 -42.25 -5.93
CA LYS C 70 -34.95 -41.09 -5.51
C LYS C 70 -34.25 -39.78 -5.86
N VAL C 71 -32.92 -39.75 -5.82
CA VAL C 71 -32.17 -38.53 -6.07
C VAL C 71 -30.77 -38.91 -6.54
N LEU C 72 -30.23 -38.08 -7.45
CA LEU C 72 -28.91 -38.27 -8.03
C LEU C 72 -27.98 -37.18 -7.52
N ARG C 73 -27.02 -37.57 -6.70
CA ARG C 73 -25.94 -36.68 -6.31
C ARG C 73 -24.84 -36.72 -7.36
N LEU C 74 -24.18 -35.57 -7.56
CA LEU C 74 -23.13 -35.48 -8.56
C LEU C 74 -22.09 -34.47 -8.08
N ASN C 75 -21.11 -34.22 -8.94
CA ASN C 75 -20.02 -33.28 -8.68
C ASN C 75 -19.96 -32.28 -9.82
N SER C 76 -18.89 -31.51 -9.91
CA SER C 76 -18.82 -30.42 -10.88
C SER C 76 -18.83 -30.88 -12.34
N ASN C 77 -18.73 -32.18 -12.61
CA ASN C 77 -18.70 -32.65 -14.00
C ASN C 77 -19.98 -32.30 -14.74
N MET C 78 -21.13 -32.42 -14.09
CA MET C 78 -22.43 -32.17 -14.70
C MET C 78 -22.87 -30.71 -14.65
N VAL C 79 -22.07 -29.81 -14.06
CA VAL C 79 -22.50 -28.43 -13.94
C VAL C 79 -22.62 -27.79 -15.32
N GLY C 80 -21.65 -28.04 -16.19
CA GLY C 80 -21.64 -27.41 -17.50
C GLY C 80 -22.56 -28.03 -18.52
N LYS C 81 -23.05 -29.24 -18.28
CA LYS C 81 -23.87 -29.92 -19.28
C LYS C 81 -25.30 -29.37 -19.31
N ILE C 82 -25.83 -28.96 -18.17
CA ILE C 82 -27.22 -28.52 -18.07
C ILE C 82 -27.25 -27.00 -17.97
N TRP C 83 -28.44 -26.44 -18.15
CA TRP C 83 -28.62 -25.01 -17.95
C TRP C 83 -28.43 -24.65 -16.49
N ILE C 84 -27.80 -23.51 -16.23
CA ILE C 84 -27.52 -23.02 -14.89
C ILE C 84 -27.94 -21.56 -14.82
N PRO C 85 -28.48 -21.04 -13.72
CA PRO C 85 -28.75 -19.61 -13.66
C PRO C 85 -27.45 -18.81 -13.70
N ASP C 86 -27.55 -17.60 -14.23
CA ASP C 86 -26.40 -16.70 -14.39
C ASP C 86 -26.35 -15.68 -13.26
N THR C 87 -26.66 -16.11 -12.04
CA THR C 87 -26.66 -15.22 -10.89
C THR C 87 -25.28 -14.59 -10.71
N PHE C 88 -25.28 -13.27 -10.50
CA PHE C 88 -24.07 -12.51 -10.27
C PHE C 88 -24.33 -11.46 -9.21
N PHE C 89 -23.26 -11.04 -8.54
CA PHE C 89 -23.34 -10.10 -7.43
C PHE C 89 -23.11 -8.70 -7.95
N ARG C 90 -24.12 -7.84 -7.82
CA ARG C 90 -24.08 -6.52 -8.44
C ARG C 90 -22.97 -5.66 -7.84
N ASN C 91 -22.80 -5.70 -6.52
CA ASN C 91 -21.87 -4.84 -5.82
C ASN C 91 -20.57 -5.55 -5.46
N SER C 92 -20.10 -6.45 -6.32
CA SER C 92 -18.86 -7.19 -6.09
C SER C 92 -17.74 -6.54 -6.90
N LYS C 93 -16.72 -6.04 -6.20
CA LYS C 93 -15.53 -5.53 -6.87
C LYS C 93 -14.64 -6.66 -7.36
N LYS C 94 -14.56 -7.76 -6.60
CA LYS C 94 -13.73 -8.90 -6.98
C LYS C 94 -14.36 -10.15 -6.42
N ALA C 95 -14.56 -11.15 -7.28
CA ALA C 95 -15.19 -12.40 -6.89
C ALA C 95 -14.48 -13.55 -7.58
N ASP C 96 -14.53 -14.72 -6.94
CA ASP C 96 -13.91 -15.90 -7.50
C ASP C 96 -14.39 -17.13 -6.75
N ALA C 97 -14.42 -18.26 -7.45
CA ALA C 97 -14.74 -19.55 -6.86
C ALA C 97 -13.46 -20.26 -6.46
N HIS C 98 -13.62 -21.40 -5.77
CA HIS C 98 -12.51 -22.21 -5.30
C HIS C 98 -12.34 -23.42 -6.20
N TRP C 99 -11.08 -23.75 -6.51
CA TRP C 99 -10.77 -24.69 -7.59
C TRP C 99 -9.75 -25.74 -7.19
N ILE C 100 -9.70 -26.12 -5.90
CA ILE C 100 -8.93 -27.28 -5.47
C ILE C 100 -9.68 -27.98 -4.33
N THR C 101 -9.47 -29.30 -4.17
CA THR C 101 -8.72 -30.19 -5.08
C THR C 101 -9.50 -30.46 -6.36
N THR C 102 -10.79 -30.15 -6.34
CA THR C 102 -11.66 -30.16 -7.50
C THR C 102 -12.50 -28.90 -7.41
N PRO C 103 -13.05 -28.40 -8.54
CA PRO C 103 -14.03 -27.30 -8.44
C PRO C 103 -15.12 -27.53 -7.41
N ASN C 104 -15.19 -26.64 -6.43
CA ASN C 104 -16.12 -26.78 -5.30
C ASN C 104 -17.53 -26.48 -5.79
N ARG C 105 -18.13 -27.48 -6.45
CA ARG C 105 -19.48 -27.37 -6.96
C ARG C 105 -20.23 -28.66 -6.67
N MET C 106 -21.48 -28.53 -6.27
CA MET C 106 -22.36 -29.65 -5.96
C MET C 106 -23.62 -29.50 -6.81
N LEU C 107 -24.07 -30.62 -7.37
CA LEU C 107 -25.27 -30.65 -8.19
C LEU C 107 -26.07 -31.90 -7.82
N ARG C 108 -27.32 -31.71 -7.42
CA ARG C 108 -28.20 -32.81 -7.04
C ARG C 108 -29.52 -32.66 -7.79
N ILE C 109 -29.98 -33.76 -8.40
CA ILE C 109 -31.17 -33.76 -9.24
C ILE C 109 -32.16 -34.76 -8.67
N TRP C 110 -33.39 -34.31 -8.44
CA TRP C 110 -34.45 -35.16 -7.95
C TRP C 110 -35.25 -35.74 -9.10
N ASN C 111 -36.07 -36.75 -8.80
CA ASN C 111 -36.89 -37.38 -9.83
C ASN C 111 -37.91 -36.41 -10.39
N ASP C 112 -38.48 -35.54 -9.56
CA ASP C 112 -39.49 -34.61 -10.00
C ASP C 112 -38.95 -33.52 -10.92
N GLY C 113 -37.62 -33.38 -11.02
CA GLY C 113 -37.00 -32.37 -11.86
C GLY C 113 -36.38 -31.23 -11.11
N ARG C 114 -36.34 -31.27 -9.78
CA ARG C 114 -35.72 -30.22 -9.00
C ARG C 114 -34.21 -30.35 -9.05
N VAL C 115 -33.53 -29.25 -9.38
CA VAL C 115 -32.08 -29.19 -9.43
C VAL C 115 -31.61 -28.29 -8.31
N LEU C 116 -30.63 -28.77 -7.53
CA LEU C 116 -29.99 -28.02 -6.46
C LEU C 116 -28.53 -27.87 -6.83
N TYR C 117 -28.12 -26.62 -7.05
CA TYR C 117 -26.76 -26.25 -7.39
C TYR C 117 -26.15 -25.51 -6.22
N THR C 118 -24.86 -25.72 -5.95
CA THR C 118 -24.25 -25.10 -4.79
C THR C 118 -22.76 -24.92 -5.04
N LEU C 119 -22.24 -23.76 -4.64
CA LEU C 119 -20.82 -23.47 -4.86
C LEU C 119 -20.31 -22.52 -3.78
N ARG C 120 -19.04 -22.67 -3.45
CA ARG C 120 -18.37 -21.79 -2.52
C ARG C 120 -17.84 -20.57 -3.25
N LEU C 121 -18.00 -19.40 -2.64
CA LEU C 121 -17.57 -18.14 -3.22
C LEU C 121 -16.87 -17.29 -2.18
N THR C 122 -15.92 -16.49 -2.63
CA THR C 122 -15.22 -15.50 -1.84
C THR C 122 -15.43 -14.15 -2.53
N ILE C 123 -16.36 -13.36 -2.00
CA ILE C 123 -16.86 -12.16 -2.66
C ILE C 123 -16.29 -10.95 -1.93
N ASP C 124 -15.57 -10.10 -2.66
CA ASP C 124 -15.21 -8.77 -2.18
C ASP C 124 -16.34 -7.83 -2.58
N ALA C 125 -17.12 -7.39 -1.60
CA ALA C 125 -18.30 -6.56 -1.83
C ALA C 125 -18.04 -5.16 -1.31
N GLU C 126 -18.38 -4.17 -2.11
CA GLU C 126 -18.18 -2.78 -1.70
C GLU C 126 -19.25 -2.36 -0.70
N CYS C 127 -18.81 -1.68 0.35
CA CYS C 127 -19.67 -1.19 1.42
C CYS C 127 -19.35 0.28 1.62
N GLN C 128 -20.30 1.15 1.28
CA GLN C 128 -20.05 2.59 1.29
C GLN C 128 -20.18 3.09 2.72
N LEU C 129 -19.05 3.12 3.42
CA LEU C 129 -19.04 3.47 4.83
C LEU C 129 -19.18 4.98 5.02
N GLN C 130 -20.08 5.38 5.91
CA GLN C 130 -20.18 6.76 6.36
C GLN C 130 -19.48 6.87 7.71
N LEU C 131 -18.32 7.54 7.72
CA LEU C 131 -17.46 7.58 8.89
C LEU C 131 -17.62 8.88 9.68
N HIS C 132 -18.83 9.42 9.73
CA HIS C 132 -19.06 10.65 10.48
C HIS C 132 -18.82 10.44 11.96
N ASN C 133 -19.27 9.32 12.51
CA ASN C 133 -19.16 9.03 13.93
C ASN C 133 -18.03 8.05 14.25
N PHE C 134 -17.02 7.99 13.40
CA PHE C 134 -15.90 7.09 13.65
C PHE C 134 -15.18 7.51 14.92
N PRO C 135 -14.78 6.56 15.80
CA PRO C 135 -14.92 5.09 15.81
C PRO C 135 -16.23 4.59 16.38
N MET C 136 -17.17 5.48 16.67
CA MET C 136 -18.43 5.13 17.31
C MET C 136 -19.56 5.01 16.30
N ASP C 137 -19.25 4.48 15.13
CA ASP C 137 -20.17 4.40 14.00
C ASP C 137 -20.71 2.98 13.84
N GLU C 138 -21.82 2.88 13.12
CA GLU C 138 -22.41 1.62 12.72
C GLU C 138 -22.62 1.65 11.22
N HIS C 139 -22.69 0.47 10.62
CA HIS C 139 -22.86 0.34 9.17
C HIS C 139 -23.83 -0.78 8.88
N SER C 140 -24.45 -0.69 7.71
CA SER C 140 -25.34 -1.73 7.18
C SER C 140 -24.77 -2.10 5.81
N CYS C 141 -23.82 -3.02 5.79
CA CYS C 141 -23.15 -3.37 4.55
C CYS C 141 -24.01 -4.32 3.74
N PRO C 142 -24.30 -4.02 2.46
CA PRO C 142 -25.13 -4.93 1.67
C PRO C 142 -24.31 -5.91 0.85
N LEU C 143 -24.97 -7.02 0.49
CA LEU C 143 -24.50 -7.97 -0.50
C LEU C 143 -25.68 -8.25 -1.42
N GLU C 144 -25.61 -7.77 -2.65
CA GLU C 144 -26.72 -7.82 -3.59
C GLU C 144 -26.39 -8.78 -4.71
N PHE C 145 -27.41 -9.48 -5.21
CA PHE C 145 -27.21 -10.34 -6.37
C PHE C 145 -28.50 -10.44 -7.16
N SER C 146 -28.35 -10.81 -8.43
CA SER C 146 -29.48 -10.94 -9.34
C SER C 146 -29.01 -11.70 -10.57
N SER C 147 -29.98 -12.08 -11.40
CA SER C 147 -29.64 -12.59 -12.72
C SER C 147 -29.09 -11.47 -13.57
N TYR C 148 -28.18 -11.83 -14.48
CA TYR C 148 -27.54 -10.82 -15.32
C TYR C 148 -28.34 -10.57 -16.60
N GLY C 149 -28.62 -11.62 -17.35
CA GLY C 149 -29.30 -11.47 -18.63
C GLY C 149 -30.80 -11.60 -18.57
N TYR C 150 -31.30 -12.42 -17.67
CA TYR C 150 -32.72 -12.74 -17.66
C TYR C 150 -33.48 -11.70 -16.83
N PRO C 151 -34.40 -10.91 -17.43
CA PRO C 151 -35.17 -9.97 -16.62
C PRO C 151 -36.23 -10.64 -15.77
N ARG C 152 -37.05 -9.86 -15.07
CA ARG C 152 -38.04 -10.44 -14.16
C ARG C 152 -39.06 -11.31 -14.88
N GLU C 153 -39.31 -11.07 -16.16
CA GLU C 153 -40.25 -11.88 -16.92
C GLU C 153 -39.74 -13.29 -17.19
N GLU C 154 -38.46 -13.57 -16.94
CA GLU C 154 -37.84 -14.85 -17.24
C GLU C 154 -37.32 -15.57 -16.01
N ILE C 155 -36.77 -14.85 -15.04
CA ILE C 155 -36.26 -15.44 -13.80
C ILE C 155 -36.77 -14.61 -12.63
N VAL C 156 -37.20 -15.30 -11.58
CA VAL C 156 -37.68 -14.65 -10.36
C VAL C 156 -37.06 -15.36 -9.16
N TYR C 157 -35.99 -14.77 -8.63
CA TYR C 157 -35.37 -15.33 -7.44
C TYR C 157 -36.27 -15.14 -6.22
N GLN C 158 -36.04 -15.93 -5.19
CA GLN C 158 -36.83 -15.83 -3.97
C GLN C 158 -36.08 -16.52 -2.83
N TRP C 159 -36.35 -16.06 -1.61
CA TRP C 159 -35.69 -16.62 -0.43
C TRP C 159 -36.40 -17.90 0.01
N LYS C 160 -35.81 -18.58 0.99
CA LYS C 160 -36.36 -19.80 1.57
C LYS C 160 -36.81 -19.48 2.99
N ARG C 161 -37.23 -20.51 3.73
CA ARG C 161 -37.71 -20.29 5.09
C ARG C 161 -36.62 -19.67 5.96
N SER C 162 -35.44 -20.28 5.99
CA SER C 162 -34.27 -19.71 6.65
C SER C 162 -33.12 -19.74 5.65
N SER C 163 -32.97 -18.65 4.91
CA SER C 163 -31.99 -18.58 3.82
C SER C 163 -30.59 -18.29 4.33
N VAL C 164 -30.39 -17.11 4.93
CA VAL C 164 -29.07 -16.75 5.42
C VAL C 164 -28.83 -17.41 6.77
N GLU C 165 -27.66 -18.01 6.92
CA GLU C 165 -27.31 -18.71 8.14
C GLU C 165 -25.85 -18.40 8.46
N VAL C 166 -25.54 -18.29 9.74
CA VAL C 166 -24.19 -17.96 10.21
C VAL C 166 -23.81 -18.96 11.29
N GLY C 167 -22.59 -19.47 11.20
CA GLY C 167 -22.07 -20.39 12.20
C GLY C 167 -21.56 -19.68 13.42
N ASP C 168 -20.56 -20.27 14.07
CA ASP C 168 -19.91 -19.61 15.20
C ASP C 168 -19.23 -18.33 14.73
N THR C 169 -19.78 -17.18 15.14
CA THR C 169 -19.23 -15.90 14.72
C THR C 169 -17.88 -15.60 15.37
N ARG C 170 -17.46 -16.38 16.36
CA ARG C 170 -16.18 -16.13 17.02
C ARG C 170 -15.00 -16.41 16.11
N SER C 171 -15.17 -17.26 15.09
CA SER C 171 -14.09 -17.61 14.18
C SER C 171 -13.90 -16.62 13.05
N TRP C 172 -14.71 -15.57 12.98
CA TRP C 172 -14.63 -14.63 11.87
C TRP C 172 -13.48 -13.66 12.08
N ARG C 173 -13.12 -12.96 11.00
CA ARG C 173 -12.00 -12.04 10.99
C ARG C 173 -12.41 -10.59 11.21
N LEU C 174 -13.56 -10.36 11.84
CA LEU C 174 -14.02 -9.00 12.13
C LEU C 174 -13.21 -8.49 13.32
N TYR C 175 -12.23 -7.63 13.05
CA TYR C 175 -11.35 -7.16 14.12
C TYR C 175 -12.00 -6.02 14.90
N GLN C 176 -12.22 -4.88 14.24
CA GLN C 176 -12.82 -3.74 14.92
C GLN C 176 -14.32 -3.92 15.09
N PHE C 177 -14.97 -4.50 14.09
CA PHE C 177 -16.43 -4.56 14.05
C PHE C 177 -16.95 -5.80 14.75
N SER C 178 -18.18 -5.70 15.23
CA SER C 178 -18.90 -6.80 15.87
C SER C 178 -20.19 -7.02 15.11
N PHE C 179 -20.44 -8.27 14.71
CA PHE C 179 -21.65 -8.58 13.96
C PHE C 179 -22.87 -8.42 14.86
N VAL C 180 -23.84 -7.63 14.41
CA VAL C 180 -25.04 -7.35 15.18
C VAL C 180 -26.15 -8.28 14.72
N GLY C 181 -26.53 -8.17 13.46
CA GLY C 181 -27.57 -9.02 12.91
C GLY C 181 -27.67 -8.81 11.42
N LEU C 182 -28.31 -9.77 10.77
CA LEU C 182 -28.48 -9.77 9.32
C LEU C 182 -29.95 -9.72 8.97
N ARG C 183 -30.25 -9.20 7.78
CA ARG C 183 -31.60 -9.21 7.27
CA ARG C 183 -31.61 -9.18 7.27
C ARG C 183 -31.55 -9.27 5.75
N ASN C 184 -32.72 -9.59 5.19
CA ASN C 184 -32.79 -9.80 3.73
C ASN C 184 -33.85 -8.87 3.13
N THR C 185 -33.73 -8.57 1.85
CA THR C 185 -34.64 -7.68 1.14
C THR C 185 -34.71 -8.09 -0.32
N THR C 186 -35.84 -7.78 -0.95
CA THR C 186 -36.06 -8.04 -2.37
C THR C 186 -36.62 -6.79 -3.03
N GLU C 187 -36.13 -6.48 -4.23
CA GLU C 187 -36.58 -5.31 -4.96
C GLU C 187 -36.53 -5.60 -6.45
N VAL C 188 -37.09 -4.68 -7.23
CA VAL C 188 -37.04 -4.72 -8.69
C VAL C 188 -36.26 -3.48 -9.14
N VAL C 189 -35.16 -3.72 -9.85
CA VAL C 189 -34.28 -2.65 -10.33
C VAL C 189 -34.48 -2.52 -11.83
N LYS C 190 -34.57 -1.26 -12.29
CA LYS C 190 -34.82 -0.96 -13.70
C LYS C 190 -33.53 -0.46 -14.33
N THR C 191 -32.95 -1.27 -15.20
CA THR C 191 -31.78 -0.91 -15.99
C THR C 191 -32.18 -0.78 -17.46
N THR C 192 -31.22 -0.31 -18.26
CA THR C 192 -31.52 -0.04 -19.67
C THR C 192 -31.97 -1.29 -20.42
N SER C 193 -31.54 -2.47 -19.97
CA SER C 193 -31.94 -3.71 -20.61
C SER C 193 -33.31 -4.21 -20.17
N GLY C 194 -33.86 -3.69 -19.08
CA GLY C 194 -35.17 -4.09 -18.64
C GLY C 194 -35.31 -3.96 -17.13
N ASP C 195 -35.96 -4.96 -16.52
CA ASP C 195 -36.19 -5.02 -15.09
C ASP C 195 -35.60 -6.31 -14.55
N TYR C 196 -35.07 -6.25 -13.33
CA TYR C 196 -34.39 -7.39 -12.73
C TYR C 196 -34.77 -7.51 -11.26
N VAL C 197 -34.97 -8.75 -10.82
CA VAL C 197 -35.28 -9.03 -9.42
C VAL C 197 -33.95 -9.04 -8.68
N VAL C 198 -33.67 -7.97 -7.93
CA VAL C 198 -32.41 -7.79 -7.22
C VAL C 198 -32.66 -8.06 -5.75
N MET C 199 -31.87 -8.96 -5.16
CA MET C 199 -32.06 -9.42 -3.80
C MET C 199 -30.82 -9.19 -2.97
N SER C 200 -31.01 -8.66 -1.77
CA SER C 200 -29.95 -8.10 -0.96
C SER C 200 -29.96 -8.73 0.42
N VAL C 201 -28.76 -8.85 0.99
CA VAL C 201 -28.57 -9.25 2.38
C VAL C 201 -27.77 -8.16 3.06
N TYR C 202 -28.35 -7.52 4.07
CA TYR C 202 -27.70 -6.45 4.82
C TYR C 202 -27.16 -7.02 6.12
N PHE C 203 -25.86 -6.87 6.34
CA PHE C 203 -25.22 -7.20 7.60
C PHE C 203 -24.96 -5.93 8.38
N ASP C 204 -25.41 -5.90 9.63
CA ASP C 204 -25.28 -4.71 10.48
C ASP C 204 -24.05 -4.88 11.36
N LEU C 205 -23.11 -3.94 11.25
CA LEU C 205 -21.83 -3.99 11.93
C LEU C 205 -21.68 -2.77 12.82
N SER C 206 -21.00 -2.95 13.96
CA SER C 206 -20.74 -1.88 14.91
C SER C 206 -19.29 -1.93 15.32
N ARG C 207 -18.56 -0.84 15.09
CA ARG C 207 -17.15 -0.79 15.43
C ARG C 207 -16.96 -0.78 16.94
N ARG C 208 -15.84 -1.38 17.38
CA ARG C 208 -15.44 -1.41 18.78
C ARG C 208 -14.31 -0.43 19.00
N MET C 209 -14.47 0.46 19.98
CA MET C 209 -13.52 1.55 20.18
C MET C 209 -12.17 1.08 20.70
N GLY C 210 -12.08 -0.15 21.22
CA GLY C 210 -10.96 -0.61 22.04
C GLY C 210 -9.58 -0.23 21.57
N TYR C 211 -9.17 -0.73 20.40
CA TYR C 211 -7.86 -0.40 19.85
C TYR C 211 -7.67 1.10 19.75
N PHE C 212 -8.67 1.80 19.20
CA PHE C 212 -8.55 3.24 19.05
C PHE C 212 -8.52 3.91 20.41
N THR C 213 -9.25 3.37 21.39
CA THR C 213 -9.18 3.92 22.74
C THR C 213 -7.79 3.80 23.32
N ILE C 214 -7.02 2.81 22.86
CA ILE C 214 -5.62 2.68 23.25
C ILE C 214 -4.70 3.48 22.33
N GLN C 215 -5.15 3.81 21.12
CA GLN C 215 -4.27 4.35 20.09
C GLN C 215 -4.25 5.87 20.03
N THR C 216 -5.41 6.53 20.19
CA THR C 216 -5.50 7.97 19.98
C THR C 216 -6.16 8.73 21.12
N TYR C 217 -7.20 8.19 21.73
CA TYR C 217 -7.92 8.96 22.76
C TYR C 217 -7.06 9.15 24.00
N ILE C 218 -6.53 8.06 24.53
CA ILE C 218 -5.69 8.13 25.77
C ILE C 218 -4.43 8.97 25.46
N PRO C 219 -3.63 8.69 24.43
CA PRO C 219 -2.44 9.48 24.20
C PRO C 219 -2.72 10.97 24.16
N CYS C 220 -3.75 11.37 23.42
CA CYS C 220 -4.10 12.82 23.31
C CYS C 220 -4.43 13.39 24.69
N THR C 221 -5.28 12.71 25.45
CA THR C 221 -5.66 13.26 26.77
C THR C 221 -4.41 13.49 27.56
N LEU C 222 -3.49 12.52 27.55
CA LEU C 222 -2.27 12.67 28.40
C LEU C 222 -1.57 13.96 27.98
N ILE C 223 -1.34 14.15 26.70
CA ILE C 223 -0.58 15.36 26.25
C ILE C 223 -1.31 16.60 26.77
N VAL C 224 -2.64 16.59 26.80
CA VAL C 224 -3.38 17.74 27.37
C VAL C 224 -3.08 17.81 28.87
N VAL C 225 -3.16 16.70 29.58
CA VAL C 225 -2.79 16.69 31.02
C VAL C 225 -1.33 17.16 31.09
N LEU C 226 -0.44 16.50 30.35
CA LEU C 226 0.95 16.94 30.31
C LEU C 226 1.05 18.45 30.15
N SER C 227 0.26 19.02 29.26
CA SER C 227 0.26 20.47 29.10
C SER C 227 -0.20 21.17 30.37
N TRP C 228 -1.15 20.56 31.09
CA TRP C 228 -1.61 21.14 32.34
C TRP C 228 -0.50 21.18 33.37
N VAL C 229 0.43 20.23 33.31
CA VAL C 229 1.54 20.21 34.27
C VAL C 229 2.35 21.50 34.22
N SER C 230 2.33 22.21 33.09
CA SER C 230 3.11 23.44 32.97
C SER C 230 2.70 24.50 33.99
N PHE C 231 1.43 24.51 34.42
CA PHE C 231 0.97 25.57 35.30
C PHE C 231 1.65 25.51 36.66
N TRP C 232 1.99 24.31 37.13
CA TRP C 232 2.64 24.19 38.43
C TRP C 232 4.10 24.63 38.40
N ILE C 233 4.72 24.59 37.22
CA ILE C 233 6.10 25.06 37.10
C ILE C 233 6.14 26.56 37.38
N ASN C 234 7.23 27.00 38.01
CA ASN C 234 7.38 28.41 38.33
C ASN C 234 7.38 29.25 37.07
N LYS C 235 6.78 30.44 37.16
CA LYS C 235 6.73 31.34 36.01
C LYS C 235 8.09 31.94 35.67
N ASP C 236 9.09 31.82 36.55
CA ASP C 236 10.43 32.27 36.23
C ASP C 236 11.14 31.34 35.26
N ALA C 237 10.80 30.06 35.27
CA ALA C 237 11.44 29.07 34.39
C ALA C 237 10.86 29.23 32.99
N VAL C 238 11.29 30.28 32.31
CA VAL C 238 10.79 30.55 30.96
C VAL C 238 11.14 29.43 29.98
N PRO C 239 12.41 28.99 29.85
CA PRO C 239 12.69 27.92 28.89
C PRO C 239 11.96 26.63 29.17
N ALA C 240 11.79 26.27 30.45
CA ALA C 240 11.11 25.02 30.77
C ALA C 240 9.65 25.06 30.31
N ARG C 241 8.93 26.10 30.67
CA ARG C 241 7.52 26.20 30.29
C ARG C 241 7.37 26.32 28.78
N THR C 242 8.23 27.08 28.13
CA THR C 242 8.16 27.20 26.68
C THR C 242 8.40 25.87 25.99
N SER C 243 9.42 25.12 26.46
CA SER C 243 9.71 23.82 25.89
C SER C 243 8.54 22.87 26.09
N LEU C 244 7.95 22.88 27.28
CA LEU C 244 6.80 22.02 27.55
C LEU C 244 5.65 22.35 26.61
N GLY C 245 5.36 23.65 26.44
CA GLY C 245 4.27 24.03 25.56
C GLY C 245 4.49 23.58 24.12
N ILE C 246 5.68 23.83 23.58
CA ILE C 246 5.91 23.47 22.18
C ILE C 246 5.92 21.97 22.02
N THR C 247 6.48 21.25 22.99
CA THR C 247 6.52 19.80 22.88
C THR C 247 5.11 19.22 22.87
N THR C 248 4.24 19.73 23.73
CA THR C 248 2.85 19.25 23.73
C THR C 248 2.15 19.60 22.41
N VAL C 249 2.40 20.80 21.86
CA VAL C 249 1.74 21.18 20.62
C VAL C 249 2.19 20.28 19.47
N LEU C 250 3.49 20.07 19.32
CA LEU C 250 3.97 19.17 18.28
C LEU C 250 3.48 17.75 18.48
N THR C 251 3.45 17.26 19.71
CA THR C 251 2.94 15.91 19.94
C THR C 251 1.47 15.81 19.55
N MET C 252 0.70 16.86 19.82
CA MET C 252 -0.70 16.85 19.41
C MET C 252 -0.83 16.83 17.90
N THR C 253 0.01 17.60 17.20
CA THR C 253 -0.03 17.56 15.74
C THR C 253 0.33 16.18 15.20
N THR C 254 1.36 15.56 15.78
CA THR C 254 1.74 14.23 15.34
C THR C 254 0.63 13.22 15.59
N LEU C 255 -0.01 13.29 16.76
CA LEU C 255 -1.12 12.38 17.03
C LEU C 255 -2.28 12.62 16.09
N SER C 256 -2.51 13.89 15.70
CA SER C 256 -3.54 14.17 14.71
C SER C 256 -3.21 13.49 13.40
N THR C 257 -1.95 13.54 12.97
CA THR C 257 -1.55 12.87 11.74
C THR C 257 -1.74 11.36 11.85
N ILE C 258 -1.40 10.78 12.99
CA ILE C 258 -1.58 9.33 13.18
C ILE C 258 -3.06 8.96 13.21
N ALA C 259 -3.92 9.87 13.65
CA ALA C 259 -5.34 9.53 13.82
C ALA C 259 -5.99 9.13 12.50
N ARG C 260 -5.78 9.93 11.45
CA ARG C 260 -6.46 9.74 10.18
C ARG C 260 -5.67 8.83 9.22
N LYS C 261 -4.76 8.02 9.75
CA LYS C 261 -4.00 7.11 8.89
C LYS C 261 -4.74 5.82 8.57
N SER C 262 -5.80 5.50 9.29
CA SER C 262 -6.53 4.24 9.13
C SER C 262 -7.84 4.39 8.37
N LEU C 263 -8.14 5.56 7.81
CA LEU C 263 -9.36 5.85 7.10
C LEU C 263 -9.09 6.21 5.65
N PRO C 264 -10.11 6.25 4.79
CA PRO C 264 -9.96 6.90 3.49
C PRO C 264 -9.86 8.41 3.68
N LYS C 265 -9.52 9.09 2.59
CA LYS C 265 -9.30 10.53 2.62
C LYS C 265 -10.63 11.28 2.50
N VAL C 266 -11.49 11.06 3.50
CA VAL C 266 -12.79 11.70 3.52
C VAL C 266 -12.62 13.17 3.87
N SER C 267 -13.30 14.04 3.13
CA SER C 267 -13.18 15.49 3.33
C SER C 267 -14.28 16.02 4.25
N TYR C 268 -14.32 15.46 5.45
CA TYR C 268 -15.17 15.99 6.51
C TYR C 268 -14.58 15.57 7.85
N VAL C 269 -15.05 16.23 8.90
CA VAL C 269 -14.51 16.00 10.23
C VAL C 269 -15.21 14.80 10.86
N THR C 270 -14.43 13.86 11.36
CA THR C 270 -14.94 12.74 12.13
C THR C 270 -14.94 13.08 13.61
N ALA C 271 -15.55 12.20 14.41
CA ALA C 271 -15.58 12.44 15.86
C ALA C 271 -14.17 12.43 16.44
N MET C 272 -13.32 11.53 15.96
CA MET C 272 -11.93 11.50 16.41
C MET C 272 -11.23 12.81 16.05
N ASP C 273 -11.49 13.32 14.85
CA ASP C 273 -10.92 14.60 14.45
C ASP C 273 -11.41 15.71 15.35
N LEU C 274 -12.69 15.68 15.72
CA LEU C 274 -13.23 16.70 16.61
C LEU C 274 -12.54 16.65 17.97
N PHE C 275 -12.34 15.45 18.51
CA PHE C 275 -11.68 15.33 19.80
C PHE C 275 -10.24 15.83 19.73
N VAL C 276 -9.53 15.46 18.67
CA VAL C 276 -8.14 15.90 18.52
C VAL C 276 -8.08 17.42 18.37
N SER C 277 -9.02 17.99 17.62
CA SER C 277 -9.05 19.44 17.45
C SER C 277 -9.30 20.14 18.78
N VAL C 278 -10.22 19.63 19.58
CA VAL C 278 -10.50 20.26 20.87
C VAL C 278 -9.29 20.18 21.78
N CYS C 279 -8.61 19.02 21.78
CA CYS C 279 -7.39 18.91 22.59
C CYS C 279 -6.32 19.88 22.09
N PHE C 280 -6.27 20.11 20.77
CA PHE C 280 -5.31 21.07 20.25
C PHE C 280 -5.64 22.47 20.73
N ILE C 281 -6.92 22.84 20.73
CA ILE C 281 -7.32 24.13 21.28
C ILE C 281 -6.93 24.25 22.75
N PHE C 282 -7.09 23.16 23.50
CA PHE C 282 -6.75 23.20 24.93
C PHE C 282 -5.27 23.48 25.13
N VAL C 283 -4.41 22.73 24.45
CA VAL C 283 -2.97 22.92 24.63
C VAL C 283 -2.54 24.29 24.11
N PHE C 284 -3.10 24.72 22.97
CA PHE C 284 -2.74 26.02 22.42
C PHE C 284 -3.15 27.15 23.37
N SER C 285 -4.33 27.03 23.98
CA SER C 285 -4.76 28.03 24.95
C SER C 285 -3.86 28.04 26.18
N ALA C 286 -3.40 26.87 26.61
CA ALA C 286 -2.47 26.83 27.74
C ALA C 286 -1.19 27.58 27.41
N LEU C 287 -0.62 27.32 26.24
CA LEU C 287 0.61 28.02 25.87
C LEU C 287 0.35 29.53 25.72
N VAL C 288 -0.80 29.89 25.16
CA VAL C 288 -1.11 31.30 24.94
C VAL C 288 -1.26 32.03 26.27
N GLU C 289 -1.96 31.42 27.24
CA GLU C 289 -2.15 32.12 28.50
C GLU C 289 -0.84 32.20 29.27
N TYR C 290 0.03 31.20 29.16
CA TYR C 290 1.36 31.37 29.72
C TYR C 290 2.09 32.54 29.07
N GLY C 291 1.97 32.67 27.74
CA GLY C 291 2.62 33.78 27.06
C GLY C 291 2.13 35.12 27.55
N THR C 292 0.81 35.25 27.72
CA THR C 292 0.25 36.49 28.24
C THR C 292 0.75 36.76 29.66
N LEU C 293 0.79 35.72 30.51
CA LEU C 293 1.28 35.88 31.87
C LEU C 293 2.72 36.39 31.87
N HIS C 294 3.56 35.79 31.04
CA HIS C 294 4.96 36.21 30.99
C HIS C 294 5.10 37.63 30.47
N TYR C 295 4.32 37.98 29.44
CA TYR C 295 4.43 39.34 28.91
C TYR C 295 3.98 40.38 29.93
N PHE C 296 2.88 40.12 30.63
CA PHE C 296 2.35 41.10 31.56
C PHE C 296 3.06 41.09 32.91
N VAL C 297 3.86 40.07 33.20
CA VAL C 297 4.60 40.02 34.46
C VAL C 297 6.00 40.58 34.25
N SER C 298 6.77 39.94 33.36
CA SER C 298 8.19 40.25 33.23
C SER C 298 8.45 41.32 32.16
N ASN C 299 8.07 41.03 30.91
CA ASN C 299 8.44 41.93 29.81
C ASN C 299 7.76 43.29 29.96
N ARG C 300 6.50 43.32 30.36
CA ARG C 300 5.83 44.60 30.58
C ARG C 300 6.34 45.29 31.84
N LYS C 301 6.85 44.52 32.79
CA LYS C 301 7.29 45.08 34.07
C LYS C 301 8.07 44.03 34.86
N CYS C 345 -32.82 48.09 36.23
CA CYS C 345 -32.01 48.52 37.37
C CYS C 345 -32.90 49.00 38.50
N LEU C 346 -33.85 48.16 38.90
CA LEU C 346 -34.80 48.56 39.94
C LEU C 346 -34.14 48.80 41.28
N ASP C 347 -32.94 48.27 41.51
CA ASP C 347 -32.25 48.52 42.76
C ASP C 347 -31.86 49.98 42.93
N GLY C 348 -31.82 50.74 41.82
CA GLY C 348 -31.43 52.13 41.85
C GLY C 348 -30.01 52.42 41.40
N LYS C 349 -29.26 51.40 40.97
CA LYS C 349 -27.90 51.57 40.50
C LYS C 349 -27.91 51.98 39.03
N ASP C 350 -26.78 52.52 38.58
CA ASP C 350 -26.63 52.86 37.18
C ASP C 350 -26.58 51.60 36.33
N CYS C 351 -26.89 51.75 35.04
CA CYS C 351 -26.86 50.61 34.13
C CYS C 351 -25.46 50.01 34.05
N ALA C 352 -24.44 50.85 33.95
CA ALA C 352 -23.07 50.35 33.98
C ALA C 352 -22.77 49.70 35.33
N SER C 353 -23.19 50.34 36.42
CA SER C 353 -22.97 49.79 37.74
C SER C 353 -23.83 48.55 38.01
N PHE C 354 -25.01 48.46 37.39
CA PHE C 354 -25.88 47.31 37.60
C PHE C 354 -25.40 46.11 36.82
N PHE C 355 -25.29 46.24 35.50
CA PHE C 355 -24.92 45.13 34.64
C PHE C 355 -23.41 45.00 34.51
O P1L C 356 -21.19 46.80 35.81
N P1L C 356 -22.78 45.93 33.79
CA P1L C 356 -21.36 45.88 33.58
CB P1L C 356 -20.90 46.88 32.53
SG P1L C 356 -19.47 46.34 31.64
C7 P1L C 356 -20.04 45.64 30.16
O7 P1L C 356 -20.94 46.10 29.46
C8 P1L C 356 -19.47 44.27 30.00
C9 P1L C 356 -18.91 44.02 28.61
C10 P1L C 356 -19.45 42.77 27.98
C11 P1L C 356 -18.83 42.55 26.61
C12 P1L C 356 -19.39 41.30 25.93
C13 P1L C 356 -18.38 40.72 24.96
C14 P1L C 356 -19.05 40.01 23.79
C15 P1L C 356 -18.06 39.12 23.07
C16 P1L C 356 -18.53 38.73 21.67
C17 P1L C 356 -18.55 37.22 21.48
C18 P1L C 356 -19.72 36.52 22.16
C19 P1L C 356 -21.09 36.79 21.57
C20 P1L C 356 -21.19 36.43 20.10
C P1L C 356 -20.56 46.08 34.85
C21 P1L C 356 -22.63 36.24 19.66
C22 P1L C 356 -23.45 37.49 19.81
O P1L C 357 -16.37 46.55 36.58
N P1L C 357 -19.36 45.48 34.88
CA P1L C 357 -18.51 45.52 36.03
CB P1L C 357 -17.81 44.17 36.21
SG P1L C 357 -18.61 42.86 35.32
C7 P1L C 357 -17.37 42.11 34.39
O7 P1L C 357 -16.45 41.43 34.85
C8 P1L C 357 -17.78 42.06 32.95
C9 P1L C 357 -17.51 40.69 32.35
C10 P1L C 357 -17.98 40.54 30.91
C11 P1L C 357 -17.86 39.09 30.49
C12 P1L C 357 -18.19 38.88 29.03
C13 P1L C 357 -18.04 37.42 28.66
C14 P1L C 357 -17.93 37.22 27.16
C15 P1L C 357 -17.77 35.75 26.84
C16 P1L C 357 -17.42 35.51 25.38
C17 P1L C 357 -17.11 34.05 25.13
C18 P1L C 357 -17.22 33.70 23.66
C19 P1L C 357 -16.74 32.29 23.40
C20 P1L C 357 -16.81 31.93 21.94
C P1L C 357 -17.47 46.62 36.03
C21 P1L C 357 -16.20 30.57 21.68
C22 P1L C 357 -16.95 29.83 20.60
N PHE C 358 -17.82 47.72 35.37
CA PHE C 358 -16.92 48.85 35.23
C PHE C 358 -16.78 49.61 36.54
N GLU C 359 -16.04 49.00 37.48
CA GLU C 359 -15.58 49.66 38.70
C GLU C 359 -14.08 49.57 38.85
N ASP C 360 -13.49 48.43 38.52
CA ASP C 360 -12.05 48.30 38.32
C ASP C 360 -11.78 47.46 37.08
O P1L C 361 -14.05 45.63 33.20
N P1L C 361 -12.84 47.20 36.31
CA P1L C 361 -12.76 46.39 35.13
CB P1L C 361 -12.25 44.98 35.42
SG P1L C 361 -13.06 43.71 34.48
C7 P1L C 361 -12.03 42.32 34.62
O7 P1L C 361 -10.85 42.32 34.98
C8 P1L C 361 -12.84 41.06 34.46
C9 P1L C 361 -13.17 40.77 33.00
C10 P1L C 361 -13.53 39.32 32.76
C11 P1L C 361 -12.40 38.59 32.05
C12 P1L C 361 -12.56 37.08 32.09
C13 P1L C 361 -13.61 36.59 31.12
C14 P1L C 361 -13.85 35.10 31.25
C15 P1L C 361 -12.92 34.31 30.36
C16 P1L C 361 -13.05 32.81 30.58
C17 P1L C 361 -14.26 32.24 29.85
C18 P1L C 361 -13.95 31.50 28.56
C19 P1L C 361 -14.40 30.05 28.62
C20 P1L C 361 -14.40 29.42 27.24
C P1L C 361 -14.09 46.28 34.40
C21 P1L C 361 -15.81 29.18 26.73
C22 P1L C 361 -16.56 30.47 26.48
N HIS C 372 -5.04 44.33 33.46
CA HIS C 372 -5.84 44.13 34.66
C HIS C 372 -4.85 44.11 35.84
N ILE C 373 -5.29 44.55 37.02
CA ILE C 373 -4.40 44.62 38.17
C ILE C 373 -3.99 43.21 38.62
N ARG C 374 -4.95 42.30 38.72
CA ARG C 374 -4.67 40.93 39.18
C ARG C 374 -4.39 40.06 37.96
N ILE C 375 -3.12 39.92 37.62
CA ILE C 375 -2.64 39.12 36.49
C ILE C 375 -1.72 38.01 37.00
N ALA C 376 -1.04 38.24 38.12
CA ALA C 376 -0.08 37.25 38.61
C ALA C 376 -0.76 35.96 39.04
N LYS C 377 -2.06 36.00 39.34
CA LYS C 377 -2.80 34.85 39.83
C LYS C 377 -3.41 34.02 38.71
N MET C 378 -2.93 34.15 37.47
CA MET C 378 -3.45 33.33 36.39
C MET C 378 -3.18 31.86 36.63
N ASP C 379 -1.97 31.52 37.10
CA ASP C 379 -1.65 30.13 37.37
C ASP C 379 -2.55 29.55 38.45
N SER C 380 -2.83 30.33 39.49
CA SER C 380 -3.79 29.89 40.49
C SER C 380 -5.17 29.72 39.87
N TYR C 381 -5.52 30.59 38.92
CA TYR C 381 -6.80 30.46 38.23
C TYR C 381 -6.80 29.25 37.30
N ALA C 382 -5.75 29.10 36.50
CA ALA C 382 -5.72 28.05 35.49
C ALA C 382 -5.63 26.66 36.09
N ARG C 383 -5.24 26.54 37.36
CA ARG C 383 -5.13 25.23 37.97
C ARG C 383 -6.48 24.55 38.13
N ILE C 384 -7.59 25.30 38.08
CA ILE C 384 -8.92 24.71 38.05
C ILE C 384 -9.62 24.97 36.72
N PHE C 385 -9.40 26.13 36.09
CA PHE C 385 -10.17 26.48 34.91
C PHE C 385 -9.95 25.50 33.77
N PHE C 386 -8.71 25.03 33.61
CA PHE C 386 -8.40 24.12 32.52
C PHE C 386 -8.84 22.69 32.86
N PRO C 387 -8.54 22.16 34.04
CA PRO C 387 -9.08 20.84 34.38
C PRO C 387 -10.59 20.77 34.36
N THR C 388 -11.28 21.82 34.81
CA THR C 388 -12.74 21.78 34.83
C THR C 388 -13.31 21.74 33.42
N ALA C 389 -12.76 22.54 32.51
CA ALA C 389 -13.30 22.60 31.16
C ALA C 389 -13.16 21.27 30.44
N PHE C 390 -12.01 20.63 30.57
CA PHE C 390 -11.78 19.38 29.86
C PHE C 390 -12.64 18.25 30.44
N CYS C 391 -12.65 18.11 31.76
CA CYS C 391 -13.52 17.12 32.38
C CYS C 391 -14.98 17.41 32.06
N LEU C 392 -15.32 18.69 31.89
CA LEU C 392 -16.64 19.06 31.45
C LEU C 392 -16.82 18.82 29.94
N PHE C 393 -15.79 19.07 29.15
CA PHE C 393 -15.88 18.82 27.72
C PHE C 393 -16.03 17.33 27.42
N ASN C 394 -15.27 16.49 28.13
CA ASN C 394 -15.34 15.05 27.86
C ASN C 394 -16.72 14.50 28.17
N LEU C 395 -17.35 14.99 29.23
CA LEU C 395 -18.64 14.45 29.64
C LEU C 395 -19.70 14.72 28.58
N VAL C 396 -19.73 15.92 28.01
CA VAL C 396 -20.70 16.20 26.96
C VAL C 396 -20.36 15.43 25.69
N TYR C 397 -19.06 15.33 25.36
CA TYR C 397 -18.66 14.63 24.15
C TYR C 397 -19.03 13.17 24.21
N TRP C 398 -18.70 12.50 25.31
CA TRP C 398 -18.90 11.06 25.39
C TRP C 398 -20.37 10.71 25.55
N VAL C 399 -21.10 11.45 26.39
CA VAL C 399 -22.52 11.18 26.55
C VAL C 399 -23.27 11.46 25.26
N SER C 400 -22.77 12.39 24.45
CA SER C 400 -23.44 12.71 23.20
C SER C 400 -23.44 11.55 22.22
N TYR C 401 -22.28 10.90 22.06
CA TYR C 401 -22.14 9.88 21.03
C TYR C 401 -22.65 8.53 21.48
N LEU C 402 -22.34 8.13 22.71
CA LEU C 402 -22.72 6.79 23.16
C LEU C 402 -24.20 6.67 23.44
N TYR C 403 -24.80 7.67 24.09
CA TYR C 403 -26.15 7.56 24.64
C TYR C 403 -27.17 8.41 23.88
N LEU C 404 -26.95 9.72 23.76
CA LEU C 404 -27.95 10.56 23.14
C LEU C 404 -28.00 10.38 21.63
N GLY C 405 -26.99 9.76 21.04
CA GLY C 405 -26.96 9.54 19.60
C GLY C 405 -26.08 8.39 19.19
N ASP D 1 5.40 -56.14 -30.15
CA ASP D 1 5.92 -54.90 -29.58
C ASP D 1 5.43 -54.71 -28.15
N ASN D 2 6.33 -54.30 -27.27
CA ASN D 2 5.98 -54.07 -25.88
C ASN D 2 5.15 -52.81 -25.68
N THR D 3 5.08 -51.92 -26.66
CA THR D 3 4.35 -50.67 -26.53
C THR D 3 2.87 -50.82 -26.81
N THR D 4 2.52 -51.56 -27.87
CA THR D 4 1.13 -51.66 -28.30
C THR D 4 0.27 -52.37 -27.27
N VAL D 5 0.83 -53.34 -26.55
CA VAL D 5 0.04 -54.09 -25.57
C VAL D 5 -0.45 -53.15 -24.47
N PHE D 6 0.44 -52.30 -23.94
CA PHE D 6 0.03 -51.39 -22.89
C PHE D 6 -0.78 -50.23 -23.43
N THR D 7 -0.54 -49.83 -24.69
CA THR D 7 -1.41 -48.84 -25.32
C THR D 7 -2.85 -49.34 -25.37
N ARG D 8 -3.04 -50.58 -25.82
CA ARG D 8 -4.40 -51.12 -25.91
C ARG D 8 -4.98 -51.38 -24.52
N ILE D 9 -4.14 -51.72 -23.54
CA ILE D 9 -4.65 -51.89 -22.18
C ILE D 9 -5.20 -50.57 -21.65
N LEU D 10 -4.43 -49.50 -21.82
CA LEU D 10 -4.90 -48.19 -21.35
C LEU D 10 -6.14 -47.75 -22.12
N ASP D 11 -6.17 -48.00 -23.43
CA ASP D 11 -7.34 -47.63 -24.21
C ASP D 11 -8.57 -48.43 -23.80
N ARG D 12 -8.39 -49.69 -23.41
CA ARG D 12 -9.51 -50.54 -23.00
C ARG D 12 -9.95 -50.29 -21.57
N LEU D 13 -9.11 -49.64 -20.77
CA LEU D 13 -9.48 -49.46 -19.34
C LEU D 13 -10.76 -48.64 -19.26
N LEU D 14 -10.81 -47.50 -19.96
CA LEU D 14 -11.97 -46.60 -19.82
C LEU D 14 -13.01 -46.87 -20.93
N ASP D 15 -13.48 -48.12 -21.06
CA ASP D 15 -14.57 -48.40 -22.04
C ASP D 15 -15.90 -48.34 -21.27
N GLY D 16 -16.49 -47.14 -21.17
CA GLY D 16 -17.73 -46.99 -20.38
C GLY D 16 -17.44 -46.45 -19.00
N TYR D 17 -16.20 -46.02 -18.76
CA TYR D 17 -15.82 -45.54 -17.41
C TYR D 17 -16.58 -44.26 -17.13
N ASP D 18 -17.72 -44.37 -16.47
CA ASP D 18 -18.55 -43.22 -16.12
C ASP D 18 -17.88 -42.50 -14.96
N ASN D 19 -17.09 -41.47 -15.27
CA ASN D 19 -16.44 -40.68 -14.24
C ASN D 19 -17.42 -39.81 -13.47
N ARG D 20 -18.67 -39.68 -13.92
CA ARG D 20 -19.66 -38.88 -13.23
C ARG D 20 -20.15 -39.52 -11.94
N LEU D 21 -19.88 -40.80 -11.72
CA LEU D 21 -20.42 -41.56 -10.61
C LEU D 21 -19.30 -42.15 -9.77
N ARG D 22 -19.47 -42.09 -8.45
CA ARG D 22 -18.44 -42.56 -7.55
C ARG D 22 -18.32 -44.09 -7.64
N PRO D 23 -17.14 -44.64 -7.34
CA PRO D 23 -17.01 -46.10 -7.36
C PRO D 23 -17.87 -46.76 -6.31
N GLY D 24 -18.37 -47.95 -6.64
CA GLY D 24 -19.24 -48.68 -5.72
C GLY D 24 -20.53 -47.95 -5.41
N LEU D 25 -21.14 -47.34 -6.40
CA LEU D 25 -22.35 -46.56 -6.20
C LEU D 25 -23.54 -47.51 -6.07
N GLY D 26 -24.17 -47.53 -4.90
CA GLY D 26 -25.37 -48.30 -4.67
C GLY D 26 -25.18 -49.63 -3.98
N GLU D 27 -23.93 -50.04 -3.73
CA GLU D 27 -23.65 -51.28 -3.01
C GLU D 27 -22.59 -51.13 -1.91
N ARG D 28 -21.96 -49.97 -1.78
CA ARG D 28 -20.96 -49.78 -0.74
C ARG D 28 -20.71 -48.29 -0.58
N VAL D 29 -19.82 -47.94 0.34
CA VAL D 29 -19.41 -46.58 0.61
C VAL D 29 -17.92 -46.47 0.32
N THR D 30 -17.54 -45.48 -0.47
CA THR D 30 -16.14 -45.33 -0.87
C THR D 30 -15.30 -44.88 0.31
N GLU D 31 -14.32 -45.70 0.70
CA GLU D 31 -13.43 -45.40 1.82
C GLU D 31 -12.16 -44.79 1.26
N VAL D 32 -12.08 -43.47 1.26
CA VAL D 32 -10.89 -42.78 0.80
C VAL D 32 -9.89 -42.69 1.96
N LYS D 33 -8.72 -43.27 1.78
CA LYS D 33 -7.64 -43.23 2.76
C LYS D 33 -6.67 -42.13 2.34
N THR D 34 -6.48 -41.14 3.21
CA THR D 34 -5.73 -39.93 2.88
C THR D 34 -4.65 -39.67 3.91
N ASP D 35 -3.61 -38.99 3.48
CA ASP D 35 -2.55 -38.53 4.37
C ASP D 35 -1.83 -37.35 3.75
N ILE D 36 -1.11 -36.62 4.58
CA ILE D 36 -0.43 -35.38 4.20
C ILE D 36 1.05 -35.52 4.53
N PHE D 37 1.91 -34.99 3.67
CA PHE D 37 3.33 -34.88 3.93
C PHE D 37 3.71 -33.41 3.74
N VAL D 38 3.91 -32.71 4.85
CA VAL D 38 4.15 -31.27 4.81
C VAL D 38 5.63 -31.05 4.48
N THR D 39 5.89 -30.49 3.30
CA THR D 39 7.26 -30.17 2.92
C THR D 39 7.83 -29.07 3.81
N SER D 40 7.09 -27.97 3.96
CA SER D 40 7.56 -26.83 4.72
C SER D 40 6.36 -26.06 5.25
N PHE D 41 6.37 -25.79 6.55
CA PHE D 41 5.33 -25.00 7.18
C PHE D 41 5.61 -23.53 6.88
N GLY D 42 4.74 -22.91 6.09
CA GLY D 42 4.98 -21.57 5.61
C GLY D 42 4.88 -20.54 6.72
N PRO D 43 5.19 -19.30 6.41
CA PRO D 43 5.12 -18.24 7.42
C PRO D 43 3.69 -17.98 7.84
N VAL D 44 3.52 -17.61 9.10
CA VAL D 44 2.22 -17.28 9.65
C VAL D 44 2.02 -15.78 9.52
N SER D 45 0.98 -15.38 8.80
CA SER D 45 0.67 -13.97 8.61
C SER D 45 -0.25 -13.53 9.75
N ASP D 46 0.31 -12.76 10.68
CA ASP D 46 -0.48 -12.30 11.82
C ASP D 46 -1.60 -11.38 11.38
N HIS D 47 -1.34 -10.53 10.37
CA HIS D 47 -2.32 -9.53 9.97
C HIS D 47 -3.61 -10.17 9.47
N ASP D 48 -3.49 -11.23 8.68
CA ASP D 48 -4.65 -11.94 8.16
C ASP D 48 -5.09 -13.10 9.03
N MET D 49 -4.29 -13.49 10.03
CA MET D 49 -4.43 -14.78 10.69
C MET D 49 -4.54 -15.89 9.64
N GLU D 50 -3.61 -15.86 8.69
CA GLU D 50 -3.49 -16.82 7.62
C GLU D 50 -2.09 -17.42 7.67
N TYR D 51 -2.00 -18.71 7.39
CA TYR D 51 -0.71 -19.39 7.34
C TYR D 51 -0.64 -20.27 6.10
N THR D 52 0.52 -20.28 5.47
CA THR D 52 0.78 -21.10 4.30
C THR D 52 1.38 -22.44 4.71
N ILE D 53 1.04 -23.47 3.94
CA ILE D 53 1.57 -24.80 4.19
C ILE D 53 1.70 -25.54 2.86
N ASP D 54 2.89 -25.99 2.53
CA ASP D 54 3.12 -26.74 1.30
C ASP D 54 3.03 -28.23 1.60
N VAL D 55 2.18 -28.93 0.86
CA VAL D 55 1.82 -30.31 1.16
C VAL D 55 1.93 -31.17 -0.09
N PHE D 56 2.04 -32.47 0.14
CA PHE D 56 2.07 -33.51 -0.87
C PHE D 56 0.85 -34.38 -0.65
N PHE D 57 -0.31 -33.73 -0.57
CA PHE D 57 -1.59 -34.37 -0.27
C PHE D 57 -1.79 -35.65 -1.06
N ARG D 58 -1.89 -36.76 -0.34
CA ARG D 58 -2.02 -38.09 -0.93
C ARG D 58 -3.38 -38.66 -0.58
N GLN D 59 -4.06 -39.21 -1.58
CA GLN D 59 -5.32 -39.92 -1.38
C GLN D 59 -5.21 -41.29 -2.03
N SER D 60 -6.08 -42.20 -1.61
CA SER D 60 -6.13 -43.51 -2.25
C SER D 60 -7.50 -44.12 -2.00
N TRP D 61 -7.92 -44.98 -2.91
CA TRP D 61 -9.22 -45.62 -2.78
C TRP D 61 -9.32 -46.80 -3.72
N LYS D 62 -10.20 -47.73 -3.37
CA LYS D 62 -10.45 -48.91 -4.19
C LYS D 62 -11.43 -48.58 -5.30
N ASP D 63 -11.20 -49.17 -6.47
CA ASP D 63 -12.08 -48.96 -7.62
C ASP D 63 -12.08 -50.24 -8.44
N GLU D 64 -13.21 -50.98 -8.41
CA GLU D 64 -13.29 -52.24 -9.12
C GLU D 64 -13.41 -52.05 -10.63
N ARG D 65 -13.96 -50.91 -11.06
CA ARG D 65 -14.16 -50.68 -12.49
C ARG D 65 -12.85 -50.58 -13.24
N LEU D 66 -11.74 -50.24 -12.57
CA LEU D 66 -10.45 -50.03 -13.21
C LEU D 66 -9.51 -51.23 -13.05
N LYS D 67 -10.04 -52.39 -12.65
CA LYS D 67 -9.19 -53.57 -12.55
C LYS D 67 -8.68 -53.97 -13.92
N PHE D 68 -7.46 -54.51 -13.95
CA PHE D 68 -6.81 -54.88 -15.19
C PHE D 68 -5.79 -55.97 -14.93
N LYS D 69 -5.35 -56.62 -16.00
CA LYS D 69 -4.36 -57.69 -15.95
C LYS D 69 -3.32 -57.43 -17.02
N GLY D 70 -2.06 -57.33 -16.62
CA GLY D 70 -0.98 -57.07 -17.54
C GLY D 70 0.37 -57.41 -16.95
N PRO D 71 1.44 -57.23 -17.74
CA PRO D 71 2.78 -57.54 -17.21
C PRO D 71 3.16 -56.74 -15.97
N MET D 72 2.77 -55.47 -15.89
CA MET D 72 3.19 -54.60 -14.80
C MET D 72 2.13 -54.58 -13.70
N THR D 73 2.59 -54.48 -12.46
CA THR D 73 1.69 -54.42 -11.32
C THR D 73 1.04 -53.04 -11.21
N VAL D 74 1.78 -51.98 -11.50
CA VAL D 74 1.34 -50.61 -11.31
C VAL D 74 1.40 -49.89 -12.65
N LEU D 75 0.31 -49.18 -12.98
CA LEU D 75 0.22 -48.35 -14.17
C LEU D 75 0.20 -46.89 -13.74
N ARG D 76 1.14 -46.11 -14.27
CA ARG D 76 1.27 -44.69 -13.93
C ARG D 76 0.61 -43.87 -15.03
N LEU D 77 -0.65 -43.51 -14.83
CA LEU D 77 -1.35 -42.70 -15.82
C LEU D 77 -0.75 -41.29 -15.85
N ASN D 78 -0.90 -40.64 -16.99
CA ASN D 78 -0.46 -39.25 -17.11
C ASN D 78 -1.47 -38.33 -16.41
N ASN D 79 -1.08 -37.06 -16.28
CA ASN D 79 -1.90 -36.11 -15.53
C ASN D 79 -3.26 -35.91 -16.17
N LEU D 80 -3.33 -35.80 -17.50
CA LEU D 80 -4.56 -35.38 -18.13
C LEU D 80 -5.62 -36.46 -18.09
N MET D 81 -5.22 -37.73 -18.24
CA MET D 81 -6.21 -38.81 -18.27
C MET D 81 -6.92 -38.98 -16.93
N ALA D 82 -6.34 -38.46 -15.84
CA ALA D 82 -7.04 -38.46 -14.56
C ALA D 82 -8.35 -37.70 -14.63
N SER D 83 -8.50 -36.77 -15.59
CA SER D 83 -9.78 -36.11 -15.76
C SER D 83 -10.89 -37.08 -16.14
N LYS D 84 -10.54 -38.17 -16.83
CA LYS D 84 -11.53 -39.15 -17.26
C LYS D 84 -11.82 -40.23 -16.22
N ILE D 85 -11.20 -40.17 -15.04
CA ILE D 85 -11.44 -41.10 -13.95
C ILE D 85 -11.93 -40.34 -12.73
N TRP D 86 -12.92 -40.92 -12.05
CA TRP D 86 -13.45 -40.31 -10.84
C TRP D 86 -12.36 -40.15 -9.79
N THR D 87 -12.38 -39.01 -9.11
CA THR D 87 -11.48 -38.72 -8.02
C THR D 87 -12.25 -38.00 -6.93
N PRO D 88 -11.81 -38.07 -5.68
CA PRO D 88 -12.53 -37.37 -4.62
C PRO D 88 -12.46 -35.87 -4.80
N ASP D 89 -13.48 -35.20 -4.27
CA ASP D 89 -13.66 -33.75 -4.43
C ASP D 89 -13.25 -32.99 -3.17
N THR D 90 -12.16 -33.42 -2.53
CA THR D 90 -11.71 -32.83 -1.28
C THR D 90 -11.49 -31.32 -1.42
N PHE D 91 -12.00 -30.57 -0.45
CA PHE D 91 -11.73 -29.14 -0.36
C PHE D 91 -11.29 -28.87 1.07
N PHE D 92 -10.53 -27.81 1.27
CA PHE D 92 -10.10 -27.40 2.59
C PHE D 92 -11.13 -26.43 3.16
N HIS D 93 -11.74 -26.80 4.29
CA HIS D 93 -12.84 -26.01 4.84
C HIS D 93 -12.40 -24.60 5.20
N ASN D 94 -11.13 -24.42 5.54
CA ASN D 94 -10.55 -23.11 5.83
C ASN D 94 -9.41 -22.92 4.84
N GLY D 95 -9.74 -22.36 3.68
CA GLY D 95 -8.76 -22.12 2.64
C GLY D 95 -9.01 -20.78 1.99
N LYS D 96 -7.92 -20.15 1.55
CA LYS D 96 -7.99 -18.82 0.93
C LYS D 96 -6.93 -18.78 -0.17
N LYS D 97 -7.38 -18.84 -1.42
CA LYS D 97 -6.49 -18.73 -2.58
C LYS D 97 -5.38 -19.79 -2.50
N SER D 98 -5.77 -21.02 -2.14
CA SER D 98 -4.77 -22.12 -2.16
C SER D 98 -4.40 -22.42 -3.62
N VAL D 99 -3.17 -22.84 -3.90
CA VAL D 99 -2.74 -23.01 -5.32
C VAL D 99 -2.15 -24.39 -5.59
N ALA D 100 -2.38 -24.95 -6.78
CA ALA D 100 -1.76 -26.23 -7.19
C ALA D 100 -0.69 -25.93 -8.23
N HIS D 101 0.51 -26.47 -8.08
CA HIS D 101 1.64 -26.09 -8.98
C HIS D 101 1.42 -26.66 -10.39
N ASN D 102 1.59 -25.84 -11.43
CA ASN D 102 1.39 -26.30 -12.82
C ASN D 102 2.71 -26.18 -13.59
N MET D 103 3.83 -26.23 -12.89
CA MET D 103 5.16 -26.09 -13.54
C MET D 103 6.04 -27.31 -13.22
N THR D 104 6.89 -27.74 -14.15
CA THR D 104 6.72 -27.53 -15.60
C THR D 104 5.54 -28.33 -16.11
N MET D 105 5.01 -29.24 -15.28
CA MET D 105 3.83 -30.06 -15.65
C MET D 105 2.93 -30.20 -14.42
N PRO D 106 1.59 -30.33 -14.58
CA PRO D 106 0.72 -30.41 -13.42
C PRO D 106 1.28 -31.38 -12.38
N ASN D 107 1.54 -30.88 -11.17
CA ASN D 107 2.11 -31.72 -10.08
C ASN D 107 1.06 -32.72 -9.59
N LYS D 108 0.66 -33.67 -10.44
CA LYS D 108 -0.31 -34.70 -10.10
C LYS D 108 0.27 -36.05 -10.49
N LEU D 109 -0.20 -37.09 -9.82
CA LEU D 109 0.20 -38.44 -10.15
C LEU D 109 -0.94 -39.39 -9.83
N LEU D 110 -1.25 -40.27 -10.79
CA LEU D 110 -2.29 -41.29 -10.62
C LEU D 110 -1.67 -42.65 -10.92
N ARG D 111 -1.75 -43.55 -9.95
CA ARG D 111 -1.21 -44.90 -10.06
C ARG D 111 -2.33 -45.90 -9.83
N ILE D 112 -2.42 -46.91 -10.69
CA ILE D 112 -3.47 -47.91 -10.66
C ILE D 112 -2.82 -49.28 -10.44
N THR D 113 -3.33 -50.03 -9.47
CA THR D 113 -2.83 -51.37 -9.18
C THR D 113 -3.75 -52.41 -9.80
N GLU D 114 -3.19 -53.61 -10.03
CA GLU D 114 -3.94 -54.67 -10.68
C GLU D 114 -5.20 -55.04 -9.91
N ASP D 115 -5.15 -54.95 -8.58
CA ASP D 115 -6.34 -55.20 -7.77
C ASP D 115 -7.35 -54.06 -7.83
N GLY D 116 -7.03 -52.95 -8.49
CA GLY D 116 -7.93 -51.83 -8.63
C GLY D 116 -7.69 -50.67 -7.69
N THR D 117 -6.77 -50.80 -6.74
CA THR D 117 -6.47 -49.71 -5.84
C THR D 117 -5.84 -48.56 -6.60
N LEU D 118 -6.34 -47.35 -6.37
CA LEU D 118 -5.81 -46.14 -6.97
C LEU D 118 -5.11 -45.31 -5.90
N LEU D 119 -3.94 -44.78 -6.26
CA LEU D 119 -3.22 -43.79 -5.47
C LEU D 119 -3.19 -42.49 -6.27
N TYR D 120 -3.59 -41.39 -5.63
CA TYR D 120 -3.68 -40.08 -6.27
C TYR D 120 -2.88 -39.11 -5.42
N THR D 121 -1.69 -38.74 -5.91
CA THR D 121 -0.79 -37.85 -5.21
C THR D 121 -0.86 -36.47 -5.84
N MET D 122 -0.93 -35.46 -4.98
CA MET D 122 -1.13 -34.07 -5.40
C MET D 122 -0.25 -33.17 -4.56
N ARG D 123 0.38 -32.19 -5.21
CA ARG D 123 1.21 -31.19 -4.54
C ARG D 123 0.46 -29.88 -4.50
N LEU D 124 0.38 -29.28 -3.31
CA LEU D 124 -0.40 -28.07 -3.11
C LEU D 124 0.35 -27.10 -2.20
N THR D 125 -0.05 -25.84 -2.27
CA THR D 125 0.27 -24.84 -1.26
C THR D 125 -1.06 -24.27 -0.76
N VAL D 126 -1.36 -24.53 0.51
CA VAL D 126 -2.66 -24.19 1.10
C VAL D 126 -2.47 -22.98 2.00
N ARG D 127 -3.28 -21.95 1.77
CA ARG D 127 -3.29 -20.73 2.59
C ARG D 127 -4.53 -20.84 3.49
N ALA D 128 -4.33 -21.35 4.70
CA ALA D 128 -5.43 -21.68 5.60
C ALA D 128 -5.59 -20.61 6.67
N GLU D 129 -6.78 -20.58 7.25
CA GLU D 129 -7.13 -19.62 8.29
C GLU D 129 -6.83 -20.19 9.66
N CYS D 130 -6.22 -19.37 10.51
CA CYS D 130 -5.82 -19.74 11.86
C CYS D 130 -6.40 -18.71 12.82
N PRO D 131 -7.69 -18.82 13.20
CA PRO D 131 -8.29 -17.78 14.04
C PRO D 131 -7.61 -17.66 15.40
N MET D 132 -6.95 -16.53 15.62
CA MET D 132 -6.09 -16.32 16.78
C MET D 132 -6.81 -15.54 17.86
N HIS D 133 -6.33 -15.70 19.09
CA HIS D 133 -6.75 -14.93 20.26
C HIS D 133 -5.52 -14.22 20.79
N LEU D 134 -5.25 -13.02 20.26
CA LEU D 134 -4.05 -12.27 20.61
C LEU D 134 -4.25 -11.48 21.89
N GLU D 135 -4.55 -12.21 22.98
CA GLU D 135 -4.74 -11.62 24.29
C GLU D 135 -3.50 -11.74 25.18
N ASP D 136 -2.60 -12.67 24.88
CA ASP D 136 -1.33 -12.81 25.58
C ASP D 136 -0.15 -12.41 24.70
N PHE D 137 -0.39 -11.60 23.68
CA PHE D 137 0.67 -11.20 22.77
C PHE D 137 1.73 -10.41 23.53
N PRO D 138 3.02 -10.61 23.26
CA PRO D 138 3.71 -11.50 22.31
C PRO D 138 4.13 -12.81 22.98
N MET D 139 3.34 -13.29 23.92
CA MET D 139 3.63 -14.49 24.69
C MET D 139 2.45 -15.44 24.62
N ASP D 140 1.95 -15.68 23.42
CA ASP D 140 0.75 -16.47 23.16
C ASP D 140 1.14 -17.80 22.51
N ALA D 141 0.15 -18.69 22.44
CA ALA D 141 0.28 -19.97 21.74
C ALA D 141 -1.01 -20.23 20.99
N HIS D 142 -0.89 -20.82 19.81
CA HIS D 142 -2.02 -21.06 18.92
C HIS D 142 -2.05 -22.51 18.49
N ALA D 143 -3.25 -22.95 18.08
CA ALA D 143 -3.48 -24.26 17.49
C ALA D 143 -4.16 -24.02 16.16
N CYS D 144 -3.37 -23.80 15.12
CA CYS D 144 -3.91 -23.46 13.82
C CYS D 144 -4.53 -24.70 13.19
N PRO D 145 -5.83 -24.72 12.85
CA PRO D 145 -6.40 -25.92 12.25
C PRO D 145 -6.18 -26.01 10.75
N LEU D 146 -6.30 -27.23 10.24
CA LEU D 146 -6.41 -27.52 8.82
C LEU D 146 -7.42 -28.64 8.67
N LYS D 147 -8.57 -28.32 8.08
CA LYS D 147 -9.69 -29.25 7.97
C LYS D 147 -10.02 -29.47 6.50
N PHE D 148 -10.33 -30.72 6.15
CA PHE D 148 -10.70 -31.03 4.77
C PHE D 148 -11.69 -32.19 4.75
N GLY D 149 -12.42 -32.27 3.65
CA GLY D 149 -13.42 -33.31 3.48
C GLY D 149 -14.11 -33.15 2.13
N SER D 150 -15.01 -34.08 1.85
CA SER D 150 -15.73 -34.05 0.59
C SER D 150 -16.67 -32.86 0.54
N TYR D 151 -16.93 -32.38 -0.68
CA TYR D 151 -17.81 -31.24 -0.89
C TYR D 151 -19.22 -31.68 -1.24
N ALA D 152 -19.37 -32.53 -2.25
CA ALA D 152 -20.68 -32.97 -2.72
C ALA D 152 -21.15 -34.22 -1.99
N TYR D 153 -20.27 -35.20 -1.84
CA TYR D 153 -20.66 -36.48 -1.28
C TYR D 153 -20.77 -36.40 0.24
N THR D 154 -21.80 -37.04 0.78
CA THR D 154 -22.13 -36.96 2.19
C THR D 154 -21.43 -38.10 2.95
N ARG D 155 -21.82 -38.29 4.22
CA ARG D 155 -21.25 -39.36 5.01
C ARG D 155 -21.65 -40.73 4.48
N ALA D 156 -22.84 -40.85 3.89
CA ALA D 156 -23.34 -42.12 3.40
C ALA D 156 -22.85 -42.46 2.00
N GLU D 157 -22.05 -41.58 1.37
CA GLU D 157 -21.53 -41.80 0.03
C GLU D 157 -20.01 -41.91 0.00
N VAL D 158 -19.31 -40.95 0.59
CA VAL D 158 -17.86 -40.94 0.66
C VAL D 158 -17.46 -40.71 2.11
N VAL D 159 -16.60 -41.58 2.63
CA VAL D 159 -16.07 -41.47 3.99
C VAL D 159 -14.55 -41.44 3.90
N TYR D 160 -13.95 -40.49 4.60
CA TYR D 160 -12.50 -40.35 4.62
C TYR D 160 -11.92 -41.10 5.81
N GLU D 161 -10.63 -41.41 5.71
CA GLU D 161 -9.92 -42.10 6.77
C GLU D 161 -8.43 -41.83 6.61
N TRP D 162 -7.69 -42.04 7.69
CA TRP D 162 -6.24 -41.89 7.66
C TRP D 162 -5.61 -43.22 7.30
N THR D 163 -4.65 -43.18 6.37
CA THR D 163 -4.02 -44.41 5.89
C THR D 163 -3.19 -45.10 6.95
N ARG D 164 -2.88 -44.44 8.05
CA ARG D 164 -2.16 -45.03 9.19
C ARG D 164 -2.83 -44.50 10.45
N GLU D 165 -2.14 -44.62 11.59
CA GLU D 165 -2.66 -44.04 12.81
C GLU D 165 -2.74 -42.53 12.65
N PRO D 166 -3.63 -41.86 13.40
CA PRO D 166 -3.83 -40.42 13.17
C PRO D 166 -2.57 -39.59 13.33
N ALA D 167 -1.71 -39.93 14.29
CA ALA D 167 -0.48 -39.18 14.48
C ALA D 167 0.55 -39.50 13.41
N ARG D 168 0.51 -40.70 12.84
CA ARG D 168 1.50 -41.14 11.87
C ARG D 168 1.19 -40.73 10.44
N SER D 169 0.00 -40.19 10.16
CA SER D 169 -0.37 -39.85 8.80
C SER D 169 0.10 -38.46 8.39
N VAL D 170 0.21 -37.54 9.34
CA VAL D 170 0.68 -36.18 9.08
C VAL D 170 2.14 -36.10 9.52
N VAL D 171 3.01 -35.74 8.59
CA VAL D 171 4.45 -35.68 8.82
C VAL D 171 4.97 -34.35 8.30
N VAL D 172 5.94 -33.78 9.02
CA VAL D 172 6.57 -32.53 8.65
C VAL D 172 8.05 -32.80 8.43
N ALA D 173 8.57 -32.39 7.28
CA ALA D 173 9.98 -32.58 6.98
C ALA D 173 10.84 -31.81 7.97
N GLU D 174 11.98 -32.39 8.33
CA GLU D 174 12.83 -31.80 9.36
C GLU D 174 13.40 -30.46 8.92
N ASP D 175 13.98 -30.42 7.72
CA ASP D 175 14.64 -29.19 7.27
C ASP D 175 13.64 -28.11 6.88
N GLY D 176 12.46 -28.50 6.41
CA GLY D 176 11.51 -27.53 5.91
C GLY D 176 10.65 -26.91 7.00
N SER D 177 11.01 -25.70 7.40
CA SER D 177 10.20 -24.95 8.37
C SER D 177 10.50 -23.47 8.14
N ARG D 178 9.60 -22.79 7.45
CA ARG D 178 9.79 -21.39 7.08
C ARG D 178 9.31 -20.41 8.15
N LEU D 179 8.92 -20.90 9.31
CA LEU D 179 8.46 -20.02 10.37
C LEU D 179 9.60 -19.13 10.86
N ASN D 180 9.33 -17.83 10.92
CA ASN D 180 10.34 -16.86 11.37
C ASN D 180 10.22 -16.58 12.86
N GLN D 181 9.08 -16.03 13.28
CA GLN D 181 8.85 -15.65 14.66
C GLN D 181 8.17 -16.73 15.48
N TYR D 182 7.67 -17.78 14.85
CA TYR D 182 6.95 -18.85 15.52
C TYR D 182 7.83 -20.10 15.63
N ASP D 183 7.42 -21.00 16.51
CA ASP D 183 8.07 -22.28 16.70
C ASP D 183 7.00 -23.35 16.76
N LEU D 184 7.18 -24.40 15.96
CA LEU D 184 6.23 -25.51 15.88
C LEU D 184 6.60 -26.58 16.89
N LEU D 185 5.66 -26.93 17.74
CA LEU D 185 5.86 -27.93 18.79
C LEU D 185 5.36 -29.31 18.39
N GLY D 186 4.08 -29.41 18.01
CA GLY D 186 3.53 -30.69 17.61
C GLY D 186 2.22 -30.50 16.90
N GLN D 187 1.66 -31.61 16.44
CA GLN D 187 0.38 -31.63 15.73
C GLN D 187 -0.55 -32.67 16.34
N THR D 188 -1.84 -32.36 16.31
CA THR D 188 -2.89 -33.22 16.81
C THR D 188 -3.85 -33.52 15.67
N VAL D 189 -4.02 -34.80 15.35
CA VAL D 189 -4.80 -35.25 14.21
C VAL D 189 -6.07 -35.92 14.73
N ASP D 190 -7.21 -35.58 14.14
CA ASP D 190 -8.47 -36.21 14.55
C ASP D 190 -9.50 -36.03 13.46
N SER D 191 -10.31 -37.06 13.24
CA SER D 191 -11.40 -37.01 12.27
C SER D 191 -12.63 -36.39 12.94
N GLY D 192 -13.77 -36.49 12.29
CA GLY D 192 -15.01 -35.98 12.84
C GLY D 192 -16.08 -35.88 11.77
N ILE D 193 -17.23 -35.39 12.20
CA ILE D 193 -18.37 -35.16 11.32
C ILE D 193 -18.87 -33.74 11.53
N VAL D 194 -19.51 -33.19 10.51
CA VAL D 194 -20.07 -31.85 10.55
C VAL D 194 -21.49 -31.89 10.01
N GLN D 195 -22.42 -31.29 10.74
CA GLN D 195 -23.79 -31.19 10.28
C GLN D 195 -23.93 -30.00 9.32
N SER D 196 -25.00 -30.02 8.53
CA SER D 196 -25.28 -28.94 7.60
C SER D 196 -26.68 -29.15 7.05
N SER D 197 -27.14 -28.18 6.26
CA SER D 197 -28.45 -28.29 5.64
C SER D 197 -28.51 -29.46 4.68
N THR D 198 -27.44 -29.68 3.90
CA THR D 198 -27.43 -30.76 2.94
C THR D 198 -27.36 -32.12 3.63
N GLY D 199 -26.52 -32.26 4.64
CA GLY D 199 -26.41 -33.51 5.36
C GLY D 199 -25.10 -33.58 6.12
N GLU D 200 -24.81 -34.78 6.61
CA GLU D 200 -23.56 -35.02 7.33
C GLU D 200 -22.41 -35.21 6.36
N TYR D 201 -21.22 -34.77 6.78
CA TYR D 201 -20.00 -34.92 6.00
C TYR D 201 -18.86 -35.29 6.92
N VAL D 202 -18.03 -36.24 6.48
CA VAL D 202 -16.83 -36.59 7.22
C VAL D 202 -15.81 -35.47 7.07
N VAL D 203 -15.21 -35.07 8.18
CA VAL D 203 -14.25 -33.97 8.22
C VAL D 203 -13.00 -34.46 8.94
N MET D 204 -11.85 -34.33 8.28
CA MET D 204 -10.55 -34.68 8.84
C MET D 204 -9.81 -33.40 9.20
N THR D 205 -9.39 -33.30 10.46
CA THR D 205 -8.78 -32.09 11.01
C THR D 205 -7.40 -32.39 11.55
N THR D 206 -6.53 -31.39 11.44
CA THR D 206 -5.18 -31.44 11.99
C THR D 206 -4.84 -30.07 12.56
N HIS D 207 -4.62 -30.00 13.86
CA HIS D 207 -4.23 -28.76 14.53
C HIS D 207 -2.72 -28.74 14.70
N PHE D 208 -2.08 -27.69 14.19
CA PHE D 208 -0.64 -27.49 14.37
C PHE D 208 -0.44 -26.52 15.53
N HIS D 209 0.35 -26.95 16.52
CA HIS D 209 0.62 -26.14 17.70
C HIS D 209 1.81 -25.24 17.43
N LEU D 210 1.63 -23.93 17.66
CA LEU D 210 2.67 -22.94 17.44
C LEU D 210 2.79 -22.05 18.65
N LYS D 211 4.02 -21.61 18.92
CA LYS D 211 4.31 -20.70 20.03
C LYS D 211 5.15 -19.55 19.52
N ARG D 212 4.80 -18.33 19.90
CA ARG D 212 5.53 -17.16 19.44
C ARG D 212 6.85 -17.04 20.19
N LYS D 213 7.86 -16.56 19.46
CA LYS D 213 9.21 -16.37 20.02
C LYS D 213 9.38 -14.90 20.38
N ILE D 214 9.75 -14.66 21.65
CA ILE D 214 9.61 -13.33 22.24
C ILE D 214 10.77 -12.40 21.97
N GLY D 215 11.88 -12.89 21.41
CA GLY D 215 13.10 -12.08 21.34
C GLY D 215 12.93 -10.82 20.51
N TYR D 216 12.19 -10.92 19.39
CA TYR D 216 12.01 -9.77 18.52
C TYR D 216 11.34 -8.63 19.26
N PHE D 217 10.28 -8.94 20.02
CA PHE D 217 9.57 -7.90 20.75
C PHE D 217 10.30 -7.49 22.02
N VAL D 218 11.17 -8.34 22.56
CA VAL D 218 12.04 -7.90 23.65
C VAL D 218 12.99 -6.81 23.15
N ILE D 219 13.52 -6.98 21.93
CA ILE D 219 14.42 -5.98 21.38
C ILE D 219 13.66 -4.78 20.81
N GLN D 220 12.40 -4.96 20.40
CA GLN D 220 11.67 -3.92 19.69
C GLN D 220 10.97 -2.94 20.62
N THR D 221 10.23 -3.44 21.62
CA THR D 221 9.35 -2.62 22.43
C THR D 221 9.68 -2.66 23.91
N TYR D 222 9.88 -3.86 24.48
CA TYR D 222 10.03 -3.97 25.93
C TYR D 222 11.29 -3.26 26.42
N LEU D 223 12.41 -3.51 25.76
CA LEU D 223 13.68 -3.04 26.30
C LEU D 223 13.84 -1.54 26.07
N PRO D 224 13.45 -0.98 24.90
CA PRO D 224 13.40 0.48 24.81
C PRO D 224 12.50 1.12 25.85
N CYS D 225 11.36 0.50 26.16
CA CYS D 225 10.48 1.06 27.19
C CYS D 225 11.16 1.05 28.55
N ILE D 226 11.84 -0.04 28.88
CA ILE D 226 12.53 -0.12 30.17
C ILE D 226 13.64 0.92 30.24
N MET D 227 14.41 1.06 29.17
CA MET D 227 15.50 2.03 29.18
C MET D 227 14.98 3.46 29.21
N THR D 228 13.85 3.74 28.56
CA THR D 228 13.28 5.08 28.63
C THR D 228 12.74 5.37 30.02
N VAL D 229 12.16 4.37 30.67
CA VAL D 229 11.71 4.56 32.05
C VAL D 229 12.91 4.85 32.95
N ILE D 230 13.99 4.09 32.79
CA ILE D 230 15.19 4.35 33.60
C ILE D 230 15.76 5.73 33.28
N LEU D 231 15.69 6.14 32.02
CA LEU D 231 16.12 7.48 31.65
C LEU D 231 15.30 8.53 32.38
N SER D 232 14.00 8.30 32.52
CA SER D 232 13.18 9.21 33.31
C SER D 232 13.58 9.17 34.78
N GLN D 233 13.90 7.98 35.30
CA GLN D 233 14.31 7.88 36.70
C GLN D 233 15.63 8.60 36.95
N VAL D 234 16.46 8.77 35.91
CA VAL D 234 17.70 9.51 36.09
C VAL D 234 17.43 10.94 36.54
N SER D 235 16.24 11.48 36.22
CA SER D 235 15.94 12.87 36.55
C SER D 235 15.92 13.16 38.04
N PHE D 236 15.74 12.16 38.90
CA PHE D 236 15.67 12.47 40.33
C PHE D 236 17.01 12.98 40.85
N TRP D 237 18.12 12.58 40.23
CA TRP D 237 19.44 12.81 40.79
C TRP D 237 19.98 14.20 40.52
N LEU D 238 19.34 14.99 39.66
CA LEU D 238 19.79 16.35 39.40
C LEU D 238 19.26 17.31 40.46
N ASN D 239 19.96 18.42 40.61
CA ASN D 239 19.57 19.42 41.59
C ASN D 239 18.22 20.02 41.22
N ARG D 240 17.44 20.38 42.26
CA ARG D 240 16.08 20.84 42.05
C ARG D 240 16.00 22.16 41.29
N GLU D 241 17.10 22.93 41.21
CA GLU D 241 17.06 24.23 40.57
C GLU D 241 17.18 24.14 39.06
N SER D 242 17.61 23.00 38.51
CA SER D 242 17.77 22.84 37.06
C SER D 242 16.42 22.51 36.45
N VAL D 243 15.52 23.50 36.51
CA VAL D 243 14.15 23.30 36.05
C VAL D 243 14.07 22.95 34.57
N PRO D 244 14.71 23.69 33.65
CA PRO D 244 14.64 23.29 32.24
C PRO D 244 15.16 21.90 31.96
N ALA D 245 16.23 21.47 32.63
CA ALA D 245 16.80 20.15 32.37
C ALA D 245 15.82 19.05 32.77
N ARG D 246 15.27 19.13 33.97
CA ARG D 246 14.34 18.11 34.42
C ARG D 246 13.05 18.14 33.62
N THR D 247 12.60 19.33 33.21
CA THR D 247 11.44 19.41 32.33
C THR D 247 11.74 18.72 31.00
N VAL D 248 12.96 18.90 30.48
CA VAL D 248 13.33 18.24 29.23
C VAL D 248 13.29 16.72 29.41
N PHE D 249 13.85 16.23 30.52
CA PHE D 249 13.77 14.78 30.80
C PHE D 249 12.34 14.29 30.78
N GLY D 250 11.48 14.92 31.58
CA GLY D 250 10.12 14.44 31.70
C GLY D 250 9.36 14.49 30.39
N VAL D 251 9.43 15.62 29.70
CA VAL D 251 8.63 15.80 28.50
C VAL D 251 9.14 14.92 27.37
N THR D 252 10.46 14.80 27.21
CA THR D 252 10.99 13.98 26.12
C THR D 252 10.73 12.51 26.39
N THR D 253 10.79 12.10 27.65
CA THR D 253 10.49 10.69 27.98
C THR D 253 9.02 10.45 27.70
N VAL D 254 8.14 11.39 28.04
CA VAL D 254 6.67 11.15 27.86
C VAL D 254 6.39 11.06 26.35
N LEU D 255 7.01 11.93 25.57
CA LEU D 255 6.82 11.91 24.10
C LEU D 255 7.32 10.56 23.54
N THR D 256 8.50 10.13 23.96
CA THR D 256 9.08 8.88 23.42
C THR D 256 8.18 7.74 23.77
N MET D 257 7.73 7.67 25.01
CA MET D 257 6.90 6.53 25.46
C MET D 257 5.61 6.50 24.64
N THR D 258 5.18 7.65 24.11
CA THR D 258 3.98 7.67 23.25
C THR D 258 4.34 7.02 21.93
N THR D 259 5.40 7.50 21.29
CA THR D 259 5.83 6.93 20.01
C THR D 259 5.88 5.42 20.12
N LEU D 260 6.53 4.91 21.17
CA LEU D 260 6.70 3.45 21.31
C LEU D 260 5.30 2.80 21.38
N SER D 261 4.34 3.46 22.01
CA SER D 261 2.97 2.89 22.14
C SER D 261 2.29 2.83 20.77
N ILE D 262 2.38 3.89 19.99
CA ILE D 262 1.66 3.94 18.68
C ILE D 262 2.44 3.16 17.62
N SER D 263 3.67 2.75 17.93
CA SER D 263 4.51 2.06 16.93
C SER D 263 4.82 0.63 17.40
N ALA D 264 3.93 0.06 18.20
CA ALA D 264 4.12 -1.32 18.69
C ALA D 264 2.99 -2.20 18.15
N ARG D 265 1.77 -1.67 18.18
CA ARG D 265 0.59 -2.43 17.70
C ARG D 265 0.79 -2.81 16.22
N ASN D 266 1.33 -1.89 15.41
CA ASN D 266 1.49 -2.13 13.96
C ASN D 266 1.72 -3.62 13.67
N SER D 267 2.65 -4.26 14.37
CA SER D 267 2.98 -5.65 14.10
C SER D 267 1.74 -6.56 14.11
N LEU D 268 0.68 -6.16 14.79
CA LEU D 268 -0.52 -6.95 14.99
C LEU D 268 -1.64 -6.50 14.06
N PRO D 269 -2.77 -7.20 14.05
CA PRO D 269 -3.98 -6.62 13.47
C PRO D 269 -4.55 -5.54 14.36
N LYS D 270 -5.75 -5.07 14.03
CA LYS D 270 -6.43 -4.00 14.75
C LYS D 270 -7.41 -4.56 15.77
N VAL D 271 -7.05 -5.66 16.44
CA VAL D 271 -7.91 -6.28 17.44
C VAL D 271 -8.31 -5.26 18.50
N ALA D 272 -9.54 -5.37 18.98
CA ALA D 272 -10.16 -4.36 19.83
C ALA D 272 -10.09 -4.74 21.31
N TYR D 273 -8.99 -5.33 21.75
CA TYR D 273 -8.77 -5.59 23.16
C TYR D 273 -7.30 -5.40 23.48
N ALA D 274 -7.01 -5.17 24.76
CA ALA D 274 -5.67 -4.82 25.20
C ALA D 274 -4.83 -6.08 25.32
N THR D 275 -3.72 -6.12 24.58
CA THR D 275 -2.76 -7.21 24.71
C THR D 275 -1.87 -6.97 25.93
N ALA D 276 -1.04 -7.97 26.24
CA ALA D 276 -0.14 -7.85 27.38
C ALA D 276 0.88 -6.73 27.15
N MET D 277 1.37 -6.60 25.92
CA MET D 277 2.33 -5.54 25.62
C MET D 277 1.71 -4.17 25.85
N ASP D 278 0.41 -4.03 25.56
CA ASP D 278 -0.27 -2.76 25.84
C ASP D 278 -0.29 -2.48 27.33
N TRP D 279 -0.53 -3.50 28.15
CA TRP D 279 -0.51 -3.30 29.60
C TRP D 279 0.87 -2.89 30.08
N PHE D 280 1.91 -3.53 29.55
CA PHE D 280 3.30 -3.15 29.92
C PHE D 280 3.52 -1.71 29.53
N ILE D 281 3.22 -1.39 28.27
CA ILE D 281 3.48 0.00 27.79
C ILE D 281 2.70 0.97 28.69
N ALA D 282 1.49 0.60 29.10
CA ALA D 282 0.67 1.52 29.93
C ALA D 282 1.39 1.78 31.25
N VAL D 283 1.75 0.71 31.96
CA VAL D 283 2.40 0.88 33.29
C VAL D 283 3.65 1.76 33.11
N CYS D 284 4.40 1.52 32.04
CA CYS D 284 5.60 2.33 31.76
C CYS D 284 5.20 3.80 31.58
N TYR D 285 4.13 4.06 30.82
CA TYR D 285 3.66 5.45 30.61
C TYR D 285 3.33 6.08 31.95
N ALA D 286 2.81 5.27 32.88
CA ALA D 286 2.48 5.78 34.24
C ALA D 286 3.77 6.20 34.95
N PHE D 287 4.78 5.34 34.96
CA PHE D 287 6.04 5.67 35.70
C PHE D 287 6.64 6.94 35.12
N VAL D 288 6.71 7.04 33.80
CA VAL D 288 7.32 8.24 33.16
C VAL D 288 6.46 9.46 33.49
N PHE D 289 5.13 9.32 33.42
CA PHE D 289 4.25 10.49 33.69
C PHE D 289 4.35 10.85 35.17
N SER D 290 4.42 9.85 36.05
CA SER D 290 4.55 10.12 37.50
C SER D 290 5.86 10.88 37.77
N ALA D 291 7.00 10.30 37.42
CA ALA D 291 8.26 11.02 37.55
C ALA D 291 8.08 12.50 37.23
N LEU D 292 7.37 12.80 36.14
CA LEU D 292 7.15 14.20 35.81
C LEU D 292 6.30 14.89 36.88
N ILE D 293 5.30 14.17 37.41
CA ILE D 293 4.43 14.76 38.42
C ILE D 293 5.21 15.09 39.69
N GLU D 294 6.07 14.17 40.15
CA GLU D 294 6.81 14.48 41.37
C GLU D 294 7.79 15.60 41.11
N PHE D 295 8.34 15.70 39.88
CA PHE D 295 9.20 16.84 39.60
C PHE D 295 8.41 18.15 39.71
N ALA D 296 7.17 18.17 39.20
CA ALA D 296 6.34 19.35 39.36
C ALA D 296 6.11 19.67 40.82
N THR D 297 5.86 18.63 41.63
CA THR D 297 5.70 18.82 43.06
C THR D 297 6.95 19.41 43.69
N VAL D 298 8.12 18.89 43.32
CA VAL D 298 9.37 19.38 43.90
C VAL D 298 9.60 20.83 43.52
N ASN D 299 9.36 21.18 42.25
CA ASN D 299 9.55 22.56 41.83
C ASN D 299 8.53 23.49 42.44
N TYR D 300 7.37 22.98 42.85
CA TYR D 300 6.39 23.84 43.50
C TYR D 300 6.90 24.36 44.84
N PHE D 301 7.60 23.53 45.61
CA PHE D 301 8.08 23.91 46.94
C PHE D 301 9.45 24.57 46.91
N THR D 302 10.12 24.65 45.77
CA THR D 302 11.41 25.31 45.71
C THR D 302 11.24 26.80 45.97
N LYS D 303 12.16 27.36 46.76
CA LYS D 303 12.09 28.75 47.18
C LYS D 303 13.00 29.64 46.34
N ARG D 304 14.29 29.36 46.32
CA ARG D 304 15.26 30.19 45.61
C ARG D 304 15.46 29.68 44.19
N GLY D 305 15.86 30.60 43.31
CA GLY D 305 16.03 30.30 41.90
C GLY D 305 17.48 30.22 41.45
N TYR D 306 18.39 29.92 42.38
CA TYR D 306 19.81 29.80 42.07
C TYR D 306 20.37 28.60 42.82
N ALA D 307 21.23 27.85 42.12
CA ALA D 307 21.81 26.66 42.71
C ALA D 307 22.94 27.02 43.67
N TRP D 308 23.46 26.01 44.34
CA TRP D 308 24.56 26.20 45.28
C TRP D 308 25.81 26.66 44.53
N ASP D 309 26.26 27.87 44.84
CA ASP D 309 27.36 28.49 44.09
C ASP D 309 28.69 27.80 44.29
N GLY D 310 28.82 26.92 45.27
CA GLY D 310 30.06 26.19 45.52
C GLY D 310 30.98 26.80 46.54
N LYS D 311 31.21 28.12 46.46
CA LYS D 311 32.14 28.77 47.37
C LYS D 311 31.66 28.68 48.81
N SER D 312 30.36 28.86 49.00
CA SER D 312 29.79 28.90 50.38
C SER D 312 29.40 27.50 50.88
N VAL D 313 28.72 27.45 52.04
CA VAL D 313 28.34 26.14 52.65
C VAL D 313 26.85 26.19 52.99
N VAL D 314 26.24 25.03 53.24
CA VAL D 314 24.80 24.98 53.64
C VAL D 314 24.72 24.57 55.12
N PRO D 315 24.34 25.48 56.05
CA PRO D 315 24.19 25.10 57.44
C PRO D 315 22.88 24.35 57.61
N GLU D 316 22.97 23.01 57.65
CA GLU D 316 21.73 22.18 57.73
C GLU D 316 20.83 22.75 58.84
N LYS D 317 19.60 23.14 58.48
CA LYS D 317 18.68 23.75 59.47
C LYS D 317 18.06 22.64 60.35
N PRO D 318 17.96 22.83 61.68
CA PRO D 318 17.42 21.80 62.55
C PRO D 318 16.18 21.15 61.95
N LYS D 374 23.03 36.49 55.17
CA LYS D 374 23.85 35.78 54.20
C LYS D 374 22.98 35.21 53.09
N LYS D 375 23.62 34.62 52.09
CA LYS D 375 22.92 34.03 50.94
C LYS D 375 22.58 32.59 51.26
N THR D 376 21.29 32.30 51.40
CA THR D 376 20.82 30.95 51.67
C THR D 376 20.61 30.18 50.37
N PHE D 377 20.46 28.86 50.50
CA PHE D 377 20.29 27.97 49.37
C PHE D 377 19.21 26.95 49.69
N ASN D 378 18.70 26.31 48.65
CA ASN D 378 17.67 25.29 48.80
C ASN D 378 18.32 23.96 49.14
N SER D 379 17.84 23.32 50.21
CA SER D 379 18.32 22.00 50.56
C SER D 379 17.88 20.98 49.52
N VAL D 380 18.62 19.87 49.45
CA VAL D 380 18.23 18.77 48.59
C VAL D 380 16.88 18.24 49.05
N SER D 381 15.94 18.18 48.12
CA SER D 381 14.55 17.79 48.48
C SER D 381 14.48 16.40 49.12
N LYS D 382 13.46 16.16 49.93
CA LYS D 382 13.27 14.82 50.52
C LYS D 382 12.47 13.98 49.50
N ILE D 383 11.55 14.63 48.78
CA ILE D 383 10.76 13.90 47.74
C ILE D 383 11.75 13.23 46.78
N ASP D 384 12.78 13.97 46.35
CA ASP D 384 13.75 13.41 45.38
C ASP D 384 14.48 12.21 46.01
N ARG D 385 14.97 12.36 47.24
CA ARG D 385 15.75 11.25 47.85
C ARG D 385 14.89 9.99 47.90
N LEU D 386 13.67 10.09 48.41
CA LEU D 386 12.85 8.86 48.56
C LEU D 386 12.43 8.37 47.16
N SER D 387 12.10 9.28 46.25
CA SER D 387 11.75 8.86 44.87
C SER D 387 12.93 8.07 44.29
N ARG D 388 14.15 8.52 44.54
CA ARG D 388 15.34 7.84 43.98
C ARG D 388 15.30 6.36 44.39
N ILE D 389 14.61 6.05 45.48
CA ILE D 389 14.51 4.63 45.95
C ILE D 389 13.13 4.05 45.57
N ALA D 390 12.05 4.80 45.80
CA ALA D 390 10.69 4.26 45.55
C ALA D 390 10.48 3.92 44.08
N PHE D 391 10.80 4.84 43.17
CA PHE D 391 10.50 4.60 41.73
C PHE D 391 11.23 3.35 41.25
N PRO D 392 12.58 3.22 41.29
CA PRO D 392 13.20 2.00 40.76
C PRO D 392 12.76 0.73 41.47
N LEU D 393 12.53 0.77 42.79
CA LEU D 393 12.10 -0.41 43.50
C LEU D 393 10.72 -0.86 43.02
N LEU D 394 9.79 0.09 42.90
CA LEU D 394 8.45 -0.26 42.42
C LEU D 394 8.50 -0.76 40.99
N PHE D 395 9.33 -0.14 40.14
CA PHE D 395 9.43 -0.60 38.77
C PHE D 395 9.99 -2.01 38.68
N GLY D 396 11.02 -2.31 39.48
CA GLY D 396 11.57 -3.66 39.49
C GLY D 396 10.58 -4.68 40.00
N ILE D 397 9.83 -4.33 41.05
CA ILE D 397 8.83 -5.25 41.59
C ILE D 397 7.75 -5.51 40.55
N PHE D 398 7.27 -4.46 39.88
CA PHE D 398 6.28 -4.66 38.84
C PHE D 398 6.82 -5.50 37.70
N ASN D 399 8.07 -5.27 37.31
CA ASN D 399 8.66 -6.04 36.23
C ASN D 399 8.72 -7.51 36.57
N LEU D 400 9.17 -7.83 37.79
CA LEU D 400 9.23 -9.21 38.22
C LEU D 400 7.84 -9.84 38.25
N VAL D 401 6.86 -9.12 38.79
CA VAL D 401 5.51 -9.66 38.89
C VAL D 401 4.93 -9.91 37.50
N TYR D 402 5.08 -8.93 36.60
CA TYR D 402 4.52 -9.06 35.26
C TYR D 402 5.17 -10.20 34.50
N TRP D 403 6.50 -10.29 34.53
CA TRP D 403 7.17 -11.33 33.78
C TRP D 403 6.86 -12.71 34.33
N ALA D 404 6.84 -12.87 35.66
CA ALA D 404 6.46 -14.15 36.24
C ALA D 404 5.04 -14.52 35.87
N THR D 405 4.11 -13.57 35.97
CA THR D 405 2.70 -13.86 35.70
C THR D 405 2.49 -14.29 34.26
N TYR D 406 3.15 -13.62 33.31
CA TYR D 406 2.92 -13.92 31.90
C TYR D 406 3.82 -15.02 31.36
N LEU D 407 4.87 -15.43 32.09
CA LEU D 407 5.69 -16.55 31.68
C LEU D 407 5.24 -17.87 32.29
N ASN D 408 4.65 -17.85 33.50
CA ASN D 408 4.19 -19.09 34.12
C ASN D 408 3.04 -19.71 33.34
N ARG D 409 2.26 -18.91 32.63
CA ARG D 409 1.17 -19.42 31.82
C ARG D 409 1.69 -20.01 30.51
N GLY E 1 14.02 -32.08 -48.51
CA GLY E 1 14.12 -30.95 -49.42
C GLY E 1 12.81 -30.18 -49.53
N ASN E 2 11.83 -30.80 -50.20
CA ASN E 2 10.54 -30.15 -50.38
C ASN E 2 9.74 -30.17 -49.08
N MET E 3 8.79 -29.23 -48.99
CA MET E 3 7.96 -29.12 -47.80
C MET E 3 7.11 -30.38 -47.58
N SER E 4 6.60 -30.96 -48.67
CA SER E 4 5.66 -32.08 -48.55
C SER E 4 6.33 -33.29 -47.89
N PHE E 5 7.58 -33.58 -48.25
CA PHE E 5 8.25 -34.73 -47.68
C PHE E 5 8.43 -34.55 -46.17
N VAL E 6 8.81 -33.35 -45.74
CA VAL E 6 8.95 -33.09 -44.31
C VAL E 6 7.60 -33.16 -43.61
N LYS E 7 6.55 -32.70 -44.28
CA LYS E 7 5.21 -32.78 -43.70
C LYS E 7 4.82 -34.23 -43.46
N GLU E 8 5.01 -35.08 -44.46
CA GLU E 8 4.67 -36.49 -44.31
C GLU E 8 5.58 -37.16 -43.28
N THR E 9 6.83 -36.73 -43.19
CA THR E 9 7.73 -37.27 -42.18
C THR E 9 7.23 -36.96 -40.78
N VAL E 10 6.84 -35.71 -40.55
CA VAL E 10 6.34 -35.31 -39.24
C VAL E 10 5.05 -36.06 -38.90
N ASP E 11 4.16 -36.17 -39.89
CA ASP E 11 2.91 -36.90 -39.65
C ASP E 11 3.16 -38.35 -39.34
N LYS E 12 4.13 -38.97 -40.03
CA LYS E 12 4.49 -40.35 -39.74
C LYS E 12 5.06 -40.49 -38.34
N LEU E 13 5.90 -39.54 -37.92
CA LEU E 13 6.46 -39.60 -36.58
C LEU E 13 5.38 -39.49 -35.52
N LEU E 14 4.43 -38.58 -35.71
CA LEU E 14 3.38 -38.40 -34.71
C LEU E 14 2.23 -39.39 -34.86
N LYS E 15 2.22 -40.21 -35.91
CA LYS E 15 1.20 -41.25 -36.03
C LYS E 15 1.49 -42.36 -35.04
N GLY E 16 0.45 -42.76 -34.29
CA GLY E 16 0.61 -43.84 -33.34
C GLY E 16 1.51 -43.53 -32.18
N TYR E 17 1.69 -42.26 -31.83
CA TYR E 17 2.52 -41.86 -30.71
C TYR E 17 1.65 -41.78 -29.46
N ASP E 18 1.93 -42.62 -28.47
CA ASP E 18 1.19 -42.66 -27.22
C ASP E 18 1.89 -41.73 -26.22
N ILE E 19 1.28 -40.58 -25.95
CA ILE E 19 1.89 -39.60 -25.07
C ILE E 19 1.98 -40.11 -23.64
N ARG E 20 1.11 -41.05 -23.25
CA ARG E 20 1.13 -41.55 -21.88
C ARG E 20 2.43 -42.27 -21.56
N LEU E 21 2.94 -43.05 -22.51
CA LEU E 21 4.08 -43.93 -22.27
C LEU E 21 5.38 -43.18 -22.50
N ARG E 22 6.31 -43.31 -21.55
CA ARG E 22 7.62 -42.69 -21.71
C ARG E 22 8.39 -43.45 -22.79
N PRO E 23 9.50 -42.87 -23.30
CA PRO E 23 10.14 -43.45 -24.50
C PRO E 23 10.52 -44.91 -24.37
N ASP E 24 11.01 -45.34 -23.21
CA ASP E 24 11.25 -46.76 -22.93
C ASP E 24 10.64 -47.05 -21.56
N PHE E 25 9.33 -47.31 -21.54
CA PHE E 25 8.70 -47.66 -20.27
C PHE E 25 9.02 -49.10 -19.88
N GLY E 26 9.09 -50.00 -20.84
CA GLY E 26 9.68 -51.31 -20.64
C GLY E 26 11.08 -51.31 -21.23
N GLY E 27 12.08 -51.15 -20.38
CA GLY E 27 13.44 -50.99 -20.82
C GLY E 27 14.26 -50.20 -19.83
N PRO E 28 15.47 -49.78 -20.22
CA PRO E 28 16.30 -48.98 -19.32
C PRO E 28 15.65 -47.64 -19.03
N PRO E 29 16.09 -46.93 -17.99
CA PRO E 29 15.53 -45.61 -17.72
C PRO E 29 15.98 -44.61 -18.79
N VAL E 30 15.13 -43.62 -19.01
CA VAL E 30 15.45 -42.55 -19.94
C VAL E 30 16.31 -41.52 -19.23
N CYS E 31 17.33 -41.01 -19.93
CA CYS E 31 18.28 -40.06 -19.38
C CYS E 31 17.93 -38.67 -19.87
N VAL E 32 17.77 -37.73 -18.93
CA VAL E 32 17.37 -36.36 -19.22
C VAL E 32 18.53 -35.45 -18.84
N GLY E 33 19.07 -34.73 -19.83
CA GLY E 33 20.13 -33.78 -19.60
C GLY E 33 19.57 -32.37 -19.54
N MET E 34 19.94 -31.65 -18.47
CA MET E 34 19.43 -30.32 -18.21
C MET E 34 20.54 -29.29 -18.35
N ASN E 35 20.23 -28.18 -19.01
CA ASN E 35 21.20 -27.18 -19.46
C ASN E 35 20.70 -25.77 -19.16
N ILE E 36 20.33 -25.53 -17.89
CA ILE E 36 19.78 -24.23 -17.48
C ILE E 36 20.74 -23.11 -17.85
N ASP E 37 20.17 -21.99 -18.30
CA ASP E 37 20.92 -20.77 -18.61
C ASP E 37 20.29 -19.62 -17.84
N ILE E 38 20.94 -19.18 -16.77
CA ILE E 38 20.37 -18.15 -15.92
C ILE E 38 20.36 -16.82 -16.67
N ALA E 39 19.18 -16.22 -16.77
CA ALA E 39 19.02 -14.93 -17.42
C ALA E 39 19.04 -13.76 -16.45
N SER E 40 18.55 -13.94 -15.23
CA SER E 40 18.56 -12.83 -14.27
C SER E 40 18.10 -13.31 -12.91
N ILE E 41 18.56 -12.60 -11.88
CA ILE E 41 18.04 -12.71 -10.52
C ILE E 41 17.54 -11.33 -10.13
N ASP E 42 16.28 -11.23 -9.74
CA ASP E 42 15.60 -9.94 -9.66
C ASP E 42 15.52 -9.42 -8.23
N MET E 43 14.91 -10.17 -7.31
CA MET E 43 14.53 -9.69 -5.99
C MET E 43 14.92 -10.71 -4.93
N VAL E 44 16.11 -10.55 -4.35
CA VAL E 44 16.55 -11.41 -3.25
C VAL E 44 16.04 -10.75 -1.98
N SER E 45 14.81 -11.07 -1.61
CA SER E 45 14.11 -10.42 -0.51
C SER E 45 14.28 -11.22 0.77
N GLU E 46 14.71 -10.54 1.84
CA GLU E 46 14.76 -11.17 3.16
C GLU E 46 13.39 -11.19 3.84
N VAL E 47 12.52 -10.24 3.51
CA VAL E 47 11.21 -10.17 4.13
C VAL E 47 10.39 -11.41 3.77
N ASN E 48 10.33 -11.71 2.47
CA ASN E 48 9.66 -12.93 2.01
C ASN E 48 10.56 -14.15 2.08
N MET E 49 11.86 -13.98 2.26
CA MET E 49 12.79 -15.11 2.37
C MET E 49 12.82 -15.96 1.11
N ASP E 50 12.67 -15.32 -0.05
CA ASP E 50 12.72 -16.02 -1.33
C ASP E 50 13.35 -15.10 -2.36
N TYR E 51 13.81 -15.72 -3.46
CA TYR E 51 14.46 -15.00 -4.55
C TYR E 51 13.85 -15.41 -5.87
N THR E 52 13.80 -14.46 -6.80
CA THR E 52 13.27 -14.67 -8.14
C THR E 52 14.39 -14.97 -9.11
N LEU E 53 14.09 -15.80 -10.10
CA LEU E 53 15.10 -16.30 -11.04
C LEU E 53 14.45 -16.49 -12.40
N THR E 54 14.94 -15.76 -13.40
CA THR E 54 14.53 -15.92 -14.79
C THR E 54 15.62 -16.66 -15.54
N MET E 55 15.22 -17.70 -16.27
CA MET E 55 16.19 -18.61 -16.87
C MET E 55 15.59 -19.28 -18.10
N TYR E 56 16.46 -19.91 -18.88
CA TYR E 56 16.08 -20.73 -20.04
C TYR E 56 16.35 -22.18 -19.67
N PHE E 57 15.33 -22.86 -19.18
CA PHE E 57 15.46 -24.25 -18.74
C PHE E 57 15.26 -25.17 -19.94
N GLN E 58 16.30 -25.93 -20.27
CA GLN E 58 16.29 -26.84 -21.42
C GLN E 58 16.44 -28.27 -20.93
N GLN E 59 15.85 -29.20 -21.69
CA GLN E 59 15.88 -30.62 -21.35
C GLN E 59 16.10 -31.42 -22.62
N TYR E 60 17.17 -32.20 -22.65
CA TYR E 60 17.52 -33.06 -23.77
C TYR E 60 17.19 -34.50 -23.43
N TRP E 61 16.56 -35.21 -24.36
CA TRP E 61 16.39 -36.64 -24.15
C TRP E 61 16.21 -37.35 -25.49
N ARG E 62 16.64 -38.61 -25.53
CA ARG E 62 16.64 -39.40 -26.76
C ARG E 62 15.37 -40.26 -26.78
N ASP E 63 14.40 -39.85 -27.58
CA ASP E 63 13.16 -40.59 -27.78
C ASP E 63 13.25 -41.29 -29.13
N LYS E 64 13.47 -42.61 -29.08
CA LYS E 64 13.70 -43.36 -30.31
C LYS E 64 12.48 -43.38 -31.22
N ARG E 65 11.28 -43.19 -30.68
CA ARG E 65 10.09 -43.17 -31.52
C ARG E 65 10.13 -42.02 -32.51
N LEU E 66 10.57 -40.85 -32.06
CA LEU E 66 10.64 -39.66 -32.91
C LEU E 66 11.98 -39.62 -33.65
N ALA E 67 12.18 -40.62 -34.49
CA ALA E 67 13.40 -40.77 -35.30
C ALA E 67 13.03 -40.73 -36.77
N TYR E 68 13.78 -39.96 -37.54
CA TYR E 68 13.55 -39.80 -38.97
C TYR E 68 14.88 -39.80 -39.69
N SER E 69 14.82 -40.01 -41.01
CA SER E 69 16.00 -40.03 -41.86
C SER E 69 15.65 -39.44 -43.22
N GLY E 70 16.70 -39.02 -43.94
CA GLY E 70 16.55 -38.41 -45.24
C GLY E 70 16.45 -36.90 -45.24
N ILE E 71 16.35 -36.28 -44.06
CA ILE E 71 16.27 -34.83 -43.92
C ILE E 71 17.44 -34.40 -43.04
N PRO E 72 18.61 -34.07 -43.61
CA PRO E 72 19.80 -33.84 -42.76
C PRO E 72 19.85 -32.44 -42.17
N LEU E 73 18.84 -32.11 -41.37
CA LEU E 73 18.83 -30.86 -40.61
C LEU E 73 17.79 -30.96 -39.53
N ASN E 74 18.15 -30.43 -38.35
CA ASN E 74 17.25 -30.50 -37.17
C ASN E 74 15.96 -29.75 -37.45
N LEU E 75 14.83 -30.34 -37.06
CA LEU E 75 13.52 -29.74 -37.30
C LEU E 75 13.09 -28.95 -36.07
N THR E 76 12.97 -27.63 -36.22
CA THR E 76 12.51 -26.76 -35.14
C THR E 76 11.00 -26.61 -35.27
N LEU E 77 10.25 -27.46 -34.58
CA LEU E 77 8.82 -27.47 -34.78
C LEU E 77 8.15 -26.37 -33.95
N ASP E 78 6.89 -26.11 -34.26
CA ASP E 78 6.14 -25.09 -33.53
C ASP E 78 5.94 -25.52 -32.08
N ASN E 79 5.80 -24.53 -31.21
CA ASN E 79 5.79 -24.79 -29.77
C ASN E 79 4.60 -25.63 -29.35
N ARG E 80 3.45 -25.49 -30.03
CA ARG E 80 2.26 -26.24 -29.66
C ARG E 80 2.46 -27.74 -29.76
N VAL E 81 3.41 -28.19 -30.59
CA VAL E 81 3.72 -29.61 -30.70
C VAL E 81 4.15 -30.20 -29.36
N ALA E 82 4.65 -29.36 -28.44
CA ALA E 82 5.01 -29.86 -27.12
C ALA E 82 3.83 -30.51 -26.40
N ASP E 83 2.60 -30.09 -26.72
CA ASP E 83 1.44 -30.71 -26.08
C ASP E 83 1.16 -32.10 -26.62
N GLN E 84 1.68 -32.45 -27.80
CA GLN E 84 1.42 -33.73 -28.44
C GLN E 84 2.53 -34.75 -28.24
N LEU E 85 3.59 -34.42 -27.51
CA LEU E 85 4.72 -35.31 -27.29
C LEU E 85 4.96 -35.47 -25.80
N TRP E 86 5.53 -36.62 -25.44
CA TRP E 86 5.90 -36.88 -24.05
C TRP E 86 7.02 -35.93 -23.63
N VAL E 87 6.93 -35.44 -22.41
CA VAL E 87 7.98 -34.61 -21.81
C VAL E 87 8.16 -35.02 -20.36
N PRO E 88 9.32 -34.76 -19.76
CA PRO E 88 9.54 -35.18 -18.38
C PRO E 88 8.63 -34.42 -17.43
N ASP E 89 8.33 -35.06 -16.31
CA ASP E 89 7.54 -34.44 -15.24
C ASP E 89 8.43 -33.66 -14.28
N THR E 90 9.26 -32.78 -14.84
CA THR E 90 10.20 -32.02 -14.04
C THR E 90 9.48 -30.94 -13.24
N TYR E 91 9.95 -30.71 -12.02
CA TYR E 91 9.39 -29.65 -11.18
C TYR E 91 10.42 -29.27 -10.13
N PHE E 92 10.30 -28.03 -9.66
CA PHE E 92 11.22 -27.48 -8.68
C PHE E 92 10.62 -27.62 -7.29
N LEU E 93 11.33 -28.34 -6.41
CA LEU E 93 10.77 -28.68 -5.10
C LEU E 93 10.60 -27.45 -4.23
N ASN E 94 11.55 -26.52 -4.28
CA ASN E 94 11.56 -25.36 -3.39
C ASN E 94 10.97 -24.11 -4.03
N ASP E 95 10.02 -24.27 -4.96
CA ASP E 95 9.36 -23.12 -5.57
C ASP E 95 8.21 -22.62 -4.71
N LYS E 96 7.81 -21.38 -4.98
CA LYS E 96 6.63 -20.78 -4.39
C LYS E 96 5.66 -20.24 -5.43
N LYS E 97 6.16 -19.76 -6.56
CA LYS E 97 5.31 -19.21 -7.62
C LYS E 97 6.16 -19.08 -8.88
N SER E 98 5.68 -19.65 -9.98
CA SER E 98 6.44 -19.68 -11.22
C SER E 98 5.49 -19.67 -12.40
N PHE E 99 6.00 -19.26 -13.55
CA PHE E 99 5.20 -19.20 -14.77
C PHE E 99 6.12 -19.23 -15.97
N VAL E 100 5.55 -19.58 -17.12
CA VAL E 100 6.23 -19.58 -18.40
C VAL E 100 5.84 -18.31 -19.14
N HIS E 101 6.84 -17.57 -19.61
CA HIS E 101 6.58 -16.29 -20.25
C HIS E 101 5.75 -16.49 -21.51
N GLY E 102 4.67 -15.72 -21.63
CA GLY E 102 3.64 -15.97 -22.62
C GLY E 102 3.42 -14.87 -23.64
N VAL E 103 4.49 -14.28 -24.17
CA VAL E 103 4.41 -13.24 -25.19
C VAL E 103 5.48 -13.51 -26.23
N THR E 104 5.18 -13.32 -27.53
CA THR E 104 3.84 -13.16 -28.11
C THR E 104 3.10 -14.48 -27.99
N VAL E 105 3.82 -15.57 -28.20
CA VAL E 105 3.32 -16.92 -27.97
C VAL E 105 3.99 -17.44 -26.71
N LYS E 106 3.51 -18.58 -26.24
CA LYS E 106 4.15 -19.26 -25.12
C LYS E 106 5.60 -19.55 -25.45
N ASN E 107 6.52 -18.99 -24.67
CA ASN E 107 7.93 -19.12 -24.97
C ASN E 107 8.39 -20.53 -24.69
N ARG E 108 8.28 -21.39 -25.69
CA ARG E 108 8.55 -22.81 -25.57
C ARG E 108 9.10 -23.30 -26.89
N MET E 109 10.09 -24.19 -26.82
CA MET E 109 10.81 -24.66 -28.00
C MET E 109 10.79 -26.19 -28.03
N ILE E 110 10.40 -26.75 -29.17
CA ILE E 110 10.55 -28.16 -29.47
C ILE E 110 11.45 -28.28 -30.68
N ARG E 111 12.57 -28.97 -30.52
CA ARG E 111 13.53 -29.18 -31.60
C ARG E 111 13.86 -30.66 -31.69
N LEU E 112 13.55 -31.27 -32.83
CA LEU E 112 13.82 -32.67 -33.10
C LEU E 112 15.09 -32.80 -33.93
N HIS E 113 15.75 -33.94 -33.77
CA HIS E 113 17.01 -34.24 -34.41
C HIS E 113 16.87 -35.56 -35.16
N PRO E 114 17.73 -35.82 -36.15
CA PRO E 114 17.60 -37.09 -36.89
C PRO E 114 17.78 -38.32 -36.02
N ASP E 115 18.63 -38.25 -35.01
CA ASP E 115 18.97 -39.41 -34.19
C ASP E 115 18.04 -39.58 -32.99
N GLY E 116 16.83 -39.05 -33.05
CA GLY E 116 15.87 -39.22 -31.98
C GLY E 116 16.02 -38.27 -30.82
N THR E 117 17.04 -37.43 -30.80
CA THR E 117 17.20 -36.47 -29.72
C THR E 117 16.14 -35.39 -29.83
N VAL E 118 15.59 -35.01 -28.67
CA VAL E 118 14.55 -34.00 -28.56
C VAL E 118 15.01 -32.98 -27.54
N LEU E 119 14.91 -31.70 -27.91
CA LEU E 119 15.24 -30.58 -27.05
C LEU E 119 13.97 -29.81 -26.73
N TYR E 120 13.75 -29.54 -25.45
CA TYR E 120 12.51 -28.98 -24.92
C TYR E 120 12.86 -27.77 -24.05
N GLY E 121 12.81 -26.57 -24.64
CA GLY E 121 13.23 -25.37 -23.96
C GLY E 121 12.05 -24.54 -23.45
N LEU E 122 12.26 -23.89 -22.30
CA LEU E 122 11.23 -23.08 -21.67
C LEU E 122 11.85 -21.89 -20.97
N ARG E 123 11.37 -20.69 -21.27
CA ARG E 123 11.77 -19.49 -20.55
C ARG E 123 10.90 -19.36 -19.31
N ILE E 124 11.50 -19.55 -18.14
CA ILE E 124 10.77 -19.68 -16.88
C ILE E 124 11.25 -18.62 -15.91
N THR E 125 10.32 -17.91 -15.30
CA THR E 125 10.57 -17.06 -14.14
C THR E 125 9.95 -17.72 -12.92
N THR E 126 10.77 -18.02 -11.92
CA THR E 126 10.34 -18.78 -10.76
C THR E 126 10.83 -18.10 -9.48
N THR E 127 9.95 -18.02 -8.50
CA THR E 127 10.31 -17.58 -7.15
C THR E 127 10.58 -18.82 -6.31
N ALA E 128 11.73 -18.86 -5.65
CA ALA E 128 12.17 -20.02 -4.89
C ALA E 128 12.53 -19.60 -3.47
N ALA E 129 12.14 -20.42 -2.51
CA ALA E 129 12.42 -20.13 -1.11
C ALA E 129 13.91 -20.32 -0.82
N CYS E 130 14.50 -19.32 -0.17
CA CYS E 130 15.90 -19.35 0.25
C CYS E 130 15.92 -18.92 1.71
N MET E 131 15.85 -19.89 2.62
CA MET E 131 15.83 -19.60 4.04
C MET E 131 17.14 -18.99 4.49
N MET E 132 17.11 -17.71 4.83
CA MET E 132 18.32 -16.96 5.18
C MET E 132 18.49 -16.92 6.69
N ASP E 133 19.72 -17.15 7.15
CA ASP E 133 20.11 -16.98 8.54
C ASP E 133 20.78 -15.62 8.68
N LEU E 134 20.06 -14.67 9.30
CA LEU E 134 20.50 -13.28 9.35
C LEU E 134 21.29 -12.95 10.61
N ARG E 135 21.96 -13.94 11.21
CA ARG E 135 22.71 -13.67 12.43
C ARG E 135 23.84 -12.68 12.19
N ARG E 136 24.54 -12.83 11.06
CA ARG E 136 25.63 -11.94 10.69
C ARG E 136 25.19 -10.84 9.74
N TYR E 137 23.89 -10.57 9.66
CA TYR E 137 23.39 -9.55 8.77
C TYR E 137 23.90 -8.17 9.21
N PRO E 138 24.33 -7.31 8.29
CA PRO E 138 24.45 -7.38 6.83
C PRO E 138 25.79 -7.92 6.33
N LEU E 139 26.56 -8.56 7.22
CA LEU E 139 27.87 -9.12 6.88
C LEU E 139 27.78 -10.62 6.64
N ASP E 140 26.67 -11.06 6.04
CA ASP E 140 26.34 -12.47 5.91
C ASP E 140 26.61 -12.96 4.49
N GLU E 141 26.75 -14.27 4.36
CA GLU E 141 26.80 -14.97 3.07
C GLU E 141 25.70 -16.02 3.10
N GLN E 142 24.98 -16.15 2.00
CA GLN E 142 23.72 -16.88 1.95
C GLN E 142 23.76 -17.94 0.86
N ASN E 143 23.28 -19.14 1.20
CA ASN E 143 23.24 -20.24 0.22
C ASN E 143 21.81 -20.38 -0.31
N CYS E 144 21.56 -19.92 -1.53
CA CYS E 144 20.25 -19.96 -2.17
C CYS E 144 20.29 -21.03 -3.25
N THR E 145 19.40 -22.01 -3.13
CA THR E 145 19.42 -23.20 -3.97
C THR E 145 18.11 -23.35 -4.72
N LEU E 146 18.20 -23.98 -5.88
CA LEU E 146 17.05 -24.37 -6.69
C LEU E 146 17.14 -25.88 -6.87
N GLU E 147 16.13 -26.60 -6.38
CA GLU E 147 16.06 -28.04 -6.49
C GLU E 147 15.26 -28.40 -7.74
N ILE E 148 15.57 -29.57 -8.31
CA ILE E 148 14.90 -30.09 -9.49
C ILE E 148 14.68 -31.59 -9.29
N GLU E 149 13.44 -32.04 -9.48
CA GLU E 149 13.10 -33.45 -9.33
C GLU E 149 12.04 -33.84 -10.33
N SER E 150 11.93 -35.14 -10.57
CA SER E 150 10.80 -35.72 -11.29
C SER E 150 9.69 -36.01 -10.28
N TYR E 151 8.45 -35.72 -10.68
CA TYR E 151 7.35 -35.81 -9.74
C TYR E 151 7.02 -37.25 -9.39
N GLY E 152 6.62 -38.04 -10.38
CA GLY E 152 6.12 -39.38 -10.15
C GLY E 152 7.13 -40.48 -10.39
N TYR E 153 7.84 -40.40 -11.52
CA TYR E 153 8.74 -41.47 -11.93
C TYR E 153 9.88 -41.61 -10.94
N THR E 154 10.16 -42.85 -10.55
CA THR E 154 11.28 -43.15 -9.67
C THR E 154 12.58 -43.11 -10.45
N THR E 155 13.70 -43.30 -9.75
CA THR E 155 14.99 -43.33 -10.42
C THR E 155 15.15 -44.54 -11.32
N ASP E 156 14.28 -45.55 -11.18
CA ASP E 156 14.32 -46.70 -12.08
C ASP E 156 13.80 -46.37 -13.47
N ASP E 157 13.07 -45.27 -13.63
CA ASP E 157 12.45 -44.88 -14.89
C ASP E 157 13.14 -43.68 -15.55
N ILE E 158 13.52 -42.67 -14.79
CA ILE E 158 14.15 -41.47 -15.30
C ILE E 158 15.42 -41.21 -14.50
N GLU E 159 16.47 -40.78 -15.19
CA GLU E 159 17.71 -40.36 -14.55
C GLU E 159 18.05 -38.96 -15.06
N PHE E 160 18.16 -38.00 -14.14
CA PHE E 160 18.56 -36.64 -14.48
C PHE E 160 20.08 -36.51 -14.44
N TYR E 161 20.60 -35.63 -15.27
CA TYR E 161 22.00 -35.26 -15.21
C TYR E 161 22.18 -33.90 -15.85
N TRP E 162 23.36 -33.31 -15.61
CA TRP E 162 23.70 -32.00 -16.17
C TRP E 162 24.44 -32.20 -17.48
N ARG E 163 23.87 -31.71 -18.57
CA ARG E 163 24.52 -31.79 -19.87
C ARG E 163 25.67 -30.79 -19.91
N GLY E 164 26.84 -31.27 -20.34
CA GLY E 164 28.04 -30.46 -20.34
C GLY E 164 28.84 -30.51 -19.05
N GLY E 165 28.39 -31.25 -18.05
CA GLY E 165 29.12 -31.37 -16.80
C GLY E 165 28.97 -30.16 -15.92
N ASP E 166 30.03 -29.80 -15.18
CA ASP E 166 29.98 -28.64 -14.31
C ASP E 166 29.83 -27.34 -15.08
N LYS E 167 30.09 -27.33 -16.38
CA LYS E 167 29.87 -26.18 -17.23
C LYS E 167 28.45 -26.13 -17.78
N ALA E 168 27.52 -26.91 -17.22
CA ALA E 168 26.16 -26.93 -17.74
C ALA E 168 25.49 -25.58 -17.55
N VAL E 169 25.51 -25.05 -16.34
CA VAL E 169 24.84 -23.78 -16.06
C VAL E 169 25.71 -22.64 -16.56
N THR E 170 25.09 -21.67 -17.23
CA THR E 170 25.77 -20.54 -17.81
C THR E 170 25.04 -19.26 -17.41
N GLY E 171 25.70 -18.13 -17.64
CA GLY E 171 25.11 -16.84 -17.39
C GLY E 171 25.20 -16.35 -15.96
N VAL E 172 25.81 -17.11 -15.06
CA VAL E 172 25.93 -16.66 -13.67
C VAL E 172 26.86 -15.46 -13.58
N GLU E 173 27.94 -15.48 -14.36
CA GLU E 173 28.91 -14.38 -14.30
C GLU E 173 28.29 -13.06 -14.78
N ARG E 174 27.33 -13.12 -15.70
CA ARG E 174 26.70 -11.92 -16.22
C ARG E 174 25.71 -11.30 -15.23
N ILE E 175 25.36 -11.99 -14.15
CA ILE E 175 24.41 -11.44 -13.20
C ILE E 175 25.11 -10.38 -12.36
N GLU E 176 24.45 -9.25 -12.17
CA GLU E 176 25.01 -8.13 -11.42
C GLU E 176 23.88 -7.58 -10.55
N LEU E 177 23.77 -8.12 -9.33
CA LEU E 177 22.73 -7.67 -8.43
C LEU E 177 23.11 -6.33 -7.80
N PRO E 178 22.13 -5.48 -7.47
CA PRO E 178 22.49 -4.19 -6.87
C PRO E 178 23.05 -4.31 -5.47
N GLN E 179 22.65 -5.32 -4.72
CA GLN E 179 23.05 -5.49 -3.33
C GLN E 179 24.05 -6.62 -3.12
N PHE E 180 23.84 -7.77 -3.74
CA PHE E 180 24.65 -8.96 -3.51
C PHE E 180 25.75 -9.07 -4.56
N SER E 181 26.65 -10.02 -4.34
CA SER E 181 27.65 -10.41 -5.32
C SER E 181 27.79 -11.92 -5.27
N ILE E 182 27.63 -12.58 -6.42
CA ILE E 182 27.64 -14.03 -6.47
C ILE E 182 29.08 -14.52 -6.31
N VAL E 183 29.41 -15.01 -5.11
CA VAL E 183 30.76 -15.48 -4.85
C VAL E 183 31.07 -16.73 -5.66
N GLU E 184 30.15 -17.70 -5.65
CA GLU E 184 30.36 -18.93 -6.39
C GLU E 184 29.01 -19.60 -6.62
N HIS E 185 29.01 -20.55 -7.56
CA HIS E 185 27.84 -21.37 -7.85
C HIS E 185 28.27 -22.83 -7.94
N ARG E 186 27.34 -23.72 -7.62
CA ARG E 186 27.65 -25.14 -7.49
C ARG E 186 26.49 -25.99 -7.99
N LEU E 187 26.83 -27.03 -8.75
CA LEU E 187 25.87 -28.01 -9.23
C LEU E 187 26.05 -29.32 -8.47
N VAL E 188 24.93 -29.95 -8.12
CA VAL E 188 24.95 -31.21 -7.40
C VAL E 188 23.91 -32.14 -8.02
N SER E 189 24.26 -33.42 -8.14
CA SER E 189 23.36 -34.45 -8.60
C SER E 189 23.34 -35.59 -7.59
N ARG E 190 22.16 -36.11 -7.30
CA ARG E 190 22.01 -37.14 -6.28
C ARG E 190 20.66 -37.81 -6.42
N ASN E 191 20.40 -38.78 -5.54
CA ASN E 191 19.13 -39.48 -5.48
C ASN E 191 18.59 -39.37 -4.06
N VAL E 192 17.31 -39.00 -3.94
CA VAL E 192 16.66 -38.83 -2.66
C VAL E 192 15.69 -39.98 -2.46
N VAL E 193 15.72 -40.59 -1.27
CA VAL E 193 14.84 -41.71 -0.94
C VAL E 193 13.55 -41.10 -0.40
N PHE E 194 12.69 -40.70 -1.34
CA PHE E 194 11.43 -40.07 -1.00
C PHE E 194 10.51 -41.14 -0.38
N ALA E 195 9.41 -40.69 0.24
CA ALA E 195 8.55 -41.62 0.97
C ALA E 195 7.98 -42.69 0.05
N THR E 196 7.59 -42.33 -1.16
CA THR E 196 7.08 -43.32 -2.10
C THR E 196 8.19 -44.17 -2.70
N GLY E 197 9.37 -43.62 -2.89
CA GLY E 197 10.46 -44.38 -3.49
C GLY E 197 11.68 -43.52 -3.69
N ALA E 198 12.62 -44.02 -4.50
CA ALA E 198 13.86 -43.31 -4.79
C ALA E 198 13.70 -42.50 -6.07
N TYR E 199 14.03 -41.21 -5.98
CA TYR E 199 13.82 -40.25 -7.06
C TYR E 199 15.12 -39.52 -7.34
N PRO E 200 15.28 -38.95 -8.53
CA PRO E 200 16.48 -38.16 -8.82
C PRO E 200 16.37 -36.76 -8.23
N ARG E 201 17.51 -36.07 -8.20
CA ARG E 201 17.59 -34.75 -7.61
C ARG E 201 18.77 -34.02 -8.23
N LEU E 202 18.53 -32.79 -8.69
CA LEU E 202 19.59 -31.87 -9.07
C LEU E 202 19.44 -30.60 -8.26
N SER E 203 20.56 -29.96 -7.95
CA SER E 203 20.56 -28.73 -7.17
C SER E 203 21.52 -27.74 -7.79
N LEU E 204 21.01 -26.51 -8.00
CA LEU E 204 21.81 -25.39 -8.47
C LEU E 204 21.86 -24.38 -7.33
N SER E 205 23.04 -24.20 -6.74
CA SER E 205 23.21 -23.36 -5.55
C SER E 205 24.09 -22.17 -5.86
N PHE E 206 23.79 -21.04 -5.22
CA PHE E 206 24.58 -19.83 -5.29
C PHE E 206 24.95 -19.42 -3.88
N ARG E 207 26.17 -18.89 -3.72
CA ARG E 207 26.60 -18.26 -2.47
C ARG E 207 26.63 -16.75 -2.70
N LEU E 208 25.58 -16.08 -2.25
CA LEU E 208 25.47 -14.64 -2.38
C LEU E 208 26.10 -13.95 -1.17
N LYS E 209 26.98 -12.99 -1.42
CA LYS E 209 27.61 -12.21 -0.36
C LYS E 209 27.11 -10.77 -0.44
N ARG E 210 26.61 -10.27 0.69
CA ARG E 210 26.00 -8.94 0.73
C ARG E 210 27.06 -7.86 0.69
N ASN E 211 26.73 -6.75 0.03
CA ASN E 211 27.61 -5.59 -0.02
C ASN E 211 27.33 -4.69 1.17
N ILE E 212 28.40 -4.19 1.79
CA ILE E 212 28.30 -3.47 3.06
C ILE E 212 28.26 -1.96 2.85
N GLY E 213 28.56 -1.46 1.65
CA GLY E 213 28.64 -0.02 1.45
C GLY E 213 27.32 0.69 1.73
N TYR E 214 26.21 0.08 1.33
CA TYR E 214 24.91 0.68 1.59
C TYR E 214 24.65 0.82 3.08
N PHE E 215 24.97 -0.21 3.85
CA PHE E 215 24.72 -0.15 5.29
C PHE E 215 25.71 0.77 5.98
N ILE E 216 26.91 0.93 5.42
CA ILE E 216 27.82 1.95 5.91
C ILE E 216 27.20 3.33 5.71
N LEU E 217 26.63 3.58 4.53
CA LEU E 217 26.08 4.90 4.26
C LEU E 217 24.85 5.19 5.10
N GLN E 218 23.97 4.19 5.27
CA GLN E 218 22.70 4.42 5.94
C GLN E 218 22.79 4.26 7.45
N THR E 219 23.26 3.11 7.92
CA THR E 219 23.12 2.76 9.33
C THR E 219 24.34 3.15 10.16
N TYR E 220 25.52 2.64 9.80
CA TYR E 220 26.68 2.77 10.68
C TYR E 220 27.12 4.22 10.83
N MET E 221 27.18 4.96 9.73
CA MET E 221 27.73 6.32 9.80
C MET E 221 26.90 7.24 10.66
N PRO E 222 25.57 7.33 10.53
CA PRO E 222 24.81 8.16 11.47
C PRO E 222 24.94 7.73 12.92
N SER E 223 25.02 6.43 13.20
CA SER E 223 25.18 5.98 14.57
C SER E 223 26.51 6.43 15.15
N ILE E 224 27.58 6.28 14.37
CA ILE E 224 28.90 6.71 14.83
C ILE E 224 28.92 8.21 15.04
N LEU E 225 28.32 8.96 14.11
CA LEU E 225 28.30 10.41 14.23
C LEU E 225 27.48 10.85 15.43
N ILE E 226 26.41 10.14 15.76
CA ILE E 226 25.61 10.51 16.92
C ILE E 226 26.36 10.21 18.20
N THR E 227 27.11 9.12 18.24
CA THR E 227 27.94 8.86 19.42
C THR E 227 29.00 9.95 19.58
N ILE E 228 29.62 10.36 18.46
CA ILE E 228 30.62 11.43 18.53
C ILE E 228 29.96 12.72 18.98
N LEU E 229 28.74 12.96 18.54
CA LEU E 229 27.97 14.12 18.99
C LEU E 229 27.75 14.07 20.50
N SER E 230 27.37 12.89 21.00
CA SER E 230 27.11 12.75 22.44
C SER E 230 28.38 13.00 23.25
N TRP E 231 29.54 12.71 22.67
CA TRP E 231 30.79 13.00 23.37
C TRP E 231 30.99 14.49 23.65
N VAL E 232 30.34 15.36 22.87
CA VAL E 232 30.60 16.79 22.99
C VAL E 232 30.17 17.35 24.34
N SER E 233 29.26 16.68 25.05
CA SER E 233 28.79 17.18 26.34
C SER E 233 29.88 17.18 27.40
N PHE E 234 31.00 16.48 27.17
CA PHE E 234 32.11 16.51 28.13
C PHE E 234 32.93 17.78 28.04
N TRP E 235 32.82 18.54 26.95
CA TRP E 235 33.54 19.79 26.79
C TRP E 235 32.74 21.00 27.28
N ILE E 236 31.54 20.79 27.83
CA ILE E 236 30.70 21.86 28.35
C ILE E 236 30.78 21.84 29.87
N ASN E 237 30.71 23.01 30.48
CA ASN E 237 30.86 23.12 31.92
C ASN E 237 29.77 22.34 32.65
N TYR E 238 30.10 21.92 33.88
CA TYR E 238 29.18 21.12 34.68
C TYR E 238 27.88 21.87 34.97
N ASP E 239 27.92 23.19 35.10
CA ASP E 239 26.75 23.93 35.53
C ASP E 239 25.74 24.17 34.42
N ALA E 240 26.12 24.00 33.15
CA ALA E 240 25.20 24.19 32.04
C ALA E 240 24.35 22.94 31.86
N SER E 241 23.41 22.78 32.80
CA SER E 241 22.58 21.57 32.82
C SER E 241 21.69 21.50 31.59
N ALA E 242 21.14 22.63 31.15
CA ALA E 242 20.24 22.63 30.01
C ALA E 242 20.94 22.12 28.77
N ALA E 243 22.14 22.62 28.49
CA ALA E 243 22.85 22.24 27.27
C ALA E 243 23.26 20.78 27.29
N ARG E 244 23.85 20.33 28.40
CA ARG E 244 24.31 18.95 28.46
C ARG E 244 23.14 17.97 28.43
N VAL E 245 22.05 18.29 29.12
CA VAL E 245 20.89 17.41 29.09
C VAL E 245 20.27 17.41 27.70
N ALA E 246 20.26 18.55 27.01
CA ALA E 246 19.77 18.58 25.65
C ALA E 246 20.59 17.67 24.75
N LEU E 247 21.92 17.75 24.87
CA LEU E 247 22.80 16.87 24.10
C LEU E 247 22.49 15.41 24.37
N GLY E 248 22.47 15.02 25.65
CA GLY E 248 22.28 13.61 25.99
C GLY E 248 20.93 13.09 25.54
N ILE E 249 19.87 13.84 25.85
CA ILE E 249 18.53 13.39 25.52
C ILE E 249 18.35 13.32 24.02
N THR E 250 18.79 14.36 23.29
CA THR E 250 18.63 14.38 21.85
C THR E 250 19.36 13.21 21.21
N THR E 251 20.58 12.91 21.68
CA THR E 251 21.29 11.76 21.16
C THR E 251 20.55 10.46 21.45
N VAL E 252 19.97 10.34 22.65
CA VAL E 252 19.25 9.11 22.99
C VAL E 252 18.07 8.91 22.05
N LEU E 253 17.25 9.95 21.86
CA LEU E 253 16.11 9.78 20.96
C LEU E 253 16.54 9.57 19.52
N THR E 254 17.64 10.19 19.09
CA THR E 254 18.10 9.94 17.73
C THR E 254 18.51 8.48 17.56
N MET E 255 19.17 7.91 18.56
CA MET E 255 19.54 6.50 18.49
C MET E 255 18.29 5.62 18.43
N THR E 256 17.30 5.90 19.28
CA THR E 256 16.10 5.05 19.29
C THR E 256 15.35 5.14 17.97
N THR E 257 15.18 6.36 17.43
CA THR E 257 14.44 6.48 16.19
C THR E 257 15.21 5.90 15.02
N ILE E 258 16.54 5.97 15.04
CA ILE E 258 17.33 5.27 14.02
C ILE E 258 17.06 3.77 14.10
N ASN E 259 17.05 3.22 15.31
CA ASN E 259 16.82 1.78 15.47
C ASN E 259 15.44 1.39 14.94
N THR E 260 14.42 2.17 15.29
CA THR E 260 13.07 1.86 14.81
C THR E 260 12.98 1.98 13.30
N HIS E 261 13.54 3.05 12.72
CA HIS E 261 13.48 3.21 11.27
C HIS E 261 14.23 2.09 10.57
N LEU E 262 15.24 1.51 11.23
CA LEU E 262 15.96 0.39 10.63
C LEU E 262 15.13 -0.88 10.68
N ARG E 263 14.80 -1.37 11.87
CA ARG E 263 14.37 -2.76 11.99
C ARG E 263 12.97 -3.03 11.45
N GLU E 264 12.20 -2.01 11.10
CA GLU E 264 10.89 -2.25 10.53
C GLU E 264 10.98 -2.94 9.17
N THR E 265 12.04 -2.69 8.42
CA THR E 265 12.17 -3.21 7.05
C THR E 265 12.86 -4.57 7.02
N LEU E 266 12.40 -5.49 7.86
CA LEU E 266 13.00 -6.81 7.98
C LEU E 266 11.97 -7.77 8.57
N PRO E 267 12.18 -9.07 8.44
CA PRO E 267 11.26 -10.01 9.09
C PRO E 267 11.47 -10.03 10.60
N LYS E 268 10.47 -10.56 11.29
CA LYS E 268 10.45 -10.54 12.76
C LYS E 268 11.21 -11.75 13.33
N ILE E 269 12.49 -11.81 12.98
CA ILE E 269 13.40 -12.86 13.43
C ILE E 269 13.56 -12.81 14.95
N PRO E 270 13.65 -13.93 15.65
CA PRO E 270 13.67 -13.88 17.12
C PRO E 270 15.03 -13.62 17.73
N TYR E 271 16.09 -13.59 16.94
CA TYR E 271 17.46 -13.45 17.44
C TYR E 271 18.01 -12.08 17.08
N VAL E 272 19.13 -11.74 17.69
CA VAL E 272 19.78 -10.45 17.52
C VAL E 272 20.80 -10.54 16.39
N LYS E 273 20.82 -9.51 15.55
CA LYS E 273 21.70 -9.46 14.40
C LYS E 273 23.00 -8.75 14.75
N ALA E 274 23.87 -8.60 13.75
CA ALA E 274 25.08 -7.81 13.94
C ALA E 274 24.76 -6.32 14.01
N ILE E 275 23.86 -5.86 13.15
CA ILE E 275 23.50 -4.44 13.16
C ILE E 275 22.80 -4.09 14.47
N ASP E 276 22.02 -5.03 15.01
CA ASP E 276 21.43 -4.81 16.33
C ASP E 276 22.51 -4.73 17.40
N MET E 277 23.55 -5.55 17.30
CA MET E 277 24.65 -5.45 18.25
C MET E 277 25.31 -4.09 18.19
N TYR E 278 25.56 -3.59 16.98
CA TYR E 278 26.18 -2.27 16.84
C TYR E 278 25.30 -1.18 17.40
N LEU E 279 24.00 -1.22 17.09
CA LEU E 279 23.11 -0.16 17.56
C LEU E 279 22.94 -0.22 19.07
N MET E 280 22.88 -1.42 19.65
CA MET E 280 22.81 -1.55 21.10
C MET E 280 24.08 -1.02 21.75
N GLY E 281 25.24 -1.30 21.15
CA GLY E 281 26.47 -0.75 21.68
C GLY E 281 26.50 0.77 21.65
N CYS E 282 26.05 1.35 20.53
CA CYS E 282 25.99 2.80 20.43
C CYS E 282 25.01 3.37 21.45
N PHE E 283 23.87 2.71 21.65
CA PHE E 283 22.91 3.16 22.65
C PHE E 283 23.51 3.11 24.04
N VAL E 284 24.25 2.04 24.35
CA VAL E 284 24.89 1.94 25.65
C VAL E 284 25.89 3.08 25.84
N PHE E 285 26.67 3.38 24.79
CA PHE E 285 27.63 4.47 24.89
C PHE E 285 26.95 5.81 25.13
N VAL E 286 25.86 6.09 24.40
CA VAL E 286 25.17 7.35 24.58
C VAL E 286 24.53 7.43 25.97
N PHE E 287 23.94 6.32 26.43
CA PHE E 287 23.33 6.29 27.74
C PHE E 287 24.37 6.52 28.82
N LEU E 288 25.54 5.92 28.68
CA LEU E 288 26.61 6.16 29.65
C LEU E 288 27.11 7.59 29.58
N ALA E 289 27.10 8.19 28.38
CA ALA E 289 27.49 9.59 28.27
C ALA E 289 26.54 10.49 29.04
N LEU E 290 25.24 10.19 29.01
CA LEU E 290 24.28 10.99 29.78
C LEU E 290 24.38 10.70 31.28
N LEU E 291 24.55 9.43 31.64
CA LEU E 291 24.70 9.08 33.04
C LEU E 291 25.98 9.68 33.63
N GLU E 292 26.98 9.95 32.78
CA GLU E 292 28.18 10.64 33.26
C GLU E 292 27.82 12.04 33.76
N TYR E 293 27.01 12.77 32.99
CA TYR E 293 26.62 14.09 33.47
C TYR E 293 25.73 13.99 34.69
N ALA E 294 24.85 12.99 34.74
CA ALA E 294 24.04 12.81 35.93
C ALA E 294 24.92 12.58 37.16
N PHE E 295 25.96 11.75 37.00
CA PHE E 295 26.90 11.51 38.09
C PHE E 295 27.62 12.78 38.49
N VAL E 296 28.06 13.59 37.52
CA VAL E 296 28.77 14.83 37.84
C VAL E 296 27.86 15.78 38.61
N ASN E 297 26.62 15.93 38.14
CA ASN E 297 25.69 16.84 38.81
C ASN E 297 25.38 16.36 40.23
N TYR E 298 25.19 15.05 40.41
CA TYR E 298 24.96 14.53 41.75
C TYR E 298 26.17 14.76 42.64
N ILE E 299 27.37 14.57 42.11
CA ILE E 299 28.58 14.74 42.90
C ILE E 299 28.71 16.19 43.35
N PHE E 300 28.46 17.14 42.44
CA PHE E 300 28.63 18.53 42.80
C PHE E 300 27.50 19.04 43.69
N PHE E 301 26.28 19.05 43.17
CA PHE E 301 25.19 19.73 43.85
C PHE E 301 24.54 18.89 44.96
N GLY E 302 24.78 17.58 44.98
CA GLY E 302 24.19 16.72 45.98
C GLY E 302 25.13 16.37 47.10
N ARG E 303 26.40 16.10 46.74
CA ARG E 303 27.43 15.70 47.69
C ARG E 303 28.39 16.83 48.04
N GLY E 304 28.36 17.95 47.33
CA GLY E 304 29.22 19.07 47.58
C GLY E 304 29.05 19.68 48.96
N PRO E 305 27.86 20.22 49.24
CA PRO E 305 27.66 20.82 50.58
C PRO E 305 27.85 19.84 51.72
N GLN E 306 27.46 18.57 51.53
CA GLN E 306 27.70 17.58 52.57
C GLN E 306 29.19 17.39 52.81
N ARG E 307 29.98 17.31 51.74
CA ARG E 307 31.43 17.17 51.89
C ARG E 307 32.03 18.37 52.58
N GLN E 308 31.61 19.58 52.18
CA GLN E 308 32.20 20.78 52.77
C GLN E 308 31.79 20.95 54.23
N LYS E 309 30.58 20.51 54.59
CA LYS E 309 30.15 20.57 55.98
C LYS E 309 30.89 19.55 56.82
N LYS E 310 30.98 18.31 56.35
CA LYS E 310 31.62 17.26 57.14
C LYS E 310 33.12 17.52 57.28
N LEU E 311 33.76 17.99 56.22
CA LEU E 311 35.19 18.30 56.23
C LEU E 311 35.43 19.71 55.71
N ILE E 406 44.83 2.30 32.85
CA ILE E 406 44.89 3.57 33.56
C ILE E 406 44.07 3.50 34.83
N LYS E 407 44.56 4.13 35.89
CA LYS E 407 43.87 4.14 37.16
C LYS E 407 42.64 5.03 37.10
N ILE E 408 41.69 4.77 37.99
CA ILE E 408 40.42 5.50 38.03
C ILE E 408 40.70 6.95 38.42
N PRO E 409 39.84 7.90 38.08
CA PRO E 409 40.07 9.30 38.45
C PRO E 409 39.60 9.56 39.87
N ASP E 410 39.71 10.83 40.28
CA ASP E 410 39.20 11.27 41.58
C ASP E 410 37.72 11.55 41.46
N LEU E 411 36.89 10.76 42.14
CA LEU E 411 35.45 10.93 42.05
C LEU E 411 34.97 12.24 42.66
N THR E 412 35.78 12.87 43.53
CA THR E 412 35.33 14.09 44.20
C THR E 412 35.38 15.31 43.29
N ASP E 413 36.37 15.37 42.39
CA ASP E 413 36.55 16.53 41.53
C ASP E 413 35.82 16.29 40.21
N VAL E 414 34.84 17.16 39.92
CA VAL E 414 34.04 16.99 38.72
C VAL E 414 34.86 17.29 37.47
N ASN E 415 35.73 18.30 37.53
CA ASN E 415 36.58 18.61 36.38
C ASN E 415 37.49 17.44 36.05
N ALA E 416 37.98 16.75 37.08
CA ALA E 416 38.76 15.54 36.85
C ALA E 416 37.92 14.49 36.13
N ILE E 417 36.65 14.35 36.52
CA ILE E 417 35.78 13.36 35.87
C ILE E 417 35.58 13.71 34.40
N ASP E 418 35.35 14.99 34.09
CA ASP E 418 35.16 15.38 32.69
C ASP E 418 36.43 15.16 31.88
N ARG E 419 37.59 15.54 32.43
CA ARG E 419 38.84 15.33 31.71
C ARG E 419 39.10 13.84 31.49
N TRP E 420 38.80 13.01 32.49
CA TRP E 420 38.97 11.57 32.35
C TRP E 420 38.04 11.01 31.28
N SER E 421 36.79 11.47 31.26
CA SER E 421 35.83 10.97 30.28
C SER E 421 36.23 11.35 28.87
N ARG E 422 36.78 12.56 28.69
CA ARG E 422 37.19 13.02 27.37
C ARG E 422 38.18 12.06 26.72
N ILE E 423 39.00 11.38 27.52
CA ILE E 423 39.96 10.41 27.00
C ILE E 423 39.38 9.00 26.97
N VAL E 424 38.62 8.62 28.00
CA VAL E 424 38.16 7.24 28.11
C VAL E 424 37.10 6.92 27.06
N PHE E 425 36.14 7.82 26.85
CA PHE E 425 35.03 7.49 25.96
C PHE E 425 35.47 7.25 24.52
N PRO E 426 36.24 8.13 23.88
CA PRO E 426 36.71 7.81 22.53
C PRO E 426 37.56 6.56 22.47
N PHE E 427 38.42 6.33 23.46
CA PHE E 427 39.25 5.14 23.46
C PHE E 427 38.40 3.88 23.58
N THR E 428 37.42 3.90 24.49
CA THR E 428 36.55 2.74 24.64
C THR E 428 35.73 2.48 23.38
N PHE E 429 35.25 3.55 22.74
CA PHE E 429 34.47 3.37 21.53
C PHE E 429 35.34 2.82 20.39
N SER E 430 36.57 3.31 20.27
CA SER E 430 37.47 2.77 19.25
C SER E 430 37.76 1.30 19.51
N LEU E 431 37.98 0.93 20.78
CA LEU E 431 38.20 -0.48 21.10
C LEU E 431 36.98 -1.32 20.76
N PHE E 432 35.79 -0.82 21.08
CA PHE E 432 34.57 -1.55 20.76
C PHE E 432 34.40 -1.73 19.26
N ASN E 433 34.66 -0.68 18.48
CA ASN E 433 34.58 -0.79 17.04
C ASN E 433 35.58 -1.80 16.50
N LEU E 434 36.81 -1.78 17.02
CA LEU E 434 37.82 -2.71 16.57
C LEU E 434 37.40 -4.15 16.86
N VAL E 435 36.90 -4.39 18.06
CA VAL E 435 36.45 -5.75 18.42
C VAL E 435 35.31 -6.18 17.52
N TYR E 436 34.34 -5.29 17.31
CA TYR E 436 33.17 -5.64 16.52
C TYR E 436 33.55 -5.98 15.08
N TRP E 437 34.33 -5.09 14.44
CA TRP E 437 34.67 -5.31 13.05
C TRP E 437 35.58 -6.52 12.87
N LEU E 438 36.51 -6.75 13.81
CA LEU E 438 37.34 -7.94 13.71
C LEU E 438 36.51 -9.20 13.88
N TYR E 439 35.56 -9.19 14.82
CA TYR E 439 34.77 -10.40 15.06
C TYR E 439 33.85 -10.71 13.89
N TYR E 440 33.22 -9.69 13.30
CA TYR E 440 32.24 -9.90 12.25
C TYR E 440 32.84 -9.91 10.84
N VAL E 441 34.15 -9.66 10.70
CA VAL E 441 34.82 -9.74 9.41
C VAL E 441 36.10 -10.54 9.55
N GLN F 1 42.07 4.48 -10.33
CA GLN F 1 41.90 4.84 -11.77
C GLN F 1 41.40 3.64 -12.57
N VAL F 2 40.56 3.91 -13.56
CA VAL F 2 40.00 2.88 -14.43
C VAL F 2 40.86 2.82 -15.69
N GLN F 3 41.44 1.65 -15.95
CA GLN F 3 42.37 1.46 -17.05
C GLN F 3 41.87 0.36 -17.98
N LEU F 4 41.99 0.60 -19.28
CA LEU F 4 41.61 -0.35 -20.32
C LEU F 4 42.88 -0.70 -21.09
N GLN F 5 43.61 -1.70 -20.59
CA GLN F 5 44.84 -2.12 -21.24
C GLN F 5 44.50 -2.97 -22.47
N GLU F 6 45.35 -2.89 -23.48
CA GLU F 6 45.13 -3.55 -24.76
C GLU F 6 46.32 -4.43 -25.12
N SER F 7 46.06 -5.43 -25.97
CA SER F 7 47.10 -6.32 -26.44
C SER F 7 46.70 -6.88 -27.79
N GLY F 8 47.69 -7.29 -28.56
CA GLY F 8 47.47 -7.85 -29.89
C GLY F 8 48.60 -7.45 -30.81
N GLY F 9 48.72 -8.21 -31.90
CA GLY F 9 49.79 -7.97 -32.85
C GLY F 9 49.62 -6.65 -33.60
N GLY F 10 50.72 -6.22 -34.20
CA GLY F 10 50.77 -4.97 -34.95
C GLY F 10 51.18 -5.14 -36.40
N LEU F 11 51.84 -6.25 -36.72
CA LEU F 11 52.30 -6.56 -38.06
C LEU F 11 51.77 -7.92 -38.48
N VAL F 12 51.10 -7.95 -39.63
CA VAL F 12 50.57 -9.19 -40.20
C VAL F 12 50.72 -9.10 -41.71
N GLN F 13 50.84 -10.25 -42.35
CA GLN F 13 50.96 -10.31 -43.81
C GLN F 13 49.67 -9.80 -44.45
N GLY F 422 45.31 -12.45 -43.34
CA GLY F 422 45.77 -13.08 -42.12
C GLY F 422 44.77 -12.99 -40.99
N SER F 423 45.01 -13.75 -39.93
CA SER F 423 44.15 -13.81 -38.76
C SER F 423 44.87 -13.20 -37.56
N LEU F 424 44.08 -12.58 -36.68
CA LEU F 424 44.63 -11.90 -35.52
C LEU F 424 43.60 -11.92 -34.40
N ARG F 425 44.07 -11.64 -33.18
CA ARG F 425 43.21 -11.54 -32.01
C ARG F 425 43.68 -10.39 -31.15
N VAL F 426 42.82 -9.41 -30.93
CA VAL F 426 43.13 -8.22 -30.15
C VAL F 426 42.31 -8.28 -28.87
N SER F 427 42.98 -8.29 -27.73
CA SER F 427 42.36 -8.41 -26.42
C SER F 427 42.41 -7.08 -25.68
N CYS F 428 41.47 -6.92 -24.75
CA CYS F 428 41.38 -5.72 -23.95
C CYS F 428 40.90 -6.09 -22.56
N ALA F 429 41.70 -5.73 -21.54
CA ALA F 429 41.42 -6.06 -20.15
C ALA F 429 41.18 -4.79 -19.36
N ALA F 430 40.13 -4.79 -18.55
CA ALA F 430 39.74 -3.64 -17.74
C ALA F 430 40.17 -3.86 -16.29
N SER F 431 40.67 -2.80 -15.67
CA SER F 431 41.09 -2.83 -14.27
C SER F 431 40.59 -1.58 -13.57
N GLY F 432 40.14 -1.75 -12.32
CA GLY F 432 39.67 -0.66 -11.51
C GLY F 432 38.16 -0.49 -11.47
N ARG F 433 37.41 -1.26 -12.26
CA ARG F 433 35.95 -1.17 -12.26
C ARG F 433 35.42 -2.43 -12.93
N THR F 434 34.29 -2.93 -12.43
CA THR F 434 33.63 -4.08 -13.02
C THR F 434 32.70 -3.61 -14.12
N PHE F 435 32.99 -4.00 -15.36
CA PHE F 435 32.20 -3.62 -16.52
C PHE F 435 31.20 -4.70 -16.90
N THR F 436 30.68 -5.42 -15.92
CA THR F 436 29.69 -6.45 -16.21
C THR F 436 28.43 -5.84 -16.82
N THR F 437 27.97 -4.72 -16.28
CA THR F 437 26.74 -4.08 -16.74
C THR F 437 26.97 -3.02 -17.81
N TYR F 438 28.21 -2.72 -18.16
CA TYR F 438 28.52 -1.75 -19.20
C TYR F 438 28.64 -2.45 -20.55
N ILE F 439 28.51 -1.64 -21.62
CA ILE F 439 28.60 -2.12 -22.99
C ILE F 439 30.03 -1.92 -23.46
N MET F 440 30.66 -3.00 -23.91
CA MET F 440 32.07 -2.97 -24.31
C MET F 440 32.17 -3.05 -25.83
N ALA F 441 32.97 -2.16 -26.41
CA ALA F 441 33.01 -2.01 -27.86
C ALA F 441 34.43 -1.75 -28.33
N TRP F 442 34.62 -1.93 -29.63
CA TRP F 442 35.87 -1.64 -30.32
C TRP F 442 35.63 -0.58 -31.37
N PHE F 443 36.61 0.30 -31.57
CA PHE F 443 36.56 1.34 -32.57
C PHE F 443 37.84 1.32 -33.39
N ARG F 444 37.74 1.82 -34.61
CA ARG F 444 38.86 1.85 -35.55
C ARG F 444 39.14 3.30 -35.94
N GLN F 445 40.42 3.61 -36.14
CA GLN F 445 40.83 4.92 -36.62
C GLN F 445 41.91 4.70 -37.69
N ALA F 446 41.51 4.84 -38.94
CA ALA F 446 42.45 4.87 -40.05
C ALA F 446 43.09 6.26 -40.13
N PRO F 447 44.22 6.41 -40.81
CA PRO F 447 44.82 7.74 -40.92
C PRO F 447 43.93 8.66 -41.75
N GLY F 448 43.50 9.75 -41.14
CA GLY F 448 42.48 10.61 -41.72
C GLY F 448 41.49 11.17 -40.73
N LYS F 449 41.62 10.77 -39.45
CA LYS F 449 40.79 11.32 -38.36
C LYS F 449 39.31 11.06 -38.61
N GLU F 450 38.95 9.78 -38.63
CA GLU F 450 37.56 9.37 -38.82
C GLU F 450 37.36 8.08 -38.03
N ARG F 451 36.89 8.21 -36.79
CA ARG F 451 36.67 7.04 -35.95
C ARG F 451 35.51 6.22 -36.48
N GLU F 452 35.76 4.92 -36.69
CA GLU F 452 34.78 4.00 -37.24
C GLU F 452 34.41 2.97 -36.19
N PHE F 453 33.11 2.75 -36.03
CA PHE F 453 32.63 1.68 -35.15
C PHE F 453 32.91 0.33 -35.79
N LEU F 454 33.32 -0.64 -34.97
CA LEU F 454 33.59 -2.00 -35.41
C LEU F 454 32.61 -3.00 -34.81
N ALA F 455 32.53 -3.07 -33.48
CA ALA F 455 31.67 -4.06 -32.85
C ALA F 455 31.40 -3.64 -31.41
N ALA F 456 30.32 -4.17 -30.86
CA ALA F 456 29.96 -3.90 -29.48
C ALA F 456 29.18 -5.08 -28.91
N MET F 457 29.26 -5.25 -27.59
CA MET F 457 28.63 -6.36 -26.90
C MET F 457 28.06 -5.85 -25.59
N ASP F 458 26.87 -6.35 -25.25
CA ASP F 458 26.06 -5.89 -24.13
C ASP F 458 26.25 -6.82 -22.93
N GLN F 459 25.56 -6.48 -21.83
CA GLN F 459 25.42 -7.42 -20.73
C GLN F 459 24.67 -8.68 -21.19
N GLY F 460 23.81 -8.57 -22.19
CA GLY F 460 23.01 -9.68 -22.65
C GLY F 460 23.66 -10.50 -23.75
N ARG F 461 24.97 -10.37 -23.93
CA ARG F 461 25.75 -11.11 -24.92
C ARG F 461 25.33 -10.79 -26.35
N ILE F 462 24.59 -9.71 -26.58
CA ILE F 462 24.10 -9.37 -27.90
C ILE F 462 25.15 -8.56 -28.62
N GLN F 463 25.50 -8.98 -29.83
CA GLN F 463 26.61 -8.42 -30.60
C GLN F 463 26.06 -7.52 -31.70
N TYR F 464 26.59 -6.30 -31.78
CA TYR F 464 26.31 -5.38 -32.88
C TYR F 464 27.60 -5.18 -33.66
N TYR F 465 27.46 -4.98 -34.97
CA TYR F 465 28.59 -4.84 -35.88
C TYR F 465 28.37 -3.67 -36.83
N GLY F 466 29.47 -3.18 -37.39
CA GLY F 466 29.42 -2.23 -38.48
C GLY F 466 29.31 -2.94 -39.81
N ASP F 467 28.69 -2.25 -40.78
CA ASP F 467 28.42 -2.88 -42.07
C ASP F 467 29.70 -3.25 -42.82
N SER F 468 30.80 -2.55 -42.54
CA SER F 468 32.04 -2.82 -43.28
C SER F 468 32.68 -4.13 -42.86
N VAL F 469 32.44 -4.59 -41.63
CA VAL F 469 33.14 -5.74 -41.07
C VAL F 469 32.14 -6.77 -40.55
N ARG F 470 30.95 -6.80 -41.14
CA ARG F 470 29.93 -7.75 -40.71
C ARG F 470 30.32 -9.15 -41.15
N GLY F 471 30.62 -10.01 -40.18
CA GLY F 471 30.99 -11.38 -40.44
C GLY F 471 32.48 -11.63 -40.61
N ARG F 472 33.29 -10.58 -40.72
CA ARG F 472 34.74 -10.73 -40.78
C ARG F 472 35.36 -10.72 -39.40
N PHE F 473 34.94 -9.79 -38.55
CA PHE F 473 35.41 -9.70 -37.17
C PHE F 473 34.34 -10.25 -36.23
N THR F 474 34.79 -10.89 -35.15
CA THR F 474 33.90 -11.45 -34.15
C THR F 474 34.30 -10.93 -32.78
N ILE F 475 33.34 -10.29 -32.10
CA ILE F 475 33.56 -9.75 -30.76
C ILE F 475 33.10 -10.78 -29.74
N SER F 476 33.78 -10.81 -28.59
CA SER F 476 33.38 -11.68 -27.49
C SER F 476 33.78 -11.01 -26.19
N ARG F 477 33.14 -11.44 -25.11
CA ARG F 477 33.39 -10.90 -23.78
C ARG F 477 33.62 -12.04 -22.81
N ASP F 478 34.51 -11.82 -21.85
CA ASP F 478 34.74 -12.74 -20.74
C ASP F 478 34.43 -11.94 -19.47
N TYR F 479 33.26 -12.22 -18.88
CA TYR F 479 32.80 -11.44 -17.75
C TYR F 479 33.51 -11.81 -16.46
N ALA F 480 33.92 -13.07 -16.31
CA ALA F 480 34.67 -13.47 -15.12
C ALA F 480 36.00 -12.72 -15.05
N LYS F 481 36.72 -12.64 -16.17
CA LYS F 481 37.99 -11.93 -16.23
C LYS F 481 37.82 -10.45 -16.58
N ASN F 482 36.61 -10.01 -16.91
CA ASN F 482 36.33 -8.60 -17.19
C ASN F 482 37.16 -8.11 -18.38
N SER F 483 36.92 -8.73 -19.53
CA SER F 483 37.69 -8.40 -20.73
C SER F 483 36.83 -8.57 -21.97
N VAL F 484 37.30 -7.98 -23.06
CA VAL F 484 36.64 -8.06 -24.36
C VAL F 484 37.69 -8.39 -25.41
N ASP F 485 37.37 -9.36 -26.27
CA ASP F 485 38.27 -9.87 -27.29
C ASP F 485 37.65 -9.62 -28.66
N LEU F 486 38.51 -9.42 -29.66
CA LEU F 486 38.10 -9.23 -31.05
C LEU F 486 38.95 -10.13 -31.93
N GLN F 487 38.33 -11.14 -32.53
CA GLN F 487 38.98 -12.03 -33.47
C GLN F 487 38.80 -11.47 -34.87
N LEU F 488 39.92 -11.13 -35.53
CA LEU F 488 39.92 -10.53 -36.85
C LEU F 488 40.34 -11.56 -37.88
N ASP F 489 39.52 -11.71 -38.92
CA ASP F 489 39.78 -12.63 -40.01
C ASP F 489 39.64 -11.88 -41.33
N GLY F 490 40.32 -12.38 -42.35
CA GLY F 490 40.26 -11.78 -43.67
C GLY F 490 40.78 -10.35 -43.69
N LEU F 491 41.91 -10.12 -43.04
CA LEU F 491 42.50 -8.79 -43.01
C LEU F 491 42.94 -8.36 -44.41
N ARG F 492 42.55 -7.15 -44.80
CA ARG F 492 42.83 -6.54 -46.08
C ARG F 492 43.73 -5.36 -45.86
N PRO F 493 44.45 -4.90 -46.89
CA PRO F 493 45.40 -3.78 -46.67
C PRO F 493 44.75 -2.50 -46.18
N GLU F 494 43.48 -2.25 -46.51
CA GLU F 494 42.81 -1.05 -46.02
C GLU F 494 42.44 -1.13 -44.55
N ASP F 495 42.58 -2.29 -43.90
CA ASP F 495 42.26 -2.43 -42.49
C ASP F 495 43.37 -1.92 -41.58
N THR F 496 44.50 -1.50 -42.11
CA THR F 496 45.57 -0.92 -41.31
C THR F 496 45.05 0.31 -40.59
N ALA F 497 45.12 0.30 -39.27
CA ALA F 497 44.53 1.38 -38.48
C ALA F 497 44.91 1.17 -37.01
N VAL F 498 44.53 2.15 -36.18
CA VAL F 498 44.67 2.06 -34.73
C VAL F 498 43.32 1.61 -34.18
N TYR F 499 43.33 0.50 -33.45
CA TYR F 499 42.12 -0.05 -32.82
C TYR F 499 42.09 0.33 -31.36
N TYR F 500 40.98 0.91 -30.93
CA TYR F 500 40.77 1.36 -29.56
C TYR F 500 39.68 0.52 -28.92
N CYS F 501 39.84 0.27 -27.62
CA CYS F 501 38.88 -0.46 -26.81
C CYS F 501 38.15 0.51 -25.90
N ALA F 502 36.82 0.46 -25.91
CA ALA F 502 35.99 1.44 -25.21
C ALA F 502 34.92 0.72 -24.41
N ALA F 503 34.42 1.41 -23.39
CA ALA F 503 33.35 0.89 -22.56
C ALA F 503 32.48 2.06 -22.11
N GLY F 504 31.24 1.75 -21.78
CA GLY F 504 30.29 2.74 -21.29
C GLY F 504 28.89 2.45 -21.80
N ALA F 505 27.90 2.79 -20.99
CA ALA F 505 26.51 2.61 -21.40
C ALA F 505 26.21 3.48 -22.61
N GLY F 506 25.40 2.94 -23.52
CA GLY F 506 25.12 3.63 -24.76
C GLY F 506 23.97 4.61 -24.61
N PHE F 507 24.29 5.88 -24.38
CA PHE F 507 23.32 6.95 -24.27
C PHE F 507 23.45 7.83 -25.51
N TRP F 508 22.37 7.93 -26.29
CA TRP F 508 22.36 8.59 -27.58
C TRP F 508 23.35 7.96 -28.56
N GLY F 509 23.79 6.73 -28.30
CA GLY F 509 24.89 6.12 -29.01
C GLY F 509 24.70 4.65 -29.34
N LEU F 510 25.68 3.85 -28.93
CA LEU F 510 25.91 2.46 -29.31
C LEU F 510 26.56 2.35 -30.69
N ARG F 511 26.69 3.46 -31.43
CA ARG F 511 27.49 3.50 -32.64
C ARG F 511 28.34 4.77 -32.73
N THR F 512 28.39 5.56 -31.66
CA THR F 512 29.05 6.86 -31.66
C THR F 512 30.02 6.93 -30.50
N ALA F 513 31.20 7.51 -30.75
CA ALA F 513 32.22 7.60 -29.72
C ALA F 513 31.79 8.49 -28.56
N SER F 514 30.82 9.38 -28.77
CA SER F 514 30.43 10.32 -27.71
C SER F 514 29.78 9.63 -26.53
N SER F 515 29.25 8.42 -26.71
CA SER F 515 28.54 7.73 -25.64
C SER F 515 29.46 6.94 -24.71
N TYR F 516 30.74 6.79 -25.05
CA TYR F 516 31.67 5.97 -24.29
C TYR F 516 32.57 6.89 -23.45
N HIS F 517 32.55 6.69 -22.14
CA HIS F 517 33.31 7.50 -21.20
C HIS F 517 34.67 6.90 -20.84
N TYR F 518 35.01 5.72 -21.37
CA TYR F 518 36.28 5.08 -21.09
C TYR F 518 36.86 4.59 -22.41
N TRP F 519 38.17 4.76 -22.58
CA TRP F 519 38.85 4.41 -23.81
C TRP F 519 40.20 3.78 -23.48
N GLY F 520 40.64 2.91 -24.39
CA GLY F 520 41.96 2.32 -24.28
C GLY F 520 43.03 3.21 -24.88
N GLN F 521 44.28 2.84 -24.63
CA GLN F 521 45.40 3.58 -25.19
C GLN F 521 45.49 3.41 -26.71
N GLY F 522 44.92 2.35 -27.24
CA GLY F 522 44.95 2.10 -28.67
C GLY F 522 46.13 1.24 -29.06
N THR F 523 45.94 0.46 -30.13
CA THR F 523 46.99 -0.42 -30.65
C THR F 523 47.03 -0.30 -32.16
N GLN F 524 48.22 -0.09 -32.70
CA GLN F 524 48.41 0.01 -34.14
C GLN F 524 48.42 -1.38 -34.75
N VAL F 525 47.73 -1.55 -35.89
CA VAL F 525 47.74 -2.80 -36.64
C VAL F 525 47.98 -2.43 -38.10
N THR F 526 48.93 -3.12 -38.73
CA THR F 526 49.33 -2.85 -40.11
C THR F 526 49.27 -4.14 -40.91
N VAL F 527 48.85 -4.03 -42.17
CA VAL F 527 48.72 -5.15 -43.08
C VAL F 527 49.58 -4.87 -44.30
N SER F 528 50.51 -5.78 -44.59
CA SER F 528 51.44 -5.64 -45.70
C SER F 528 51.34 -6.88 -46.58
N SER F 529 51.10 -6.67 -47.87
CA SER F 529 50.98 -7.75 -48.83
C SER F 529 52.32 -8.02 -49.50
N ASP G 1 -47.56 4.22 13.32
CA ASP G 1 -47.70 4.92 14.59
C ASP G 1 -48.77 6.00 14.49
N SER G 2 -49.47 6.24 15.60
CA SER G 2 -50.43 7.34 15.68
C SER G 2 -49.67 8.65 15.68
N ARG G 3 -49.62 9.31 14.53
CA ARG G 3 -48.80 10.51 14.35
C ARG G 3 -49.50 11.72 14.98
N ASP G 4 -49.56 11.69 16.31
CA ASP G 4 -50.11 12.76 17.12
C ASP G 4 -49.16 13.05 18.27
N TYR G 5 -48.95 14.33 18.57
CA TYR G 5 -48.01 14.78 19.59
C TYR G 5 -48.75 15.74 20.51
N SER G 6 -49.44 15.18 21.50
CA SER G 6 -50.12 15.93 22.54
C SER G 6 -49.63 15.55 23.93
N THR G 7 -49.55 14.26 24.23
CA THR G 7 -49.03 13.83 25.53
C THR G 7 -47.58 14.23 25.71
N GLU G 8 -46.77 14.05 24.66
CA GLU G 8 -45.36 14.45 24.74
C GLU G 8 -45.24 15.95 24.97
N LEU G 9 -45.95 16.73 24.15
CA LEU G 9 -45.94 18.19 24.34
C LEU G 9 -46.49 18.56 25.70
N SER G 10 -47.49 17.82 26.18
CA SER G 10 -48.09 18.11 27.49
C SER G 10 -47.06 17.94 28.59
N VAL G 11 -46.34 16.82 28.61
CA VAL G 11 -45.35 16.62 29.66
C VAL G 11 -44.21 17.62 29.53
N THR G 12 -43.85 17.99 28.29
CA THR G 12 -42.77 18.95 28.12
C THR G 12 -43.15 20.32 28.67
N VAL G 13 -44.33 20.82 28.31
CA VAL G 13 -44.74 22.11 28.84
C VAL G 13 -44.96 22.02 30.35
N ALA G 14 -45.40 20.85 30.85
CA ALA G 14 -45.57 20.69 32.28
C ALA G 14 -44.24 20.86 33.01
N VAL G 15 -43.20 20.14 32.58
CA VAL G 15 -41.92 20.22 33.27
C VAL G 15 -41.30 21.60 33.10
N GLY G 16 -41.42 22.18 31.91
CA GLY G 16 -40.88 23.52 31.71
C GLY G 16 -41.55 24.55 32.59
N ALA G 17 -42.89 24.50 32.66
CA ALA G 17 -43.61 25.42 33.52
C ALA G 17 -43.27 25.18 34.98
N SER G 18 -43.10 23.92 35.38
CA SER G 18 -42.72 23.64 36.77
C SER G 18 -41.38 24.29 37.10
N LEU G 19 -40.41 24.13 36.21
CA LEU G 19 -39.12 24.79 36.43
C LEU G 19 -39.29 26.30 36.48
N LEU G 20 -40.14 26.86 35.63
CA LEU G 20 -40.31 28.31 35.59
C LEU G 20 -40.97 28.83 36.88
N PHE G 21 -42.05 28.18 37.33
CA PHE G 21 -42.66 28.62 38.59
C PHE G 21 -41.69 28.44 39.76
N LEU G 22 -40.83 27.43 39.73
CA LEU G 22 -39.92 27.26 40.86
C LEU G 22 -38.81 28.31 40.80
N ASN G 23 -38.48 28.77 39.60
CA ASN G 23 -37.62 29.96 39.45
C ASN G 23 -38.29 31.21 40.01
N ILE G 24 -39.58 31.39 39.72
CA ILE G 24 -40.29 32.53 40.28
C ILE G 24 -40.36 32.41 41.81
N LEU G 25 -40.42 31.19 42.32
CA LEU G 25 -40.31 31.00 43.77
C LEU G 25 -38.93 31.43 44.27
N ALA G 26 -37.88 31.19 43.48
CA ALA G 26 -36.56 31.68 43.86
C ALA G 26 -36.56 33.21 43.94
N PHE G 27 -37.17 33.88 42.97
CA PHE G 27 -37.34 35.33 43.09
C PHE G 27 -38.20 35.73 44.28
N ALA G 28 -39.22 34.94 44.61
CA ALA G 28 -40.03 35.25 45.79
C ALA G 28 -39.19 35.20 47.05
N ALA G 29 -38.25 34.25 47.10
CA ALA G 29 -37.30 34.23 48.21
C ALA G 29 -36.34 35.41 48.17
N LEU G 30 -35.96 35.84 46.96
CA LEU G 30 -34.95 36.89 46.82
C LEU G 30 -35.53 38.26 47.16
N TYR G 31 -36.50 38.72 46.38
CA TYR G 31 -37.02 40.08 46.50
C TYR G 31 -37.76 40.33 47.82
N TYR G 32 -38.13 39.29 48.55
CA TYR G 32 -38.84 39.47 49.81
C TYR G 32 -37.84 39.99 50.84
N LYS G 33 -37.80 41.31 51.00
CA LYS G 33 -36.94 41.94 51.99
C LYS G 33 -37.40 41.56 53.40
N HIS H 1 -29.35 34.75 58.54
CA HIS H 1 -30.50 34.71 57.65
C HIS H 1 -30.13 35.30 56.28
N TYR H 2 -29.63 36.54 56.29
CA TYR H 2 -29.30 37.22 55.04
C TYR H 2 -28.20 36.49 54.29
N MET H 3 -27.09 36.20 54.97
CA MET H 3 -26.03 35.42 54.34
C MET H 3 -26.51 34.01 54.01
N ARG H 4 -27.25 33.38 54.92
CA ARG H 4 -27.76 32.04 54.67
C ARG H 4 -28.70 32.03 53.46
N ASN H 5 -29.64 32.98 53.41
CA ASN H 5 -30.57 33.00 52.28
C ASN H 5 -29.85 33.29 50.97
N SER H 6 -28.89 34.23 50.99
CA SER H 6 -28.14 34.53 49.77
C SER H 6 -27.36 33.32 49.30
N ARG H 7 -26.71 32.61 50.22
CA ARG H 7 -25.95 31.42 49.86
C ARG H 7 -26.87 30.35 49.29
N ALA H 8 -28.03 30.14 49.91
CA ALA H 8 -28.95 29.11 49.44
C ALA H 8 -29.44 29.42 48.03
N ILE H 9 -29.86 30.67 47.79
CA ILE H 9 -30.37 31.00 46.46
C ILE H 9 -29.25 30.99 45.44
N GLY H 10 -28.02 31.34 45.83
CA GLY H 10 -26.91 31.22 44.90
C GLY H 10 -26.65 29.78 44.49
N VAL H 11 -26.68 28.86 45.46
CA VAL H 11 -26.50 27.45 45.14
C VAL H 11 -27.63 26.97 44.23
N LEU H 12 -28.86 27.38 44.54
CA LEU H 12 -29.99 27.00 43.69
C LEU H 12 -29.82 27.55 42.28
N TRP H 13 -29.28 28.75 42.15
CA TRP H 13 -29.00 29.32 40.83
C TRP H 13 -27.97 28.48 40.09
N ALA H 14 -26.96 27.98 40.80
CA ALA H 14 -25.99 27.10 40.18
C ALA H 14 -26.65 25.82 39.67
N ILE H 15 -27.54 25.22 40.48
CA ILE H 15 -28.25 24.03 40.03
C ILE H 15 -29.11 24.34 38.81
N PHE H 16 -29.73 25.52 38.80
CA PHE H 16 -30.52 25.92 37.64
C PHE H 16 -29.66 26.05 36.41
N THR H 17 -28.46 26.61 36.56
CA THR H 17 -27.55 26.73 35.42
C THR H 17 -27.20 25.35 34.87
N ILE H 18 -26.93 24.40 35.77
CA ILE H 18 -26.64 23.04 35.32
C ILE H 18 -27.84 22.45 34.58
N CYS H 19 -29.03 22.66 35.13
CA CYS H 19 -30.24 22.12 34.49
C CYS H 19 -30.45 22.73 33.10
N PHE H 20 -30.24 24.04 32.98
CA PHE H 20 -30.40 24.67 31.68
C PHE H 20 -29.35 24.17 30.69
N ALA H 21 -28.13 23.90 31.17
CA ALA H 21 -27.13 23.33 30.28
C ALA H 21 -27.58 21.96 29.77
N ILE H 22 -28.17 21.16 30.65
CA ILE H 22 -28.71 19.87 30.23
C ILE H 22 -29.79 20.07 29.18
N ILE H 23 -30.68 21.03 29.41
CA ILE H 23 -31.75 21.30 28.45
C ILE H 23 -31.16 21.70 27.10
N ASN H 24 -30.16 22.58 27.11
CA ASN H 24 -29.55 23.04 25.86
C ASN H 24 -28.89 21.89 25.13
N VAL H 25 -28.19 21.03 25.85
CA VAL H 25 -27.52 19.90 25.21
C VAL H 25 -28.55 18.98 24.56
N VAL H 26 -29.61 18.64 25.29
CA VAL H 26 -30.56 17.67 24.74
C VAL H 26 -31.31 18.26 23.55
N VAL H 27 -31.65 19.55 23.59
CA VAL H 27 -32.36 20.11 22.45
C VAL H 27 -31.43 20.18 21.24
N PHE H 28 -30.15 20.50 21.47
CA PHE H 28 -29.22 20.54 20.36
C PHE H 28 -29.05 19.16 19.72
N ILE H 29 -28.99 18.12 20.55
CA ILE H 29 -28.65 16.79 20.04
C ILE H 29 -29.87 16.09 19.45
N GLN H 30 -30.94 15.99 20.23
CA GLN H 30 -32.08 15.19 19.82
C GLN H 30 -32.78 15.82 18.62
N PRO H 31 -32.91 15.13 17.47
CA PRO H 31 -33.50 15.79 16.28
C PRO H 31 -35.01 15.60 16.17
N TYR H 32 -35.75 16.18 17.11
CA TYR H 32 -37.20 16.09 17.17
C TYR H 32 -37.83 17.47 17.25
N TRP H 33 -37.35 18.38 16.41
CA TRP H 33 -37.88 19.74 16.41
C TRP H 33 -39.24 19.80 15.73
N VAL H 34 -39.40 19.12 14.59
CA VAL H 34 -40.63 19.11 13.83
C VAL H 34 -40.87 17.69 13.34
N GLY H 35 -42.14 17.30 13.31
CA GLY H 35 -42.52 15.94 12.96
C GLY H 35 -43.65 15.91 11.96
N ASP H 36 -43.90 14.71 11.43
CA ASP H 36 -44.96 14.50 10.46
C ASP H 36 -46.32 14.73 11.11
N SER H 37 -47.37 14.61 10.30
CA SER H 37 -48.75 14.75 10.74
C SER H 37 -49.60 13.71 10.03
N VAL H 38 -50.88 13.66 10.37
CA VAL H 38 -51.78 12.70 9.74
C VAL H 38 -51.95 13.03 8.26
N SER H 39 -51.98 14.32 7.92
CA SER H 39 -52.14 14.75 6.54
C SER H 39 -50.82 14.77 5.77
N THR H 40 -49.70 14.47 6.42
CA THR H 40 -48.41 14.56 5.75
C THR H 40 -48.30 13.45 4.69
N PRO H 41 -47.67 13.72 3.54
CA PRO H 41 -47.50 12.64 2.55
C PRO H 41 -46.60 11.52 3.04
N LYS H 42 -45.47 11.88 3.66
CA LYS H 42 -44.40 10.94 3.99
C LYS H 42 -43.99 11.12 5.45
N PRO H 43 -43.83 10.04 6.23
CA PRO H 43 -43.54 10.22 7.65
C PRO H 43 -42.07 10.50 7.92
N GLY H 44 -41.82 11.24 8.99
CA GLY H 44 -40.47 11.54 9.39
C GLY H 44 -40.42 12.72 10.34
N TYR H 45 -39.19 13.05 10.73
CA TYR H 45 -38.93 14.18 11.60
C TYR H 45 -37.55 14.74 11.26
N PHE H 46 -37.29 15.95 11.73
CA PHE H 46 -36.01 16.59 11.46
C PHE H 46 -35.70 17.62 12.52
N GLY H 47 -34.43 17.66 12.93
CA GLY H 47 -33.95 18.62 13.90
C GLY H 47 -33.16 19.75 13.26
N LEU H 48 -32.08 20.18 13.93
CA LEU H 48 -31.29 21.27 13.39
C LEU H 48 -30.46 20.82 12.19
N PHE H 49 -29.86 19.64 12.26
CA PHE H 49 -29.07 19.09 11.16
C PHE H 49 -29.47 17.68 10.79
N HIS H 50 -29.81 16.83 11.76
CA HIS H 50 -30.16 15.45 11.49
C HIS H 50 -31.64 15.33 11.16
N TYR H 51 -31.95 14.51 10.16
CA TYR H 51 -33.32 14.31 9.74
C TYR H 51 -33.53 12.88 9.26
N CYS H 52 -34.64 12.29 9.69
CA CYS H 52 -35.03 10.95 9.33
C CYS H 52 -36.35 11.02 8.56
N VAL H 53 -36.42 10.31 7.45
CA VAL H 53 -37.58 10.30 6.56
C VAL H 53 -37.97 8.86 6.27
N GLY H 54 -39.27 8.59 6.27
CA GLY H 54 -39.75 7.24 6.04
C GLY H 54 -39.89 6.95 4.55
N SER H 55 -39.61 5.70 4.18
CA SER H 55 -39.73 5.29 2.79
C SER H 55 -41.17 5.38 2.31
N GLY H 56 -42.14 5.21 3.22
CA GLY H 56 -43.54 5.37 2.88
C GLY H 56 -44.15 4.15 2.21
N LEU H 57 -44.11 3.01 2.91
CA LEU H 57 -44.68 1.76 2.41
C LEU H 57 -45.43 1.04 3.53
N ALA H 58 -46.16 1.79 4.34
CA ALA H 58 -46.86 1.25 5.51
C ALA H 58 -45.89 0.56 6.46
N GLY H 59 -44.71 1.15 6.62
CA GLY H 59 -43.71 0.67 7.54
C GLY H 59 -42.87 1.84 8.01
N ARG H 60 -41.96 1.57 8.94
CA ARG H 60 -41.12 2.64 9.46
C ARG H 60 -39.97 2.94 8.50
N GLU H 61 -39.03 1.99 8.38
CA GLU H 61 -37.89 2.04 7.46
C GLU H 61 -37.29 3.45 7.34
N LEU H 62 -37.07 4.09 8.48
CA LEU H 62 -36.62 5.47 8.49
C LEU H 62 -35.18 5.53 7.99
N THR H 63 -34.96 6.20 6.87
CA THR H 63 -33.61 6.53 6.43
C THR H 63 -33.21 7.86 7.06
N CYS H 64 -32.04 7.87 7.71
CA CYS H 64 -31.59 8.99 8.51
C CYS H 64 -30.31 9.56 7.94
N ARG H 65 -30.24 10.89 7.84
CA ARG H 65 -29.07 11.54 7.27
C ARG H 65 -28.93 12.92 7.89
N GLY H 66 -27.70 13.42 7.90
CA GLY H 66 -27.35 14.71 8.45
C GLY H 66 -26.41 14.56 9.63
N SER H 67 -25.48 15.50 9.76
CA SER H 67 -24.55 15.52 10.88
C SER H 67 -23.80 16.84 10.92
N PHE H 68 -23.66 17.42 12.11
CA PHE H 68 -23.07 18.75 12.22
C PHE H 68 -21.61 18.76 11.79
N THR H 69 -20.91 17.63 11.93
CA THR H 69 -19.52 17.59 11.52
C THR H 69 -19.32 17.57 10.01
N ASP H 70 -20.40 17.46 9.24
CA ASP H 70 -20.37 17.58 7.78
C ASP H 70 -21.50 18.52 7.37
N PHE H 71 -21.15 19.79 7.15
CA PHE H 71 -22.16 20.80 6.83
C PHE H 71 -22.84 20.55 5.48
N SER H 72 -22.24 19.73 4.61
CA SER H 72 -22.85 19.48 3.32
C SER H 72 -24.20 18.77 3.46
N THR H 73 -24.30 17.83 4.40
CA THR H 73 -25.53 17.07 4.55
C THR H 73 -26.65 17.88 5.17
N ILE H 74 -26.36 19.03 5.77
CA ILE H 74 -27.42 19.86 6.34
C ILE H 74 -28.31 20.38 5.21
N PRO H 75 -29.65 20.34 5.33
CA PRO H 75 -30.48 20.69 4.15
C PRO H 75 -30.32 22.10 3.63
N SER H 76 -30.12 23.10 4.50
CA SER H 76 -30.18 24.48 4.07
C SER H 76 -29.28 25.35 4.94
N SER H 77 -28.95 26.53 4.41
CA SER H 77 -28.08 27.46 5.13
C SER H 77 -28.71 27.93 6.43
N ALA H 78 -30.03 28.11 6.45
CA ALA H 78 -30.70 28.50 7.69
C ALA H 78 -30.50 27.45 8.77
N PHE H 79 -30.58 26.17 8.39
CA PHE H 79 -30.31 25.10 9.34
C PHE H 79 -28.89 25.17 9.86
N LYS H 80 -27.93 25.48 8.98
CA LYS H 80 -26.55 25.61 9.41
C LYS H 80 -26.39 26.75 10.40
N ALA H 81 -27.00 27.89 10.12
CA ALA H 81 -26.90 29.04 11.02
C ALA H 81 -27.53 28.73 12.37
N ALA H 82 -28.69 28.07 12.37
CA ALA H 82 -29.35 27.73 13.62
C ALA H 82 -28.49 26.76 14.44
N ALA H 83 -27.91 25.76 13.77
CA ALA H 83 -27.05 24.81 14.48
C ALA H 83 -25.85 25.52 15.07
N PHE H 84 -25.23 26.43 14.31
CA PHE H 84 -24.07 27.14 14.81
C PHE H 84 -24.44 27.99 16.03
N PHE H 85 -25.58 28.68 15.98
CA PHE H 85 -25.95 29.54 17.10
C PHE H 85 -26.28 28.72 18.35
N VAL H 86 -26.96 27.58 18.18
CA VAL H 86 -27.24 26.75 19.35
C VAL H 86 -25.95 26.18 19.92
N LEU H 87 -24.99 25.84 19.04
CA LEU H 87 -23.69 25.38 19.53
C LEU H 87 -23.00 26.49 20.31
N LEU H 88 -23.08 27.72 19.83
CA LEU H 88 -22.45 28.83 20.55
C LEU H 88 -23.10 29.03 21.91
N SER H 89 -24.42 28.90 21.99
CA SER H 89 -25.11 28.96 23.28
C SER H 89 -24.61 27.86 24.21
N MET H 90 -24.45 26.65 23.68
CA MET H 90 -23.94 25.55 24.48
C MET H 90 -22.54 25.87 24.99
N VAL H 91 -21.70 26.43 24.12
CA VAL H 91 -20.34 26.75 24.53
C VAL H 91 -20.36 27.77 25.67
N LEU H 92 -21.26 28.74 25.56
CA LEU H 92 -21.32 29.79 26.61
C LEU H 92 -21.82 29.16 27.91
N ILE H 93 -22.96 28.48 27.89
CA ILE H 93 -23.51 27.95 29.17
C ILE H 93 -22.49 26.99 29.79
N LEU H 94 -21.89 26.11 28.97
CA LEU H 94 -20.86 25.18 29.49
C LEU H 94 -19.70 26.02 30.03
N GLY H 95 -19.37 27.13 29.38
CA GLY H 95 -18.31 28.02 29.88
C GLY H 95 -18.68 28.56 31.26
N CYS H 96 -19.95 28.91 31.45
CA CYS H 96 -20.40 29.45 32.75
C CYS H 96 -20.16 28.40 33.85
N ILE H 97 -20.50 27.15 33.56
CA ILE H 97 -20.33 26.07 34.58
C ILE H 97 -18.84 26.02 34.96
N THR H 98 -17.96 26.18 33.96
CA THR H 98 -16.51 26.15 34.24
C THR H 98 -16.16 27.31 35.13
N CYS H 99 -16.70 28.50 34.84
CA CYS H 99 -16.33 29.70 35.62
C CYS H 99 -16.65 29.49 37.10
N PHE H 100 -17.70 28.73 37.39
CA PHE H 100 -18.05 28.46 38.82
C PHE H 100 -16.75 28.29 39.61
N SER H 101 -15.77 27.59 39.06
CA SER H 101 -14.56 27.34 39.84
C SER H 101 -13.91 28.62 40.35
N LEU H 102 -14.12 29.74 39.66
CA LEU H 102 -13.48 31.00 40.06
C LEU H 102 -13.93 31.48 41.43
N PHE H 103 -15.03 30.94 41.94
CA PHE H 103 -15.52 31.28 43.27
C PHE H 103 -14.51 30.96 44.37
N PHE H 104 -13.57 30.04 44.11
CA PHE H 104 -12.52 29.75 45.09
C PHE H 104 -11.67 30.99 45.36
N PHE H 105 -11.23 31.66 44.29
CA PHE H 105 -10.23 32.72 44.37
C PHE H 105 -10.80 34.11 44.16
N CYS H 106 -11.53 34.31 43.06
CA CYS H 106 -11.99 35.63 42.68
C CYS H 106 -13.09 36.11 43.61
N ASN H 107 -13.43 37.39 43.49
CA ASN H 107 -14.57 37.95 44.19
C ASN H 107 -15.85 37.32 43.65
N THR H 108 -16.85 37.18 44.53
CA THR H 108 -18.09 36.53 44.14
C THR H 108 -18.89 37.38 43.16
N ALA H 109 -19.04 38.67 43.47
CA ALA H 109 -19.94 39.52 42.71
C ALA H 109 -19.48 39.66 41.26
N THR H 110 -18.18 39.83 41.03
CA THR H 110 -17.70 39.99 39.67
C THR H 110 -17.97 38.73 38.84
N VAL H 111 -17.76 37.55 39.41
CA VAL H 111 -17.97 36.34 38.63
C VAL H 111 -19.46 36.13 38.38
N TYR H 112 -20.29 36.48 39.37
CA TYR H 112 -21.74 36.48 39.15
C TYR H 112 -22.09 37.36 37.96
N LYS H 113 -21.44 38.52 37.85
CA LYS H 113 -21.69 39.38 36.69
C LYS H 113 -21.19 38.75 35.40
N ILE H 114 -20.04 38.07 35.44
CA ILE H 114 -19.51 37.42 34.23
C ILE H 114 -20.52 36.42 33.69
N CYS H 115 -21.02 35.57 34.58
CA CYS H 115 -22.02 34.56 34.17
C CYS H 115 -23.32 35.27 33.74
N ALA H 116 -23.76 36.30 34.49
CA ALA H 116 -24.95 36.99 34.05
C ALA H 116 -24.83 37.38 32.59
N TRP H 117 -23.67 37.93 32.22
CA TRP H 117 -23.45 38.32 30.83
C TRP H 117 -23.40 37.10 29.92
N MET H 118 -22.73 36.04 30.36
CA MET H 118 -22.61 34.82 29.51
C MET H 118 -24.02 34.26 29.27
N GLN H 119 -24.81 34.13 30.33
CA GLN H 119 -26.14 33.57 30.19
C GLN H 119 -27.04 34.44 29.34
N LEU H 120 -26.90 35.77 29.45
CA LEU H 120 -27.64 36.65 28.55
C LEU H 120 -27.24 36.39 27.10
N LEU H 121 -25.93 36.25 26.85
CA LEU H 121 -25.46 36.02 25.49
C LEU H 121 -25.94 34.66 24.98
N ALA H 122 -25.94 33.65 25.85
CA ALA H 122 -26.46 32.34 25.46
C ALA H 122 -27.93 32.41 25.12
N ALA H 123 -28.71 33.16 25.90
CA ALA H 123 -30.12 33.34 25.60
C ALA H 123 -30.30 34.04 24.25
N LEU H 124 -29.48 35.05 23.98
CA LEU H 124 -29.57 35.74 22.70
C LEU H 124 -29.21 34.80 21.55
N CYS H 125 -28.18 33.98 21.73
CA CYS H 125 -27.80 33.04 20.69
C CYS H 125 -28.92 32.03 20.42
N LEU H 126 -29.54 31.52 21.50
CA LEU H 126 -30.64 30.59 21.33
C LEU H 126 -31.83 31.26 20.66
N VAL H 127 -32.08 32.53 20.98
CA VAL H 127 -33.15 33.28 20.33
C VAL H 127 -32.87 33.40 18.83
N LEU H 128 -31.63 33.75 18.48
CA LEU H 128 -31.29 33.87 17.06
C LEU H 128 -31.42 32.53 16.35
N GLY H 129 -31.01 31.45 17.00
CA GLY H 129 -31.15 30.14 16.39
C GLY H 129 -32.60 29.78 16.15
N CYS H 130 -33.45 29.99 17.14
CA CYS H 130 -34.86 29.67 16.97
C CYS H 130 -35.54 30.60 15.98
N MET H 131 -35.02 31.82 15.81
CA MET H 131 -35.60 32.72 14.83
C MET H 131 -35.19 32.35 13.41
N ILE H 132 -33.95 31.91 13.23
CA ILE H 132 -33.47 31.60 11.88
C ILE H 132 -33.85 30.20 11.43
N PHE H 133 -34.07 29.28 12.37
CA PHE H 133 -34.38 27.90 11.99
C PHE H 133 -35.62 27.75 11.12
N PRO H 134 -36.74 28.45 11.37
CA PRO H 134 -37.89 28.31 10.47
C PRO H 134 -37.62 28.76 9.04
N ASP H 135 -36.60 29.58 8.81
CA ASP H 135 -36.31 30.05 7.46
C ASP H 135 -35.97 28.90 6.52
N GLY H 136 -35.42 27.82 7.05
CA GLY H 136 -34.98 26.71 6.21
C GLY H 136 -36.06 25.77 5.74
N TRP H 137 -37.32 25.99 6.12
CA TRP H 137 -38.38 25.07 5.73
C TRP H 137 -38.67 25.10 4.23
N ASP H 138 -38.21 26.11 3.51
CA ASP H 138 -38.42 26.15 2.07
C ASP H 138 -37.46 25.23 1.30
N ALA H 139 -36.56 24.55 1.99
CA ALA H 139 -35.67 23.62 1.31
C ALA H 139 -36.46 22.45 0.73
N GLU H 140 -35.88 21.80 -0.27
CA GLU H 140 -36.62 20.79 -1.01
C GLU H 140 -36.92 19.56 -0.15
N THR H 141 -36.02 19.18 0.75
CA THR H 141 -36.23 17.97 1.53
C THR H 141 -37.40 18.13 2.50
N ILE H 142 -37.44 19.25 3.24
CA ILE H 142 -38.54 19.46 4.18
C ILE H 142 -39.85 19.65 3.45
N ARG H 143 -39.81 20.32 2.29
CA ARG H 143 -41.02 20.45 1.49
C ARG H 143 -41.52 19.09 1.02
N ASP H 144 -40.61 18.23 0.57
CA ASP H 144 -41.01 16.91 0.10
C ASP H 144 -41.60 16.08 1.23
N MET H 145 -41.00 16.16 2.41
CA MET H 145 -41.50 15.35 3.53
C MET H 145 -42.84 15.89 4.02
N CYS H 146 -42.89 17.19 4.34
CA CYS H 146 -44.12 17.77 4.88
C CYS H 146 -45.19 17.91 3.81
N GLY H 147 -44.81 18.36 2.62
CA GLY H 147 -45.71 18.58 1.50
C GLY H 147 -45.45 19.92 0.85
N ALA H 148 -46.18 20.20 -0.22
CA ALA H 148 -45.97 21.43 -0.98
C ALA H 148 -46.45 22.66 -0.23
N LYS H 149 -47.45 22.53 0.65
CA LYS H 149 -48.00 23.68 1.35
C LYS H 149 -46.98 24.35 2.25
N THR H 150 -46.02 23.60 2.79
CA THR H 150 -45.02 24.19 3.67
C THR H 150 -44.14 25.18 2.91
N GLY H 151 -43.78 26.25 3.60
CA GLY H 151 -42.92 27.27 3.03
C GLY H 151 -42.15 27.98 4.12
N LYS H 152 -41.52 29.10 3.79
CA LYS H 152 -40.81 29.90 4.79
C LYS H 152 -41.78 30.38 5.86
N TYR H 153 -41.43 30.14 7.12
CA TYR H 153 -42.20 30.62 8.27
C TYR H 153 -43.64 30.10 8.23
N SER H 154 -43.81 28.86 7.78
CA SER H 154 -45.13 28.25 7.67
C SER H 154 -45.04 26.78 8.08
N LEU H 155 -45.72 26.43 9.17
CA LEU H 155 -45.71 25.03 9.62
C LEU H 155 -46.38 24.13 8.60
N GLY H 156 -47.49 24.57 8.01
CA GLY H 156 -48.21 23.74 7.06
C GLY H 156 -48.70 22.45 7.71
N ASP H 157 -48.56 21.34 6.98
CA ASP H 157 -49.06 20.07 7.49
C ASP H 157 -48.27 19.58 8.69
N CYS H 158 -46.96 19.78 8.70
CA CYS H 158 -46.15 19.30 9.82
C CYS H 158 -46.44 20.12 11.08
N SER H 159 -46.16 19.49 12.22
CA SER H 159 -46.44 20.06 13.53
C SER H 159 -45.17 20.04 14.38
N VAL H 160 -45.12 20.96 15.34
CA VAL H 160 -43.94 21.08 16.19
C VAL H 160 -43.89 19.91 17.17
N ARG H 161 -42.68 19.46 17.48
CA ARG H 161 -42.43 18.40 18.44
C ARG H 161 -41.63 18.95 19.63
N TRP H 162 -41.29 18.05 20.56
CA TRP H 162 -40.88 18.47 21.90
C TRP H 162 -39.60 19.30 21.90
N ALA H 163 -38.71 19.08 20.94
CA ALA H 163 -37.42 19.78 21.01
C ALA H 163 -37.59 21.28 20.80
N TYR H 164 -38.50 21.70 19.91
CA TYR H 164 -38.64 23.13 19.64
C TYR H 164 -39.24 23.86 20.84
N ILE H 165 -40.31 23.31 21.42
CA ILE H 165 -40.91 23.94 22.60
C ILE H 165 -39.92 23.90 23.76
N LEU H 166 -39.13 22.83 23.86
CA LEU H 166 -38.09 22.79 24.89
C LEU H 166 -37.04 23.87 24.64
N ALA H 167 -36.76 24.17 23.38
CA ALA H 167 -35.86 25.28 23.07
C ALA H 167 -36.42 26.60 23.57
N ILE H 168 -37.72 26.82 23.35
CA ILE H 168 -38.33 28.07 23.82
C ILE H 168 -38.26 28.15 25.35
N ILE H 169 -38.55 27.04 26.02
CA ILE H 169 -38.40 26.95 27.47
C ILE H 169 -36.98 27.29 27.88
N GLY H 170 -35.99 26.78 27.12
CA GLY H 170 -34.61 27.08 27.44
C GLY H 170 -34.27 28.55 27.28
N ILE H 171 -34.84 29.19 26.26
CA ILE H 171 -34.65 30.64 26.08
C ILE H 171 -35.16 31.39 27.31
N LEU H 172 -36.38 31.08 27.74
CA LEU H 172 -36.94 31.79 28.89
C LEU H 172 -36.11 31.52 30.14
N ASN H 173 -35.71 30.26 30.34
CA ASN H 173 -34.95 29.90 31.53
C ASN H 173 -33.60 30.60 31.53
N ALA H 174 -32.96 30.68 30.37
CA ALA H 174 -31.66 31.33 30.28
C ALA H 174 -31.76 32.82 30.59
N LEU H 175 -32.75 33.50 30.00
CA LEU H 175 -32.89 34.94 30.23
C LEU H 175 -33.20 35.21 31.70
N ILE H 176 -34.11 34.44 32.29
CA ILE H 176 -34.47 34.69 33.67
C ILE H 176 -33.32 34.36 34.61
N LEU H 177 -32.52 33.33 34.30
CA LEU H 177 -31.36 33.05 35.12
C LEU H 177 -30.31 34.15 34.98
N SER H 178 -30.20 34.74 33.80
CA SER H 178 -29.29 35.87 33.64
C SER H 178 -29.69 37.03 34.54
N PHE H 179 -30.99 37.35 34.58
CA PHE H 179 -31.47 38.40 35.47
CA PHE H 179 -31.44 38.41 35.47
C PHE H 179 -31.20 38.03 36.93
N LEU H 180 -31.43 36.76 37.28
CA LEU H 180 -31.16 36.31 38.64
C LEU H 180 -29.69 36.50 38.99
N ALA H 181 -28.79 36.16 38.06
CA ALA H 181 -27.36 36.32 38.31
C ALA H 181 -26.99 37.78 38.50
N PHE H 182 -27.55 38.66 37.68
CA PHE H 182 -27.26 40.09 37.84
C PHE H 182 -27.70 40.57 39.21
N VAL H 183 -28.93 40.21 39.61
CA VAL H 183 -29.44 40.68 40.89
C VAL H 183 -28.62 40.10 42.04
N LEU H 184 -28.20 38.84 41.94
CA LEU H 184 -27.40 38.25 43.02
C LEU H 184 -26.02 38.90 43.10
N GLY H 185 -25.40 39.16 41.95
CA GLY H 185 -24.09 39.79 41.97
C GLY H 185 -24.14 41.18 42.56
N ASN H 186 -25.22 41.92 42.28
CA ASN H 186 -25.37 43.24 42.89
C ASN H 186 -25.81 43.14 44.35
N ARG H 187 -26.50 42.06 44.72
CA ARG H 187 -26.99 41.88 46.09
C ARG H 187 -25.87 41.52 47.04
N GLN H 188 -24.90 40.73 46.57
CA GLN H 188 -23.78 40.35 47.43
C GLN H 188 -23.00 41.56 47.90
N THR H 189 -22.89 42.59 47.04
CA THR H 189 -22.21 43.81 47.45
C THR H 189 -22.95 44.50 48.60
N ASP H 190 -24.27 44.55 48.53
CA ASP H 190 -25.10 45.15 49.57
C ASP H 190 -24.76 46.64 49.74
C1 NAG I . -8.49 -12.76 -21.56
C2 NAG I . -9.81 -13.52 -21.52
C3 NAG I . -9.90 -14.32 -20.22
C4 NAG I . -8.69 -15.24 -20.10
C5 NAG I . -7.42 -14.41 -20.19
C6 NAG I . -6.16 -15.26 -20.18
C7 NAG I . -11.67 -12.51 -22.73
C8 NAG I . -12.98 -11.81 -22.57
N2 NAG I . -10.93 -12.62 -21.63
O3 NAG I . -11.11 -15.05 -20.18
O4 NAG I . -8.71 -15.95 -18.87
O5 NAG I . -7.41 -13.66 -21.42
O6 NAG I . -6.14 -16.16 -21.28
O7 NAG I . -11.30 -12.96 -23.81
C1 NAG I . -9.04 -17.29 -18.98
C2 NAG I . -8.94 -18.02 -17.63
C3 NAG I . -9.30 -19.48 -17.83
C4 NAG I . -10.68 -19.60 -18.46
C5 NAG I . -10.71 -18.83 -19.77
C6 NAG I . -12.07 -18.81 -20.41
C7 NAG I . -6.49 -18.32 -17.42
C8 NAG I . -5.30 -17.97 -16.60
N2 NAG I . -7.65 -17.83 -17.01
O3 NAG I . -9.24 -20.16 -16.59
O4 NAG I . -10.97 -20.97 -18.73
O5 NAG I . -10.34 -17.45 -19.54
O6 NAG I . -13.04 -18.23 -19.54
O7 NAG I . -6.40 -19.03 -18.44
C1 BMA I . -11.87 -21.62 -17.91
C2 BMA I . -12.13 -22.98 -18.49
C3 BMA I . -13.10 -23.75 -17.64
C4 BMA I . -12.59 -23.82 -16.21
C5 BMA I . -12.32 -22.42 -15.68
C6 BMA I . -11.68 -22.44 -14.32
O2 BMA I . -10.90 -23.69 -18.62
O3 BMA I . -13.23 -25.06 -18.19
O4 BMA I . -13.55 -24.44 -15.35
O5 BMA I . -11.42 -21.72 -16.55
O6 BMA I . -11.23 -21.13 -13.92
C1 MAN I . -14.49 -25.63 -18.08
C2 MAN I . -14.42 -27.05 -18.57
C3 MAN I . -14.05 -27.07 -20.04
C4 MAN I . -15.05 -26.25 -20.83
C5 MAN I . -15.12 -24.84 -20.27
C6 MAN I . -16.19 -23.99 -20.93
O2 MAN I . -15.66 -27.71 -18.35
O3 MAN I . -14.01 -28.42 -20.52
O4 MAN I . -14.67 -26.20 -22.21
O5 MAN I . -15.43 -24.88 -18.87
O6 MAN I . -15.87 -23.74 -22.30
C1 MAN I . -15.61 -29.05 -17.99
C2 MAN I . -17.02 -29.60 -18.09
C3 MAN I . -17.93 -28.90 -17.12
C4 MAN I . -17.36 -28.99 -15.71
C5 MAN I . -15.95 -28.46 -15.68
C6 MAN I . -15.28 -28.65 -14.33
O2 MAN I . -17.04 -31.01 -17.89
O3 MAN I . -19.21 -29.51 -17.17
O4 MAN I . -18.16 -28.23 -14.82
O5 MAN I . -15.12 -29.14 -16.64
O6 MAN I . -15.41 -30.01 -13.90
C1 MAN I . -16.41 -31.81 -18.84
C2 MAN I . -17.02 -33.20 -18.80
C3 MAN I . -16.67 -33.90 -17.51
C4 MAN I . -15.17 -33.95 -17.35
C5 MAN I . -14.59 -32.53 -17.42
C6 MAN I . -13.08 -32.50 -17.38
O2 MAN I . -16.58 -33.95 -19.93
O3 MAN I . -17.20 -35.23 -17.52
O4 MAN I . -14.82 -34.52 -16.09
O5 MAN I . -14.99 -31.91 -18.66
O6 MAN I . -12.59 -31.17 -17.54
C1 MAN I . -10.51 -21.21 -12.71
C2 MAN I . -10.16 -19.82 -12.26
C3 MAN I . -9.18 -19.17 -13.21
C4 MAN I . -7.95 -20.04 -13.34
C5 MAN I . -8.37 -21.43 -13.77
C6 MAN I . -7.23 -22.42 -13.85
O2 MAN I . -9.59 -19.86 -10.95
O3 MAN I . -8.84 -17.90 -12.66
O4 MAN I . -7.06 -19.53 -14.32
O5 MAN I . -9.32 -21.98 -12.85
O6 MAN I . -7.66 -23.52 -14.63
C1 MAN I . -7.00 -24.75 -14.36
C2 MAN I . -7.58 -25.81 -15.26
C3 MAN I . -9.05 -25.95 -15.03
C4 MAN I . -9.26 -26.35 -13.57
C5 MAN I . -8.64 -25.27 -12.68
C6 MAN I . -8.69 -25.64 -11.23
O2 MAN I . -7.10 -27.13 -14.94
O3 MAN I . -9.60 -26.94 -15.89
O4 MAN I . -10.65 -26.46 -13.28
O5 MAN I . -7.25 -25.15 -13.00
O6 MAN I . -7.74 -24.87 -10.49
C1 MAN I . -5.85 -27.51 -15.44
C2 MAN I . -5.65 -29.01 -15.35
C3 MAN I . -5.42 -29.43 -13.92
C4 MAN I . -4.25 -28.66 -13.34
C5 MAN I . -4.49 -27.16 -13.48
C6 MAN I . -3.30 -26.34 -13.04
O2 MAN I . -4.56 -29.40 -16.18
O3 MAN I . -5.14 -30.83 -13.88
O4 MAN I . -4.09 -28.98 -11.95
O5 MAN I . -4.74 -26.83 -14.86
O6 MAN I . -3.50 -24.96 -13.35
C1 MAN I . -8.20 -16.95 -13.46
C2 MAN I . -7.96 -15.73 -12.61
C3 MAN I . -9.25 -15.01 -12.33
C4 MAN I . -9.96 -14.69 -13.63
C5 MAN I . -10.17 -15.94 -14.45
C6 MAN I . -10.73 -15.66 -15.82
O2 MAN I . -7.02 -14.87 -13.25
O3 MAN I . -9.00 -13.81 -11.60
O4 MAN I . -11.24 -14.09 -13.35
O5 MAN I . -8.90 -16.61 -14.65
O6 MAN I . -12.03 -15.06 -15.74
C1 NAG J . -11.68 15.86 -21.39
C2 NAG J . -12.96 16.56 -21.80
C3 NAG J . -13.33 16.17 -23.23
C4 NAG J . -12.18 16.49 -24.17
C5 NAG J . -10.91 15.77 -23.67
C6 NAG J . -9.69 16.12 -24.48
C7 NAG J . -14.60 17.14 -20.07
C8 NAG J . -14.15 18.56 -20.23
N2 NAG J . -14.06 16.25 -20.90
O3 NAG J . -14.51 16.87 -23.62
O4 NAG J . -12.44 16.02 -25.49
O5 NAG J . -10.64 16.16 -22.31
O6 NAG J . -9.43 17.53 -24.44
O7 NAG J . -15.43 16.80 -19.23
C1 NAG J . -12.95 16.85 -26.49
C2 NAG J . -12.93 16.07 -27.81
C3 NAG J . -13.49 16.94 -28.92
C4 NAG J . -14.89 17.41 -28.55
C5 NAG J . -14.85 18.14 -27.22
C6 NAG J . -16.21 18.55 -26.72
C7 NAG J . -11.23 14.34 -28.12
C8 NAG J . -12.30 13.35 -27.76
N2 NAG J . -11.59 15.62 -28.14
O3 NAG J . -13.48 16.19 -30.13
O4 NAG J . -15.41 18.30 -29.53
O5 NAG J . -14.28 17.28 -26.20
O6 NAG J . -16.86 19.42 -27.64
O7 NAG J . -10.09 13.97 -28.39
C1 BMA J . -16.10 17.82 -30.65
C2 BMA J . -16.78 18.98 -31.31
C3 BMA J . -17.55 18.53 -32.53
C4 BMA J . -16.61 17.79 -33.48
C5 BMA J . -15.92 16.64 -32.74
C6 BMA J . -14.87 15.96 -33.59
O2 BMA J . -15.82 19.99 -31.64
O3 BMA J . -18.11 19.69 -33.15
O4 BMA J . -17.33 17.25 -34.58
O5 BMA J . -15.24 17.13 -31.57
O6 BMA J . -15.43 15.21 -34.65
C1 MAN J . -19.24 19.48 -33.93
C2 MAN J . -19.64 20.80 -34.55
C3 MAN J . -20.04 21.79 -33.47
C4 MAN J . -21.16 21.20 -32.63
C5 MAN J . -20.72 19.85 -32.05
C6 MAN J . -21.82 19.15 -31.30
O2 MAN J . -20.68 20.61 -35.50
O3 MAN J . -20.48 23.00 -34.08
O4 MAN J . -21.47 22.08 -31.56
O5 MAN J . -20.32 18.97 -33.12
O6 MAN J . -21.40 17.86 -30.86
C1 MAN J . -14.89 15.49 -35.92
C2 MAN J . -13.40 15.25 -35.83
C3 MAN J . -12.64 15.81 -37.03
C4 MAN J . -13.04 17.24 -37.35
C5 MAN J . -14.57 17.45 -37.39
C6 MAN J . -15.26 16.94 -38.65
O2 MAN J . -13.14 13.86 -35.71
O3 MAN J . -12.83 14.96 -38.16
O4 MAN J . -12.49 18.13 -36.37
O5 MAN J . -15.23 16.85 -36.23
O6 MAN J . -15.06 15.55 -38.91
C1 NAG K . -38.10 -7.27 -27.31
C2 NAG K . -39.61 -6.99 -27.38
C3 NAG K . -39.90 -5.88 -28.38
C4 NAG K . -39.06 -4.65 -28.05
C5 NAG K . -37.59 -5.03 -28.02
C6 NAG K . -36.68 -3.88 -27.65
C7 NAG K . -41.48 -8.66 -27.19
C8 NAG K . -42.07 -7.85 -26.08
N2 NAG K . -40.33 -8.20 -27.74
O3 NAG K . -41.28 -5.55 -28.35
O4 NAG K . -39.27 -3.62 -29.02
O5 NAG K . -37.38 -6.06 -27.04
O6 NAG K . -37.16 -3.22 -26.48
O7 NAG K . -42.00 -9.70 -27.58
C1 NAG K . -39.88 -2.32 -28.85
C2 NAG K . -40.29 -1.79 -27.47
C3 NAG K . -40.40 -0.28 -27.50
C4 NAG K . -39.10 0.33 -28.01
C5 NAG K . -38.72 -0.29 -29.35
C6 NAG K . -37.37 0.18 -29.86
C7 NAG K . -41.74 -2.92 -25.83
C8 NAG K . -43.10 -3.50 -25.58
N2 NAG K . -41.55 -2.39 -27.04
O3 NAG K . -40.68 0.20 -26.19
O4 NAG K . -39.24 1.74 -28.16
O5 NAG K . -38.65 -1.72 -29.24
O6 NAG K . -37.19 -0.15 -31.22
O7 NAG K . -40.86 -2.95 -24.98
C1 BMA K . -40.16 2.74 -27.71
C2 BMA K . -40.91 3.67 -26.75
C3 BMA K . -41.95 4.49 -27.50
C4 BMA K . -41.35 5.12 -28.76
C5 BMA K . -40.70 4.04 -29.63
C6 BMA K . -40.07 4.59 -30.90
O2 BMA K . -40.01 4.60 -26.15
O3 BMA K . -42.52 5.49 -26.67
O4 BMA K . -42.37 5.77 -29.51
O5 BMA K . -39.67 3.43 -28.85
O6 BMA K . -39.59 3.49 -31.67
C1 NAG L . -35.73 -13.86 4.08
C2 NAG L . -35.74 -14.41 5.50
C3 NAG L . -36.91 -15.37 5.65
C4 NAG L . -38.20 -14.68 5.26
C5 NAG L . -38.09 -14.14 3.85
C6 NAG L . -39.29 -13.33 3.39
C7 NAG L . -33.60 -14.53 6.68
C8 NAG L . -34.08 -13.36 7.51
N2 NAG L . -34.47 -15.04 5.82
O3 NAG L . -36.96 -15.87 6.98
O4 NAG L . -39.27 -15.63 5.32
O5 NAG L . -36.96 -13.25 3.75
O6 NAG L . -39.44 -12.16 4.19
O7 NAG L . -32.46 -14.98 6.80
C1 NAG L . -40.51 -15.17 5.78
C2 NAG L . -41.57 -16.22 5.47
C3 NAG L . -42.92 -15.74 6.00
C4 NAG L . -42.81 -15.40 7.48
C5 NAG L . -41.70 -14.39 7.70
C6 NAG L . -41.45 -14.09 9.17
C7 NAG L . -41.21 -17.64 3.52
C8 NAG L . -41.40 -17.78 2.04
N2 NAG L . -41.64 -16.50 4.06
O3 NAG L . -43.91 -16.72 5.77
O4 NAG L . -44.04 -14.84 7.93
O5 NAG L . -40.45 -14.88 7.17
O6 NAG L . -41.08 -15.28 9.86
O7 NAG L . -40.70 -18.52 4.20
C1 NAG M . -1.61 -26.29 -16.71
C2 NAG M . -2.61 -25.47 -17.53
C3 NAG M . -3.24 -26.32 -18.61
C4 NAG M . -2.15 -26.92 -19.49
C5 NAG M . -1.17 -27.70 -18.61
C6 NAG M . 0.01 -28.24 -19.38
C7 NAG M . -3.68 -23.58 -16.39
C8 NAG M . -2.55 -22.75 -16.93
N2 NAG M . -3.63 -24.88 -16.67
O3 NAG M . -4.14 -25.54 -19.37
O4 NAG M . -2.68 -27.84 -20.43
O5 NAG M . -0.63 -26.84 -17.58
O6 NAG M . 0.74 -27.20 -20.00
O7 NAG M . -4.59 -23.09 -15.74
C1 NAG M . -3.18 -27.49 -21.69
C2 NAG M . -3.24 -28.80 -22.49
C3 NAG M . -3.81 -28.54 -23.88
C4 NAG M . -5.17 -27.87 -23.76
C5 NAG M . -5.02 -26.59 -22.93
C6 NAG M . -6.35 -25.92 -22.67
C7 NAG M . -1.67 -30.58 -21.92
C8 NAG M . -2.77 -31.16 -21.08
N2 NAG M . -1.96 -29.45 -22.57
O3 NAG M . -3.89 -29.77 -24.57
O4 NAG M . -5.69 -27.50 -25.04
O5 NAG M . -4.46 -26.89 -21.63
O6 NAG M . -7.27 -26.81 -22.06
O7 NAG M . -0.57 -31.11 -22.00
C1 BMA M . -6.98 -27.82 -25.44
C2 BMA M . -7.28 -27.10 -26.72
C3 BMA M . -8.67 -27.43 -27.21
C4 BMA M . -8.81 -28.94 -27.35
C5 BMA M . -8.48 -29.62 -26.03
C6 BMA M . -8.48 -31.13 -26.13
O2 BMA M . -6.30 -27.44 -27.71
O3 BMA M . -8.94 -26.80 -28.46
O4 BMA M . -10.14 -29.27 -27.73
O5 BMA M . -7.15 -29.24 -25.61
O6 BMA M . -9.46 -31.57 -27.05
C1 MAN M . -9.38 -25.48 -28.47
C2 MAN M . -10.10 -25.18 -29.77
C3 MAN M . -9.12 -25.16 -30.93
C4 MAN M . -8.01 -24.16 -30.64
C5 MAN M . -7.34 -24.48 -29.32
C6 MAN M . -6.32 -23.44 -28.92
O2 MAN M . -10.80 -23.94 -29.67
O3 MAN M . -9.82 -24.80 -32.13
O4 MAN M . -7.04 -24.21 -31.69
O5 MAN M . -8.33 -24.52 -28.26
O6 MAN M . -6.90 -22.14 -28.88
C1 MAN M . -11.79 -23.89 -28.70
C2 MAN M . -12.89 -24.87 -29.06
C3 MAN M . -13.61 -24.41 -30.32
C4 MAN M . -14.12 -23.00 -30.14
C5 MAN M . -12.98 -22.06 -29.74
C6 MAN M . -13.45 -20.66 -29.41
O2 MAN M . -13.80 -25.00 -27.97
O3 MAN M . -14.69 -25.30 -30.60
O4 MAN M . -14.70 -22.52 -31.35
O5 MAN M . -12.32 -22.57 -28.56
O6 MAN M . -14.04 -20.04 -30.54
C1 MAN M . -9.03 -32.28 -28.19
C2 MAN M . -8.86 -33.75 -27.86
C3 MAN M . -8.40 -34.55 -29.07
C4 MAN M . -7.20 -33.90 -29.73
C5 MAN M . -7.42 -32.40 -30.01
C6 MAN M . -8.41 -32.12 -31.11
O2 MAN M . -10.08 -34.28 -27.33
O3 MAN M . -9.48 -34.70 -29.99
O4 MAN M . -6.05 -34.04 -28.89
O5 MAN M . -7.88 -31.71 -28.84
O6 MAN M . -7.77 -32.10 -32.38
C1 MAN M . -8.21 -31.08 -33.22
C2 MAN M . -7.42 -31.17 -34.51
C3 MAN M . -5.95 -30.90 -34.26
C4 MAN M . -5.78 -29.56 -33.57
C5 MAN M . -6.62 -29.50 -32.29
C6 MAN M . -6.60 -28.15 -31.63
O2 MAN M . -7.96 -30.27 -35.47
O3 MAN M . -5.24 -30.91 -35.49
O4 MAN M . -4.41 -29.35 -33.23
O5 MAN M . -8.00 -29.80 -32.59
O6 MAN M . -7.44 -28.14 -30.47
C1 NAG N . 24.26 -25.06 -0.27
C2 NAG N . 25.62 -25.51 -0.80
C3 NAG N . 25.48 -26.91 -1.38
C4 NAG N . 24.90 -27.85 -0.34
C5 NAG N . 23.57 -27.31 0.17
C6 NAG N . 23.00 -28.13 1.31
C7 NAG N . 27.16 -23.82 -1.69
C8 NAG N . 27.52 -22.98 -2.88
N2 NAG N . 26.10 -24.61 -1.83
O3 NAG N . 26.76 -27.36 -1.81
O4 NAG N . 24.61 -29.12 -0.92
O5 NAG N . 23.74 -25.98 0.68
O6 NAG N . 21.77 -27.58 1.77
O7 NAG N . 27.82 -23.78 -0.66
C1 NAG N . 25.47 -30.20 -0.70
C2 NAG N . 24.61 -31.43 -0.92
C3 NAG N . 25.48 -32.68 -0.75
C4 NAG N . 26.68 -32.60 -1.69
C5 NAG N . 27.45 -31.30 -1.44
C6 NAG N . 28.58 -31.07 -2.42
C7 NAG N . 22.38 -32.07 -0.07
C8 NAG N . 21.67 -32.36 1.21
N2 NAG N . 23.51 -31.38 0.03
O3 NAG N . 24.71 -33.84 -1.02
O4 NAG N . 27.53 -33.70 -1.40
O5 NAG N . 26.59 -30.17 -1.57
O6 NAG N . 29.26 -29.86 -2.13
O7 NAG N . 21.94 -32.44 -1.16
C1 BMA N . 28.21 -34.41 -2.40
C2 BMA N . 29.16 -35.37 -1.70
C3 BMA N . 29.91 -36.19 -2.72
C4 BMA N . 28.93 -36.90 -3.64
C5 BMA N . 27.98 -35.89 -4.28
C6 BMA N . 26.89 -36.58 -5.07
O2 BMA N . 28.44 -36.20 -0.81
O3 BMA N . 30.74 -37.14 -2.07
O4 BMA N . 29.63 -37.60 -4.66
O5 BMA N . 27.33 -35.12 -3.27
O6 BMA N . 26.11 -37.37 -4.18
C1 MAN N . 25.35 -38.41 -4.74
C2 MAN N . 24.70 -39.14 -3.59
C3 MAN N . 25.73 -39.86 -2.74
C4 MAN N . 26.56 -40.80 -3.62
C5 MAN N . 27.17 -40.02 -4.78
C6 MAN N . 27.89 -40.92 -5.76
O2 MAN N . 23.71 -40.05 -4.08
O3 MAN N . 25.02 -40.56 -1.71
O4 MAN N . 27.65 -41.37 -2.91
O5 MAN N . 26.13 -39.33 -5.52
O6 MAN N . 27.04 -41.98 -6.20
C1 MAN N . 25.72 -41.36 -0.81
C2 MAN N . 24.79 -41.87 0.25
C3 MAN N . 24.37 -40.75 1.18
C4 MAN N . 25.60 -40.07 1.76
C5 MAN N . 26.52 -39.60 0.65
C6 MAN N . 27.84 -39.06 1.17
O2 MAN N . 25.40 -42.93 0.96
O3 MAN N . 23.54 -41.27 2.22
O4 MAN N . 25.21 -38.95 2.56
O5 MAN N . 26.86 -40.70 -0.22
O6 MAN N . 28.73 -38.75 0.11
C1 MAN N . 31.78 -36.60 -1.32
C2 MAN N . 32.74 -35.90 -2.26
C3 MAN N . 33.40 -36.90 -3.18
C4 MAN N . 34.07 -37.99 -2.38
C5 MAN N . 33.07 -38.64 -1.43
C6 MAN N . 33.71 -39.65 -0.50
O2 MAN N . 33.71 -35.17 -1.50
O3 MAN N . 34.34 -36.23 -4.02
O4 MAN N . 34.60 -38.98 -3.25
O5 MAN N . 32.46 -37.64 -0.60
O6 MAN N . 32.76 -40.18 0.42
C1 NAG O . 21.69 -30.27 -35.32
C2 NAG O . 22.73 -29.61 -36.23
C3 NAG O . 24.08 -30.27 -36.00
C4 NAG O . 24.46 -30.23 -34.53
C5 NAG O . 23.35 -30.86 -33.70
C6 NAG O . 23.58 -30.76 -32.20
C7 NAG O . 21.97 -28.59 -38.32
C8 NAG O . 21.81 -28.79 -39.79
N2 NAG O . 22.34 -29.67 -37.62
O3 NAG O . 25.05 -29.63 -36.81
O4 NAG O . 25.66 -30.97 -34.37
O5 NAG O . 22.09 -30.22 -33.96
O6 NAG O . 23.66 -29.39 -31.80
O7 NAG O . 21.79 -27.51 -37.78
C1 NAG O . 26.65 -30.47 -33.52
C2 NAG O . 27.80 -31.46 -33.46
C3 NAG O . 28.95 -30.85 -32.66
C4 NAG O . 29.37 -29.51 -33.26
C5 NAG O . 28.15 -28.59 -33.33
C6 NAG O . 28.45 -27.29 -34.02
C7 NAG O . 26.45 -33.53 -33.24
C8 NAG O . 25.95 -34.49 -32.22
N2 NAG O . 27.46 -32.73 -32.86
O3 NAG O . 30.03 -31.78 -32.64
O4 NAG O . 30.35 -28.88 -32.45
O5 NAG O . 27.09 -29.22 -34.06
O6 NAG O . 27.29 -26.46 -34.06
O7 NAG O . 25.97 -33.47 -34.38
C1 BMA O . 31.71 -29.09 -32.68
C2 BMA O . 32.49 -28.19 -31.75
C3 BMA O . 33.97 -28.40 -31.94
C4 BMA O . 34.33 -29.87 -31.75
C5 BMA O . 33.49 -30.72 -32.70
C6 BMA O . 33.69 -32.21 -32.47
O2 BMA O . 32.11 -28.45 -30.40
O3 BMA O . 34.70 -27.60 -31.00
O4 BMA O . 35.71 -30.08 -32.03
O5 BMA O . 32.09 -30.46 -32.49
O6 BMA O . 33.32 -32.58 -31.16
C1 PIO P . 39.21 35.41 23.75
O1 PIO P . 38.81 34.14 23.30
P1 PIO P . 38.56 33.83 21.70
C2 PIO P . 40.74 35.47 23.82
O2 PIO P . 41.29 34.51 22.96
C3 PIO P . 41.29 35.20 25.23
O3 PIO P . 40.91 33.90 25.61
C4 PIO P . 40.76 36.21 26.26
O4 PIO P . 41.62 37.32 26.28
P4 PIO P . 42.86 37.34 27.36
C5 PIO P . 39.35 36.69 25.94
O5 PIO P . 38.67 36.92 27.15
P5 PIO P . 37.62 38.18 27.29
C6 PIO P . 38.56 35.67 25.12
O6 PIO P . 37.26 36.16 24.91
O11 PIO P . 38.26 35.12 20.95
O12 PIO P . 37.36 32.93 21.56
O13 PIO P . 39.87 33.06 21.08
C1A PIO P . 41.68 30.70 20.33
O1A PIO P . 41.44 30.93 21.47
C1B PIO P . 43.10 33.18 16.03
O1B PIO P . 42.80 34.29 15.73
C1C PIO P . 40.67 33.62 20.06
C2A PIO P . 41.57 29.28 19.80
C2B PIO P . 44.07 32.41 15.14
C2C PIO P . 41.04 32.57 19.02
O2C PIO P . 42.08 31.75 19.49
C3A PIO P . 41.32 29.24 18.29
C3B PIO P . 43.43 32.23 13.76
C3C PIO P . 41.51 33.28 17.76
O3C PIO P . 42.58 32.58 17.19
O41 PIO P . 43.77 38.50 27.05
O42 PIO P . 43.63 36.04 27.26
O43 PIO P . 42.31 37.49 28.76
C4A PIO P . 41.14 27.78 17.84
C4B PIO P . 43.25 30.76 13.39
O51 PIO P . 36.29 37.78 26.70
O52 PIO P . 37.44 38.52 28.74
O53 PIO P . 38.14 39.38 26.56
C5A PIO P . 40.30 27.75 16.57
C5B PIO P . 41.91 30.23 13.90
C6A PIO P . 40.30 26.33 15.99
C6B PIO P . 40.80 30.48 12.89
C7A PIO P . 39.65 26.32 14.60
C7B PIO P . 39.45 30.39 13.59
C8A PIO P . 38.13 26.45 14.72
C8B PIO P . 38.33 30.52 12.56
CAD PGW Q . 12.95 20.02 -13.58
OAE PGW Q . 12.27 21.24 -13.70
OAF PGW Q . 15.17 20.52 -14.32
P PGW Q . 13.75 23.14 -15.64
C01 PGW Q . 14.45 22.76 -11.22
C1 PGW Q . 17.22 24.10 -11.60
O01 PGW Q . 15.95 24.68 -11.38
C02 PGW Q . 14.80 24.06 -11.95
C2 PGW Q . 17.87 23.26 -10.48
O02 PGW Q . 17.79 24.27 -12.61
C03 PGW Q . 15.02 23.77 -13.43
C3 PGW Q . 19.33 23.71 -10.34
O03 PGW Q . 13.78 23.07 -9.98
C04 PGW Q . 13.45 20.51 -16.00
C4 PGW Q . 19.85 23.51 -8.91
O04 PGW Q . 11.72 23.00 -10.98
C05 PGW Q . 13.98 19.88 -14.69
C5 PGW Q . 20.00 24.86 -8.18
C06 PGW Q . 22.15 28.72 -2.67
C6 PGW Q . 20.06 24.61 -6.67
C07 PGW Q . 23.22 28.32 -1.66
C7 PGW Q . 20.41 25.90 -5.91
C08 PGW Q . 23.15 29.20 -0.41
C8 PGW Q . 21.24 25.49 -4.68
C09 PGW Q . 24.58 29.50 0.05
C9 PGW Q . 21.30 26.59 -3.61
C10 PGW Q . 22.10 27.64 -3.76
C11 PGW Q . 24.58 30.10 1.48
O11 PGW Q . 13.78 23.67 -14.07
C12 PGW Q . 24.45 31.64 1.39
O12 PGW Q . 12.82 21.75 -15.73
C13 PGW Q . 23.75 32.18 2.64
O13 PGW Q . 15.16 22.88 -16.11
C14 PGW Q . 23.64 33.69 2.53
O14 PGW Q . 13.12 24.20 -16.50
C15 PGW Q . 12.81 29.72 -0.82
C16 PGW Q . 13.34 28.60 0.11
C17 PGW Q . 12.16 27.74 0.61
C18 PGW Q . 12.70 26.57 1.44
C19 PGW Q . 12.38 23.34 -10.05
C20 PGW Q . 11.69 24.08 -8.88
C21 PGW Q . 12.73 24.50 -7.82
C22 PGW Q . 11.98 25.12 -6.64
C23 PGW Q . 12.82 26.24 -5.98
C24 PGW Q . 11.90 27.03 -5.02
C25 PGW Q . 12.64 28.25 -4.43
C26 PGW Q . 12.30 28.43 -2.93
C27 PGW Q . 13.22 29.49 -2.29
C28 PGW Q . 11.59 25.56 1.76
C29 PGW Q . 11.26 23.25 2.65
C30 PGW Q . 12.17 24.14 1.77
C1 D10 R . 25.95 30.52 -4.36
C2 D10 R . 24.94 29.59 -5.03
C3 D10 R . 25.36 29.34 -6.48
C4 D10 R . 24.35 28.43 -7.18
C5 D10 R . 24.86 28.14 -8.58
C6 D10 R . 23.74 27.54 -9.45
C7 D10 R . 24.26 27.34 -10.87
C8 D10 R . 23.10 27.17 -11.86
C9 D10 R . 22.36 25.86 -11.60
C10 D10 R . 21.32 25.66 -12.71
CL CL S . 8.28 7.95 -11.50
C27 R16 T . -12.69 26.42 -1.51
C28 R16 T . -12.41 27.12 -0.18
C29 R16 T . -11.11 27.93 -0.31
C30 R16 T . -10.89 28.80 0.92
C31 R16 T . -10.59 27.96 2.15
C32 R16 T . -9.97 28.84 3.24
C33 R16 T . -9.91 28.08 4.55
C34 R16 T . -8.61 28.40 5.30
C35 R16 T . -8.63 29.85 5.78
C36 R16 T . -7.55 30.05 6.85
C37 R16 T . -7.29 31.54 7.03
C38 R16 T . -6.40 31.74 8.27
C39 R16 T . -5.92 33.19 8.33
C40 R16 T . -5.20 33.43 9.65
C41 R16 T . -4.44 34.76 9.58
C42 R16 T . -4.00 35.15 10.99
C1 D10 U . -13.63 32.85 -2.75
C2 D10 U . -12.96 32.33 -1.48
C3 D10 U . -12.15 33.45 -0.84
C4 D10 U . -11.50 32.92 0.44
C5 D10 U . -10.68 34.03 1.11
C6 D10 U . -9.89 33.43 2.27
C7 D10 U . -9.26 34.54 3.11
C8 D10 U . -8.47 33.91 4.25
C9 D10 U . -8.10 34.95 5.30
C10 D10 U . -7.22 36.05 4.71
C1 HEX V . 13.18 41.93 10.85
C2 HEX V . 13.18 40.79 9.83
C3 HEX V . 14.50 40.01 9.88
C4 HEX V . 15.71 40.89 9.54
C5 HEX V . 16.95 40.00 9.45
C6 HEX V . 18.14 40.85 9.02
CAD PGW W . -18.19 16.86 1.73
OAE PGW W . -18.47 17.60 2.88
OAF PGW W . -19.09 16.74 -0.47
P PGW W . -15.82 20.39 0.66
C01 PGW W . -16.42 20.82 4.74
C1 PGW W . -13.82 21.74 6.35
O01 PGW W . -14.07 20.85 5.28
C02 PGW W . -15.03 21.33 4.35
C2 PGW W . -12.37 22.00 6.81
O02 PGW W . -14.72 22.28 6.88
C03 PGW W . -14.66 20.82 2.96
C3 PGW W . -12.24 21.90 8.33
O03 PGW W . -16.36 20.27 6.04
C04 PGW W . -17.55 18.50 -0.05
C4 PGW W . -12.55 23.26 8.97
O04 PGW W . -18.62 20.33 6.24
C05 PGW W . -18.68 17.64 0.51
C5 PGW W . -12.99 23.05 10.43
C06 PGW W . -10.41 24.50 14.31
C6 PGW W . -12.84 24.39 11.18
C07 PGW W . -9.33 23.72 15.04
C7 PGW W . -13.39 24.26 12.61
C08 PGW W . -8.20 23.34 14.07
C8 PGW W . -13.08 25.54 13.41
C09 PGW W . -7.50 22.08 14.57
C9 PGW W . -12.76 25.18 14.89
C10 PGW W . -11.58 24.73 15.29
C11 PGW W . -6.42 21.69 13.55
O11 PGW W . -15.57 21.30 2.00
C12 PGW W . -5.27 20.89 14.16
O12 PGW W . -16.82 19.10 1.01
C13 PGW W . -5.60 19.40 14.09
O13 PGW W . -16.47 21.25 -0.41
C14 PGW W . -5.07 18.84 12.77
O14 PGW W . -14.51 19.87 0.14
C15 PGW W . -15.72 22.05 16.82
C16 PGW W . -15.26 23.41 17.40
C17 PGW W . -15.43 23.37 18.93
C18 PGW W . -14.63 24.52 19.57
C19 PGW W . -17.56 20.40 6.79
C20 PGW W . -17.51 20.67 8.31
C21 PGW W . -17.86 22.14 8.58
C22 PGW W . -18.22 22.35 10.05
C23 PGW W . -16.95 22.42 10.91
C24 PGW W . -17.33 22.72 12.38
C25 PGW W . -17.26 21.45 13.26
C26 PGW W . -17.24 21.84 14.77
C27 PGW W . -15.80 22.10 15.27
C28 PGW W . -14.79 24.47 21.10
C29 PGW W . -13.84 25.50 23.17
C30 PGW W . -13.51 24.96 21.78
C1 PLM X . -12.00 41.49 38.85
O1 PLM X . -11.16 42.40 39.03
O2 PLM X . -13.05 41.49 39.55
C2 PLM X . -11.77 40.40 37.80
C3 PLM X . -11.00 39.24 38.44
C4 PLM X . -10.60 38.22 37.38
C5 PLM X . -11.78 37.33 36.97
C6 PLM X . -11.34 36.09 36.20
C7 PLM X . -10.41 36.45 35.04
C8 PLM X . -10.36 35.31 34.01
C9 PLM X . -9.61 34.09 34.55
CA PLM X . -9.49 33.05 33.45
CB PLM X . -8.84 31.78 34.02
CC PLM X . -8.35 30.89 32.88
C1 CLR Y . -22.51 16.70 19.37
C2 CLR Y . -23.04 15.66 18.40
C3 CLR Y . -23.05 16.20 16.99
C4 CLR Y . -21.66 16.63 16.58
C5 CLR Y . -21.04 17.58 17.57
C6 CLR Y . -20.46 18.70 17.17
C7 CLR Y . -19.81 19.72 18.05
C8 CLR Y . -19.50 19.16 19.43
C9 CLR Y . -20.71 18.38 19.96
C10 CLR Y . -21.08 17.16 19.04
C11 CLR Y . -20.55 18.00 21.44
C12 CLR Y . -20.15 19.17 22.33
C13 CLR Y . -18.89 19.88 21.84
C14 CLR Y . -19.19 20.31 20.39
C15 CLR Y . -18.05 21.28 20.06
C16 CLR Y . -17.73 21.98 21.39
C17 CLR Y . -18.58 21.27 22.47
C18 CLR Y . -17.68 18.94 21.94
C19 CLR Y . -20.11 15.98 19.23
C20 CLR Y . -17.92 21.34 23.86
C21 CLR Y . -18.65 20.52 24.93
C22 CLR Y . -17.75 22.79 24.36
C23 CLR Y . -16.61 22.98 25.36
C24 CLR Y . -16.82 24.18 26.27
C25 CLR Y . -15.71 24.45 27.28
C26 CLR Y . -16.18 25.37 28.38
C27 CLR Y . -14.47 25.00 26.62
O1 CLR Y . -23.53 15.20 16.09
C1 D10 Z . -29.28 12.68 30.93
C2 D10 Z . -28.52 13.08 29.68
C3 D10 Z . -27.49 14.15 30.01
C4 D10 Z . -26.77 14.59 28.74
C5 D10 Z . -25.51 15.39 29.06
C6 D10 Z . -25.85 16.70 29.78
C7 D10 Z . -24.60 17.57 29.89
C8 D10 Z . -24.92 18.81 30.75
C9 D10 Z . -23.82 19.87 30.63
C10 D10 Z . -22.53 19.37 31.28
O1 PX2 AA . -0.09 31.45 46.49
O2 PX2 AA . 0.85 29.37 47.40
P1 PX2 AA . -0.43 30.08 47.04
O3 PX2 AA . -1.30 30.24 48.27
O4 PX2 AA . -1.21 29.21 45.88
C1 PX2 AA . -2.55 28.83 46.09
C2 PX2 AA . -2.87 27.63 45.19
C3 PX2 AA . -1.89 26.49 45.50
O5 PX2 AA . -2.00 26.15 46.86
C4 PX2 AA . -2.87 25.08 47.11
O6 PX2 AA . -3.96 25.29 47.54
C5 PX2 AA . -2.41 23.65 46.84
C6 PX2 AA . -2.93 22.70 47.92
C7 PX2 AA . -2.55 21.27 47.53
C8 PX2 AA . -3.54 20.69 46.51
C9 PX2 AA . -2.79 20.15 45.30
C10 PX2 AA . -3.76 19.35 44.43
C11 PX2 AA . -3.52 17.85 44.59
C12 PX2 AA . -2.32 17.38 43.75
C13 PX2 AA . -2.70 16.22 42.85
C14 PX2 AA . -3.60 16.67 41.69
C15 PX2 AA . -3.63 15.56 40.63
O7 PX2 AA . -4.18 27.21 45.45
C16 PX2 AA . -4.81 26.44 44.46
O8 PX2 AA . -4.61 26.61 43.30
C17 PX2 AA . -5.80 25.34 44.89
C18 PX2 AA . -5.25 23.98 44.47
C19 PX2 AA . -6.03 23.49 43.25
C20 PX2 AA . -5.33 22.30 42.60
C21 PX2 AA . -6.21 21.62 41.53
C22 PX2 AA . -5.64 20.25 41.17
C23 PX2 AA . -6.31 19.74 39.90
C24 PX2 AA . -5.65 18.44 39.45
C25 PX2 AA . -6.22 18.03 38.09
C26 PX2 AA . -6.18 16.51 37.93
C27 PX2 AA . -6.72 16.13 36.55
C8 A8W BA . 13.89 18.81 22.23
C5 A8W BA . 15.40 20.60 23.93
C6 A8W BA . 15.63 19.30 24.00
C2 A8W BA . 14.54 23.35 24.37
C4 A8W BA . 16.25 21.58 24.72
O A8W BA . 10.41 16.60 18.40
C1 A8W BA . 13.56 22.32 23.85
C10 A8W BA . 14.27 21.19 23.10
C11 A8W BA . 12.06 20.58 21.93
C12 A8W BA . 11.10 19.50 21.41
C13 A8W BA . 11.81 18.27 20.84
C14 A8W BA . 12.82 17.79 21.91
C15 A8W BA . 13.21 16.38 21.46
C16 A8W BA . 12.01 15.84 20.68
C17 A8W BA . 10.96 16.98 20.68
C18 A8W BA . 12.52 18.62 19.52
C19 A8W BA . 14.88 21.76 21.80
C20 A8W BA . 10.04 16.97 19.49
C3 A8W BA . 15.46 22.70 25.36
C7 A8W BA . 14.89 18.25 23.25
C9 A8W BA . 13.22 20.07 22.80
O1 A8W BA . 16.42 23.72 25.81
O2 A8W BA . 17.31 24.74 27.81
O3 A8W BA . 15.13 25.47 26.86
O4 A8W BA . 15.48 23.36 27.93
S A8W BA . 16.10 24.50 27.14
C21 A8W BA . 8.63 17.41 19.70
C1 PIO CA . 11.68 21.54 51.56
O1 PIO CA . 11.33 21.13 50.20
P1 PIO CA . 11.21 19.58 49.82
C2 PIO CA . 10.41 21.62 52.39
O2 PIO CA . 9.47 22.49 51.77
C3 PIO CA . 10.72 22.12 53.78
O3 PIO CA . 9.51 22.21 54.54
C4 PIO CA . 11.41 23.47 53.73
O4 PIO CA . 11.80 23.83 55.10
P4 PIO CA . 11.47 25.28 55.72
C5 PIO CA . 12.67 23.41 52.89
O5 PIO CA . 13.21 24.77 52.79
P5 PIO CA . 14.76 25.06 52.43
C6 PIO CA . 12.35 22.90 51.49
O6 PIO CA . 13.54 22.82 50.71
O11 PIO CA . 12.38 18.86 50.40
O12 PIO CA . 10.94 19.45 48.35
O13 PIO CA . 9.89 19.11 50.61
C1A PIO CA . 8.24 15.32 52.98
O1A PIO CA . 8.60 15.72 54.06
C1B PIO CA . 5.29 17.34 50.61
O1B PIO CA . 4.69 18.24 51.15
C1C PIO CA . 9.53 17.71 50.58
C2A PIO CA . 7.30 14.17 52.76
C2B PIO CA . 4.66 16.20 49.87
C2C PIO CA . 8.70 17.34 51.78
O2C PIO CA . 8.65 15.89 51.83
C3A PIO CA . 7.90 13.03 52.00
C3B PIO CA . 3.83 16.62 48.70
C3C PIO CA . 7.29 17.88 51.71
O3C PIO CA . 6.61 17.24 50.62
O41 PIO CA . 10.05 25.60 55.29
O42 PIO CA . 11.60 25.13 57.23
O43 PIO CA . 12.48 26.26 55.16
C4A PIO CA . 7.88 13.23 50.50
C4B PIO CA . 3.26 15.44 47.93
O51 PIO CA . 15.57 24.03 53.18
O52 PIO CA . 15.03 26.46 52.91
O53 PIO CA . 14.90 24.93 50.92
C5A PIO CA . 6.51 13.24 49.89
C5B PIO CA . 2.26 15.82 46.86
C6A PIO CA . 5.76 11.94 50.04
C6B PIO CA . 1.78 14.67 46.02
C7A PIO CA . 4.36 11.99 49.48
C7B PIO CA . 0.83 15.08 44.92
C8A PIO CA . 3.60 10.70 49.63
C8B PIO CA . 0.36 13.94 44.06
C1 HEX DA . 4.88 12.03 45.77
C2 HEX DA . 5.32 12.27 44.32
C3 HEX DA . 4.15 12.17 43.35
C4 HEX DA . 3.57 10.76 43.35
C5 HEX DA . 2.58 10.62 42.19
C6 HEX DA . 1.98 9.21 42.19
C1 HEX EA . 26.97 5.63 37.40
C2 HEX EA . 27.31 6.01 35.97
C3 HEX EA . 28.80 6.32 35.86
C4 HEX EA . 29.14 6.78 34.44
C5 HEX EA . 30.65 6.72 34.20
C6 HEX EA . 31.40 7.65 35.16
CAD PGW FA . -11.64 34.73 49.05
OAE PGW FA . -12.05 33.40 48.87
OAF PGW FA . -12.55 36.92 49.34
P PGW FA . -15.36 32.86 50.19
C01 PGW FA . -19.62 30.98 48.93
C1 PGW FA . -16.81 28.96 48.52
O01 PGW FA . -17.87 29.40 49.34
C02 PGW FA . -18.18 30.78 49.44
C2 PGW FA . -17.01 28.76 47.01
O02 PGW FA . -15.75 28.73 49.00
C03 PGW FA . -17.24 31.73 48.67
C3 PGW FA . -16.74 27.30 46.64
O03 PGW FA . -19.62 30.96 47.50
C04 PGW FA . -14.06 35.09 49.61
C4 PGW FA . -17.47 26.92 45.35
O04 PGW FA . -21.87 31.16 47.32
C05 PGW FA . -12.85 35.65 48.86
C5 PGW FA . -16.54 26.06 44.48
C06 PGW FA . -17.98 22.45 38.79
C6 PGW FA . -17.32 25.41 43.33
C07 PGW FA . -19.12 21.66 39.44
C7 PGW FA . -16.39 24.50 42.50
C08 PGW FA . -20.33 21.57 38.51
C8 PGW FA . -17.16 23.88 41.33
C09 PGW FA . -20.59 20.11 38.14
C9 PGW FA . -16.29 22.82 40.63
C10 PGW FA . -16.65 22.20 39.51
C11 PGW FA . -21.75 20.03 37.13
O11 PGW FA . -15.95 31.66 49.22
C12 PGW FA . -22.25 18.58 37.03
O12 PGW FA . -14.18 33.70 49.38
C13 PGW FA . -22.97 18.37 35.70
O13 PGW FA . -16.45 33.83 50.60
C14 PGW FA . -23.59 16.97 35.68
O14 PGW FA . -14.77 32.24 51.42
C15 PGW FA . -23.00 21.18 43.32
C16 PGW FA . -23.03 19.98 42.36
C17 PGW FA . -24.48 19.72 41.93
C18 PGW FA . -24.57 18.65 40.84
C19 PGW FA . -20.86 30.68 46.90
C20 PGW FA . -20.89 29.78 45.65
C21 PGW FA . -21.69 28.48 45.85
C22 PGW FA . -21.36 27.59 44.65
C23 PGW FA . -22.42 26.48 44.49
C24 PGW FA . -22.18 25.69 43.18
C25 PGW FA . -21.13 24.58 43.42
C26 PGW FA . -21.82 23.29 43.93
C27 PGW FA . -22.20 22.38 42.75
C28 PGW FA . -26.05 18.34 40.57
C29 PGW FA . -27.63 17.50 38.83
C30 PGW FA . -26.32 18.26 39.07
CL CL GA . -23.46 15.44 13.80
#